data_9DEE
# 
_entry.id   9DEE 
# 
_audit_conform.dict_name       mmcif_pdbx.dic 
_audit_conform.dict_version    5.403 
_audit_conform.dict_location   http://mmcif.pdb.org/dictionaries/ascii/mmcif_pdbx.dic 
# 
loop_
_database_2.database_id 
_database_2.database_code 
_database_2.pdbx_database_accession 
_database_2.pdbx_DOI 
PDB   9DEE         pdb_00009dee 10.2210/pdb9dee/pdb 
WWPDB D_1000287901 ?            ?                   
# 
loop_
_pdbx_audit_revision_history.ordinal 
_pdbx_audit_revision_history.data_content_type 
_pdbx_audit_revision_history.major_revision 
_pdbx_audit_revision_history.minor_revision 
_pdbx_audit_revision_history.revision_date 
_pdbx_audit_revision_history.part_number 
1 'Structure model' 1 0 2025-02-19 ? 
2 'Structure model' 1 1 2025-02-26 ? 
3 'Structure model' 1 2 2025-04-30 ? 
# 
_pdbx_audit_revision_details.ordinal             1 
_pdbx_audit_revision_details.revision_ordinal    1 
_pdbx_audit_revision_details.data_content_type   'Structure model' 
_pdbx_audit_revision_details.provider            repository 
_pdbx_audit_revision_details.type                'Initial release' 
_pdbx_audit_revision_details.description         ? 
_pdbx_audit_revision_details.details             ? 
# 
loop_
_pdbx_audit_revision_group.ordinal 
_pdbx_audit_revision_group.revision_ordinal 
_pdbx_audit_revision_group.data_content_type 
_pdbx_audit_revision_group.group 
1 2 'Structure model' 'Database references' 
2 3 'Structure model' 'Database references' 
# 
loop_
_pdbx_audit_revision_category.ordinal 
_pdbx_audit_revision_category.revision_ordinal 
_pdbx_audit_revision_category.data_content_type 
_pdbx_audit_revision_category.category 
1 2 'Structure model' citation        
2 2 'Structure model' citation_author 
3 3 'Structure model' citation        
4 3 'Structure model' citation_author 
# 
loop_
_pdbx_audit_revision_item.ordinal 
_pdbx_audit_revision_item.revision_ordinal 
_pdbx_audit_revision_item.data_content_type 
_pdbx_audit_revision_item.item 
1  2 'Structure model' '_citation.country'                 
2  2 'Structure model' '_citation.journal_abbrev'          
3  2 'Structure model' '_citation.journal_id_ASTM'         
4  2 'Structure model' '_citation.journal_id_CSD'          
5  2 'Structure model' '_citation.journal_id_ISSN'         
6  2 'Structure model' '_citation.page_first'              
7  2 'Structure model' '_citation.page_last'               
8  2 'Structure model' '_citation.pdbx_database_id_DOI'    
9  2 'Structure model' '_citation.pdbx_database_id_PubMed' 
10 2 'Structure model' '_citation.title'                   
11 2 'Structure model' '_citation.year'                    
12 3 'Structure model' '_citation.journal_volume'          
13 3 'Structure model' '_citation_author.name'             
# 
_pdbx_database_status.status_code                     REL 
_pdbx_database_status.status_code_sf                  REL 
_pdbx_database_status.status_code_mr                  ? 
_pdbx_database_status.entry_id                        9DEE 
_pdbx_database_status.recvd_initial_deposition_date   2024-08-28 
_pdbx_database_status.SG_entry                        N 
_pdbx_database_status.deposit_site                    RCSB 
_pdbx_database_status.process_site                    RCSB 
_pdbx_database_status.status_code_cs                  ? 
_pdbx_database_status.status_code_nmr_data            ? 
_pdbx_database_status.methods_development_category    ? 
_pdbx_database_status.pdb_format_compatible           Y 
# 
_pdbx_contact_author.id                 3 
_pdbx_contact_author.email              dabaker@uw.edu 
_pdbx_contact_author.name_first         David 
_pdbx_contact_author.name_last          Baker 
_pdbx_contact_author.name_mi            ? 
_pdbx_contact_author.role               'principal investigator/group leader' 
_pdbx_contact_author.identifier_ORCID   0000-0001-7896-6217 
# 
loop_
_audit_author.name 
_audit_author.pdbx_ordinal 
_audit_author.identifier_ORCID 
'Pellock, S.J.' 1 ? 
'Lauko, A.'     2 ? 
'Bera, A.K.'    3 ? 
# 
_citation.abstract                  ? 
_citation.abstract_id_CAS           ? 
_citation.book_id_ISBN              ? 
_citation.book_publisher            ? 
_citation.book_publisher_city       ? 
_citation.book_title                ? 
_citation.coordinate_linkage        ? 
_citation.country                   US 
_citation.database_id_Medline       ? 
_citation.details                   ? 
_citation.id                        primary 
_citation.journal_abbrev            Science 
_citation.journal_id_ASTM           SCIEAS 
_citation.journal_id_CSD            0038 
_citation.journal_id_ISSN           1095-9203 
_citation.journal_full              ? 
_citation.journal_issue             ? 
_citation.journal_volume            388 
_citation.language                  ? 
_citation.page_first                eadu2454 
_citation.page_last                 eadu2454 
_citation.title                     'Computational design of serine hydrolases.' 
_citation.year                      2025 
_citation.database_id_CSD           ? 
_citation.pdbx_database_id_DOI      10.1126/science.adu2454 
_citation.pdbx_database_id_PubMed   39946508 
_citation.pdbx_database_id_patent   ? 
_citation.unpublished_flag          ? 
# 
loop_
_citation_author.citation_id 
_citation_author.name 
_citation_author.ordinal 
_citation_author.identifier_ORCID 
primary 'Lauko, A.'         1  0000-0001-5903-3518 
primary 'Pellock, S.J.'     2  0000-0002-7557-7985 
primary 'Sumida, K.H.'      3  0000-0003-2773-9676 
primary 'Anishchenko, I.'   4  0000-0003-3645-2044 
primary 'Juergens, D.'      5  0000-0001-6425-8391 
primary 'Ahern, W.'         6  0009-0006-1247-8847 
primary 'Jeung, J.'         7  0009-0004-8604-908X 
primary 'Shida, A.F.'       8  0000-0003-4140-6085 
primary 'Hunt, A.'          9  0000-0001-9620-593X 
primary 'Kalvet, I.'        10 0000-0002-6610-2857 
primary 'Norn, C.'          11 0000-0002-1450-4651 
primary 'Humphreys, I.R.'   12 ?                   
primary 'Jamieson, C.'      13 ?                   
primary 'Krishna, R.'       14 0009-0003-6387-9622 
primary 'Kipnis, Y.'        15 0000-0002-3057-4916 
primary 'Kang, A.'          16 0000-0001-5487-0499 
primary 'Brackenbrough, E.' 17 0009-0004-1476-0219 
primary 'Bera, A.K.'        18 0000-0001-9473-2912 
primary 'Sankaran, B.'      19 0000-0002-3266-8131 
primary 'Houk, K.N.'        20 0000-0002-8387-5261 
primary 'Baker, D.'         21 0000-0001-7896-6217 
# 
loop_
_entity.id 
_entity.type 
_entity.src_method 
_entity.pdbx_description 
_entity.formula_weight 
_entity.pdbx_number_of_molecules 
_entity.pdbx_ec 
_entity.pdbx_mutation 
_entity.pdbx_fragment 
_entity.details 
1 polymer man 'serine hydrolase' 18191.760 1   3.2.1.23,3.2.1.31 ? ? ? 
2 water   nat water              18.015    156 ?                 ? ? ? 
# 
_entity_poly.entity_id                      1 
_entity_poly.type                           'polypeptide(L)' 
_entity_poly.nstd_linkage                   no 
_entity_poly.nstd_monomer                   no 
_entity_poly.pdbx_seq_one_letter_code       
;MSGSENEKLVEKVLEATRRIAREEAVKYKDAFLRAYRARDGAGLRRVITGLFSKVDSRLYKEVLTDVPTIVALQRRAGVD
ITPEQAQEILDNYDNEKHTAAVMDETFALLARAAATQASYEELLAAAPSGSVILALEVLRVLLEINNLSWREVLPLLALA
AASGSG
;
_entity_poly.pdbx_seq_one_letter_code_can   
;MSGSENEKLVEKVLEATRRIAREEAVKYKDAFLRAYRARDGAGLRRVITGLFSKVDSRLYKEVLTDVPTIVALQRRAGVD
ITPEQAQEILDNYDNEKHTAAVMDETFALLARAAATQASYEELLAAAPSGSVILALEVLRVLLEINNLSWREVLPLLALA
AASGSG
;
_entity_poly.pdbx_strand_id                 A 
_entity_poly.pdbx_target_identifier         ? 
# 
_pdbx_entity_nonpoly.entity_id   2 
_pdbx_entity_nonpoly.name        water 
_pdbx_entity_nonpoly.comp_id     HOH 
# 
loop_
_entity_poly_seq.entity_id 
_entity_poly_seq.num 
_entity_poly_seq.mon_id 
_entity_poly_seq.hetero 
1 1   MET n 
1 2   SER n 
1 3   GLY n 
1 4   SER n 
1 5   GLU n 
1 6   ASN n 
1 7   GLU n 
1 8   LYS n 
1 9   LEU n 
1 10  VAL n 
1 11  GLU n 
1 12  LYS n 
1 13  VAL n 
1 14  LEU n 
1 15  GLU n 
1 16  ALA n 
1 17  THR n 
1 18  ARG n 
1 19  ARG n 
1 20  ILE n 
1 21  ALA n 
1 22  ARG n 
1 23  GLU n 
1 24  GLU n 
1 25  ALA n 
1 26  VAL n 
1 27  LYS n 
1 28  TYR n 
1 29  LYS n 
1 30  ASP n 
1 31  ALA n 
1 32  PHE n 
1 33  LEU n 
1 34  ARG n 
1 35  ALA n 
1 36  TYR n 
1 37  ARG n 
1 38  ALA n 
1 39  ARG n 
1 40  ASP n 
1 41  GLY n 
1 42  ALA n 
1 43  GLY n 
1 44  LEU n 
1 45  ARG n 
1 46  ARG n 
1 47  VAL n 
1 48  ILE n 
1 49  THR n 
1 50  GLY n 
1 51  LEU n 
1 52  PHE n 
1 53  SER n 
1 54  LYS n 
1 55  VAL n 
1 56  ASP n 
1 57  SER n 
1 58  ARG n 
1 59  LEU n 
1 60  TYR n 
1 61  LYS n 
1 62  GLU n 
1 63  VAL n 
1 64  LEU n 
1 65  THR n 
1 66  ASP n 
1 67  VAL n 
1 68  PRO n 
1 69  THR n 
1 70  ILE n 
1 71  VAL n 
1 72  ALA n 
1 73  LEU n 
1 74  GLN n 
1 75  ARG n 
1 76  ARG n 
1 77  ALA n 
1 78  GLY n 
1 79  VAL n 
1 80  ASP n 
1 81  ILE n 
1 82  THR n 
1 83  PRO n 
1 84  GLU n 
1 85  GLN n 
1 86  ALA n 
1 87  GLN n 
1 88  GLU n 
1 89  ILE n 
1 90  LEU n 
1 91  ASP n 
1 92  ASN n 
1 93  TYR n 
1 94  ASP n 
1 95  ASN n 
1 96  GLU n 
1 97  LYS n 
1 98  HIS n 
1 99  THR n 
1 100 ALA n 
1 101 ALA n 
1 102 VAL n 
1 103 MET n 
1 104 ASP n 
1 105 GLU n 
1 106 THR n 
1 107 PHE n 
1 108 ALA n 
1 109 LEU n 
1 110 LEU n 
1 111 ALA n 
1 112 ARG n 
1 113 ALA n 
1 114 ALA n 
1 115 ALA n 
1 116 THR n 
1 117 GLN n 
1 118 ALA n 
1 119 SER n 
1 120 TYR n 
1 121 GLU n 
1 122 GLU n 
1 123 LEU n 
1 124 LEU n 
1 125 ALA n 
1 126 ALA n 
1 127 ALA n 
1 128 PRO n 
1 129 SER n 
1 130 GLY n 
1 131 SER n 
1 132 VAL n 
1 133 ILE n 
1 134 LEU n 
1 135 ALA n 
1 136 LEU n 
1 137 GLU n 
1 138 VAL n 
1 139 LEU n 
1 140 ARG n 
1 141 VAL n 
1 142 LEU n 
1 143 LEU n 
1 144 GLU n 
1 145 ILE n 
1 146 ASN n 
1 147 ASN n 
1 148 LEU n 
1 149 SER n 
1 150 TRP n 
1 151 ARG n 
1 152 GLU n 
1 153 VAL n 
1 154 LEU n 
1 155 PRO n 
1 156 LEU n 
1 157 LEU n 
1 158 ALA n 
1 159 LEU n 
1 160 ALA n 
1 161 ALA n 
1 162 ALA n 
1 163 SER n 
1 164 GLY n 
1 165 SER n 
1 166 GLY n 
# 
_entity_src_gen.entity_id                          1 
_entity_src_gen.pdbx_src_id                        1 
_entity_src_gen.pdbx_alt_source_flag               sample 
_entity_src_gen.pdbx_seq_type                      'Biological sequence' 
_entity_src_gen.pdbx_beg_seq_num                   1 
_entity_src_gen.pdbx_end_seq_num                   166 
_entity_src_gen.gene_src_common_name               ? 
_entity_src_gen.gene_src_genus                     ? 
_entity_src_gen.pdbx_gene_src_gene                 'uidA_3, ERS417307_01034' 
_entity_src_gen.gene_src_species                   ? 
_entity_src_gen.gene_src_strain                    ? 
_entity_src_gen.gene_src_tissue                    ? 
_entity_src_gen.gene_src_tissue_fraction           ? 
_entity_src_gen.gene_src_details                   ? 
_entity_src_gen.pdbx_gene_src_fragment             ? 
_entity_src_gen.pdbx_gene_src_scientific_name      'synthetic construct' 
_entity_src_gen.pdbx_gene_src_ncbi_taxonomy_id     32630 
_entity_src_gen.pdbx_gene_src_variant              ? 
_entity_src_gen.pdbx_gene_src_cell_line            ? 
_entity_src_gen.pdbx_gene_src_atcc                 ? 
_entity_src_gen.pdbx_gene_src_organ                ? 
_entity_src_gen.pdbx_gene_src_organelle            ? 
_entity_src_gen.pdbx_gene_src_cell                 ? 
_entity_src_gen.pdbx_gene_src_cellular_location    ? 
_entity_src_gen.host_org_common_name               ? 
_entity_src_gen.pdbx_host_org_scientific_name      'Escherichia coli' 
_entity_src_gen.pdbx_host_org_ncbi_taxonomy_id     562 
_entity_src_gen.host_org_genus                     ? 
_entity_src_gen.pdbx_host_org_gene                 ? 
_entity_src_gen.pdbx_host_org_organ                ? 
_entity_src_gen.host_org_species                   ? 
_entity_src_gen.pdbx_host_org_tissue               ? 
_entity_src_gen.pdbx_host_org_tissue_fraction      ? 
_entity_src_gen.pdbx_host_org_strain               ? 
_entity_src_gen.pdbx_host_org_variant              ? 
_entity_src_gen.pdbx_host_org_cell_line            ? 
_entity_src_gen.pdbx_host_org_atcc                 ? 
_entity_src_gen.pdbx_host_org_culture_collection   ? 
_entity_src_gen.pdbx_host_org_cell                 ? 
_entity_src_gen.pdbx_host_org_organelle            ? 
_entity_src_gen.pdbx_host_org_cellular_location    ? 
_entity_src_gen.pdbx_host_org_vector_type          ? 
_entity_src_gen.pdbx_host_org_vector               ? 
_entity_src_gen.host_org_details                   ? 
_entity_src_gen.expression_system_id               ? 
_entity_src_gen.plasmid_name                       ? 
_entity_src_gen.plasmid_details                    ? 
_entity_src_gen.pdbx_description                   ? 
# 
loop_
_chem_comp.id 
_chem_comp.type 
_chem_comp.mon_nstd_flag 
_chem_comp.name 
_chem_comp.pdbx_synonyms 
_chem_comp.formula 
_chem_comp.formula_weight 
ALA 'L-peptide linking' y ALANINE         ? 'C3 H7 N O2'     89.093  
ARG 'L-peptide linking' y ARGININE        ? 'C6 H15 N4 O2 1' 175.209 
ASN 'L-peptide linking' y ASPARAGINE      ? 'C4 H8 N2 O3'    132.118 
ASP 'L-peptide linking' y 'ASPARTIC ACID' ? 'C4 H7 N O4'     133.103 
GLN 'L-peptide linking' y GLUTAMINE       ? 'C5 H10 N2 O3'   146.144 
GLU 'L-peptide linking' y 'GLUTAMIC ACID' ? 'C5 H9 N O4'     147.129 
GLY 'peptide linking'   y GLYCINE         ? 'C2 H5 N O2'     75.067  
HIS 'L-peptide linking' y HISTIDINE       ? 'C6 H10 N3 O2 1' 156.162 
HOH non-polymer         . WATER           ? 'H2 O'           18.015  
ILE 'L-peptide linking' y ISOLEUCINE      ? 'C6 H13 N O2'    131.173 
LEU 'L-peptide linking' y LEUCINE         ? 'C6 H13 N O2'    131.173 
LYS 'L-peptide linking' y LYSINE          ? 'C6 H15 N2 O2 1' 147.195 
MET 'L-peptide linking' y METHIONINE      ? 'C5 H11 N O2 S'  149.211 
PHE 'L-peptide linking' y PHENYLALANINE   ? 'C9 H11 N O2'    165.189 
PRO 'L-peptide linking' y PROLINE         ? 'C5 H9 N O2'     115.130 
SER 'L-peptide linking' y SERINE          ? 'C3 H7 N O3'     105.093 
THR 'L-peptide linking' y THREONINE       ? 'C4 H9 N O3'     119.119 
TRP 'L-peptide linking' y TRYPTOPHAN      ? 'C11 H12 N2 O2'  204.225 
TYR 'L-peptide linking' y TYROSINE        ? 'C9 H11 N O3'    181.189 
VAL 'L-peptide linking' y VALINE          ? 'C5 H11 N O2'    117.146 
# 
loop_
_pdbx_poly_seq_scheme.asym_id 
_pdbx_poly_seq_scheme.entity_id 
_pdbx_poly_seq_scheme.seq_id 
_pdbx_poly_seq_scheme.mon_id 
_pdbx_poly_seq_scheme.ndb_seq_num 
_pdbx_poly_seq_scheme.pdb_seq_num 
_pdbx_poly_seq_scheme.auth_seq_num 
_pdbx_poly_seq_scheme.pdb_mon_id 
_pdbx_poly_seq_scheme.auth_mon_id 
_pdbx_poly_seq_scheme.pdb_strand_id 
_pdbx_poly_seq_scheme.pdb_ins_code 
_pdbx_poly_seq_scheme.hetero 
A 1 1   MET 1   -2  ?   ?   ?   A . n 
A 1 2   SER 2   -1  ?   ?   ?   A . n 
A 1 3   GLY 3   0   ?   ?   ?   A . n 
A 1 4   SER 4   1   ?   ?   ?   A . n 
A 1 5   GLU 5   2   ?   ?   ?   A . n 
A 1 6   ASN 6   3   3   ASN ASN A . n 
A 1 7   GLU 7   4   4   GLU GLU A . n 
A 1 8   LYS 8   5   5   LYS LYS A . n 
A 1 9   LEU 9   6   6   LEU LEU A . n 
A 1 10  VAL 10  7   7   VAL VAL A . n 
A 1 11  GLU 11  8   8   GLU GLU A . n 
A 1 12  LYS 12  9   9   LYS LYS A . n 
A 1 13  VAL 13  10  10  VAL VAL A . n 
A 1 14  LEU 14  11  11  LEU LEU A . n 
A 1 15  GLU 15  12  12  GLU GLU A . n 
A 1 16  ALA 16  13  13  ALA ALA A . n 
A 1 17  THR 17  14  14  THR THR A . n 
A 1 18  ARG 18  15  15  ARG ARG A . n 
A 1 19  ARG 19  16  16  ARG ARG A . n 
A 1 20  ILE 20  17  17  ILE ILE A . n 
A 1 21  ALA 21  18  18  ALA ALA A . n 
A 1 22  ARG 22  19  19  ARG ARG A . n 
A 1 23  GLU 23  20  20  GLU GLU A . n 
A 1 24  GLU 24  21  21  GLU GLU A . n 
A 1 25  ALA 25  22  22  ALA ALA A . n 
A 1 26  VAL 26  23  23  VAL VAL A . n 
A 1 27  LYS 27  24  24  LYS LYS A . n 
A 1 28  TYR 28  25  25  TYR TYR A . n 
A 1 29  LYS 29  26  26  LYS LYS A . n 
A 1 30  ASP 30  27  27  ASP ASP A . n 
A 1 31  ALA 31  28  28  ALA ALA A . n 
A 1 32  PHE 32  29  29  PHE PHE A . n 
A 1 33  LEU 33  30  30  LEU LEU A . n 
A 1 34  ARG 34  31  31  ARG ARG A . n 
A 1 35  ALA 35  32  32  ALA ALA A . n 
A 1 36  TYR 36  33  33  TYR TYR A . n 
A 1 37  ARG 37  34  34  ARG ARG A . n 
A 1 38  ALA 38  35  35  ALA ALA A . n 
A 1 39  ARG 39  36  36  ARG ARG A . n 
A 1 40  ASP 40  37  37  ASP ASP A . n 
A 1 41  GLY 41  38  38  GLY GLY A . n 
A 1 42  ALA 42  39  39  ALA ALA A . n 
A 1 43  GLY 43  40  40  GLY GLY A . n 
A 1 44  LEU 44  41  41  LEU LEU A . n 
A 1 45  ARG 45  42  42  ARG ARG A . n 
A 1 46  ARG 46  43  43  ARG ARG A . n 
A 1 47  VAL 47  44  44  VAL VAL A . n 
A 1 48  ILE 48  45  45  ILE ILE A . n 
A 1 49  THR 49  46  46  THR THR A . n 
A 1 50  GLY 50  47  47  GLY GLY A . n 
A 1 51  LEU 51  48  48  LEU LEU A . n 
A 1 52  PHE 52  49  49  PHE PHE A . n 
A 1 53  SER 53  50  50  SER SER A . n 
A 1 54  LYS 54  51  51  LYS LYS A . n 
A 1 55  VAL 55  52  52  VAL VAL A . n 
A 1 56  ASP 56  53  53  ASP ASP A . n 
A 1 57  SER 57  54  54  SER SER A . n 
A 1 58  ARG 58  55  55  ARG ARG A . n 
A 1 59  LEU 59  56  56  LEU LEU A . n 
A 1 60  TYR 60  57  57  TYR TYR A . n 
A 1 61  LYS 61  58  58  LYS LYS A . n 
A 1 62  GLU 62  59  59  GLU GLU A . n 
A 1 63  VAL 63  60  60  VAL VAL A . n 
A 1 64  LEU 64  61  61  LEU LEU A . n 
A 1 65  THR 65  62  62  THR THR A . n 
A 1 66  ASP 66  63  63  ASP ASP A . n 
A 1 67  VAL 67  64  64  VAL VAL A . n 
A 1 68  PRO 68  65  65  PRO PRO A . n 
A 1 69  THR 69  66  66  THR THR A . n 
A 1 70  ILE 70  67  67  ILE ILE A . n 
A 1 71  VAL 71  68  68  VAL VAL A . n 
A 1 72  ALA 72  69  69  ALA ALA A . n 
A 1 73  LEU 73  70  70  LEU LEU A . n 
A 1 74  GLN 74  71  71  GLN GLN A . n 
A 1 75  ARG 75  72  72  ARG ARG A . n 
A 1 76  ARG 76  73  73  ARG ARG A . n 
A 1 77  ALA 77  74  74  ALA ALA A . n 
A 1 78  GLY 78  75  75  GLY GLY A . n 
A 1 79  VAL 79  76  76  VAL VAL A . n 
A 1 80  ASP 80  77  77  ASP ASP A . n 
A 1 81  ILE 81  78  78  ILE ILE A . n 
A 1 82  THR 82  79  79  THR THR A . n 
A 1 83  PRO 83  80  80  PRO PRO A . n 
A 1 84  GLU 84  81  81  GLU GLU A . n 
A 1 85  GLN 85  82  82  GLN GLN A . n 
A 1 86  ALA 86  83  83  ALA ALA A . n 
A 1 87  GLN 87  84  84  GLN GLN A . n 
A 1 88  GLU 88  85  85  GLU GLU A . n 
A 1 89  ILE 89  86  86  ILE ILE A . n 
A 1 90  LEU 90  87  87  LEU LEU A . n 
A 1 91  ASP 91  88  88  ASP ASP A . n 
A 1 92  ASN 92  89  89  ASN ASN A . n 
A 1 93  TYR 93  90  90  TYR TYR A . n 
A 1 94  ASP 94  91  91  ASP ASP A . n 
A 1 95  ASN 95  92  92  ASN ASN A . n 
A 1 96  GLU 96  93  93  GLU GLU A . n 
A 1 97  LYS 97  94  94  LYS LYS A . n 
A 1 98  HIS 98  95  95  HIS HIS A . n 
A 1 99  THR 99  96  96  THR THR A . n 
A 1 100 ALA 100 97  97  ALA ALA A . n 
A 1 101 ALA 101 98  98  ALA ALA A . n 
A 1 102 VAL 102 99  99  VAL VAL A . n 
A 1 103 MET 103 100 100 MET MET A . n 
A 1 104 ASP 104 101 101 ASP ASP A . n 
A 1 105 GLU 105 102 102 GLU GLU A . n 
A 1 106 THR 106 103 103 THR THR A . n 
A 1 107 PHE 107 104 104 PHE PHE A . n 
A 1 108 ALA 108 105 105 ALA ALA A . n 
A 1 109 LEU 109 106 106 LEU LEU A . n 
A 1 110 LEU 110 107 107 LEU LEU A . n 
A 1 111 ALA 111 108 108 ALA ALA A . n 
A 1 112 ARG 112 109 109 ARG ARG A . n 
A 1 113 ALA 113 110 110 ALA ALA A . n 
A 1 114 ALA 114 111 111 ALA ALA A . n 
A 1 115 ALA 115 112 112 ALA ALA A . n 
A 1 116 THR 116 113 113 THR THR A . n 
A 1 117 GLN 117 114 114 GLN GLN A . n 
A 1 118 ALA 118 115 115 ALA ALA A . n 
A 1 119 SER 119 116 116 SER SER A . n 
A 1 120 TYR 120 117 117 TYR TYR A . n 
A 1 121 GLU 121 118 118 GLU GLU A . n 
A 1 122 GLU 122 119 119 GLU GLU A . n 
A 1 123 LEU 123 120 120 LEU LEU A . n 
A 1 124 LEU 124 121 121 LEU LEU A . n 
A 1 125 ALA 125 122 122 ALA ALA A . n 
A 1 126 ALA 126 123 123 ALA ALA A . n 
A 1 127 ALA 127 124 124 ALA ALA A . n 
A 1 128 PRO 128 125 125 PRO PRO A . n 
A 1 129 SER 129 126 126 SER SER A . n 
A 1 130 GLY 130 127 127 GLY GLY A . n 
A 1 131 SER 131 128 128 SER SER A . n 
A 1 132 VAL 132 129 129 VAL VAL A . n 
A 1 133 ILE 133 130 130 ILE ILE A . n 
A 1 134 LEU 134 131 131 LEU LEU A . n 
A 1 135 ALA 135 132 132 ALA ALA A . n 
A 1 136 LEU 136 133 133 LEU LEU A . n 
A 1 137 GLU 137 134 134 GLU GLU A . n 
A 1 138 VAL 138 135 135 VAL VAL A . n 
A 1 139 LEU 139 136 136 LEU LEU A . n 
A 1 140 ARG 140 137 137 ARG ARG A . n 
A 1 141 VAL 141 138 138 VAL VAL A . n 
A 1 142 LEU 142 139 139 LEU LEU A . n 
A 1 143 LEU 143 140 140 LEU LEU A . n 
A 1 144 GLU 144 141 141 GLU GLU A . n 
A 1 145 ILE 145 142 142 ILE ILE A . n 
A 1 146 ASN 146 143 143 ASN ASN A . n 
A 1 147 ASN 147 144 144 ASN ASN A . n 
A 1 148 LEU 148 145 145 LEU LEU A . n 
A 1 149 SER 149 146 146 SER SER A . n 
A 1 150 TRP 150 147 147 TRP TRP A . n 
A 1 151 ARG 151 148 148 ARG ARG A . n 
A 1 152 GLU 152 149 149 GLU GLU A . n 
A 1 153 VAL 153 150 150 VAL VAL A . n 
A 1 154 LEU 154 151 151 LEU LEU A . n 
A 1 155 PRO 155 152 152 PRO PRO A . n 
A 1 156 LEU 156 153 153 LEU LEU A . n 
A 1 157 LEU 157 154 154 LEU LEU A . n 
A 1 158 ALA 158 155 155 ALA ALA A . n 
A 1 159 LEU 159 156 156 LEU LEU A . n 
A 1 160 ALA 160 157 157 ALA ALA A . n 
A 1 161 ALA 161 158 158 ALA ALA A . n 
A 1 162 ALA 162 159 159 ALA ALA A . n 
A 1 163 SER 163 160 160 SER SER A . n 
A 1 164 GLY 164 161 161 GLY GLY A . n 
A 1 165 SER 165 162 ?   ?   ?   A . n 
A 1 166 GLY 166 163 ?   ?   ?   A . n 
# 
loop_
_pdbx_nonpoly_scheme.asym_id 
_pdbx_nonpoly_scheme.entity_id 
_pdbx_nonpoly_scheme.mon_id 
_pdbx_nonpoly_scheme.ndb_seq_num 
_pdbx_nonpoly_scheme.pdb_seq_num 
_pdbx_nonpoly_scheme.auth_seq_num 
_pdbx_nonpoly_scheme.pdb_mon_id 
_pdbx_nonpoly_scheme.auth_mon_id 
_pdbx_nonpoly_scheme.pdb_strand_id 
_pdbx_nonpoly_scheme.pdb_ins_code 
B 2 HOH 1   201 3   HOH HOH A . 
B 2 HOH 2   202 32  HOH HOH A . 
B 2 HOH 3   203 70  HOH HOH A . 
B 2 HOH 4   204 64  HOH HOH A . 
B 2 HOH 5   205 1   HOH HOH A . 
B 2 HOH 6   206 55  HOH HOH A . 
B 2 HOH 7   207 15  HOH HOH A . 
B 2 HOH 8   208 52  HOH HOH A . 
B 2 HOH 9   209 4   HOH HOH A . 
B 2 HOH 10  210 10  HOH HOH A . 
B 2 HOH 11  211 59  HOH HOH A . 
B 2 HOH 12  212 7   HOH HOH A . 
B 2 HOH 13  213 69  HOH HOH A . 
B 2 HOH 14  214 84  HOH HOH A . 
B 2 HOH 15  215 10  HOH HOH A . 
B 2 HOH 16  216 28  HOH HOH A . 
B 2 HOH 17  217 2   HOH HOH A . 
B 2 HOH 18  218 3   HOH HOH A . 
B 2 HOH 19  219 14  HOH HOH A . 
B 2 HOH 20  220 47  HOH HOH A . 
B 2 HOH 21  221 11  HOH HOH A . 
B 2 HOH 22  222 119 HOH HOH A . 
B 2 HOH 23  223 7   HOH HOH A . 
B 2 HOH 24  224 9   HOH HOH A . 
B 2 HOH 25  225 86  HOH HOH A . 
B 2 HOH 26  226 6   HOH HOH A . 
B 2 HOH 27  227 12  HOH HOH A . 
B 2 HOH 28  228 16  HOH HOH A . 
B 2 HOH 29  229 71  HOH HOH A . 
B 2 HOH 30  230 45  HOH HOH A . 
B 2 HOH 31  231 4   HOH HOH A . 
B 2 HOH 32  232 29  HOH HOH A . 
B 2 HOH 33  233 100 HOH HOH A . 
B 2 HOH 34  234 2   HOH HOH A . 
B 2 HOH 35  235 53  HOH HOH A . 
B 2 HOH 36  236 87  HOH HOH A . 
B 2 HOH 37  237 18  HOH HOH A . 
B 2 HOH 38  238 5   HOH HOH A . 
B 2 HOH 39  239 1   HOH HOH A . 
B 2 HOH 40  240 60  HOH HOH A . 
B 2 HOH 41  241 41  HOH HOH A . 
B 2 HOH 42  242 20  HOH HOH A . 
B 2 HOH 43  243 108 HOH HOH A . 
B 2 HOH 44  244 14  HOH HOH A . 
B 2 HOH 45  245 26  HOH HOH A . 
B 2 HOH 46  246 58  HOH HOH A . 
B 2 HOH 47  247 111 HOH HOH A . 
B 2 HOH 48  248 43  HOH HOH A . 
B 2 HOH 49  249 81  HOH HOH A . 
B 2 HOH 50  250 17  HOH HOH A . 
B 2 HOH 51  251 112 HOH HOH A . 
B 2 HOH 52  252 104 HOH HOH A . 
B 2 HOH 53  253 8   HOH HOH A . 
B 2 HOH 54  254 56  HOH HOH A . 
B 2 HOH 55  255 102 HOH HOH A . 
B 2 HOH 56  256 6   HOH HOH A . 
B 2 HOH 57  257 33  HOH HOH A . 
B 2 HOH 58  258 32  HOH HOH A . 
B 2 HOH 59  259 50  HOH HOH A . 
B 2 HOH 60  260 34  HOH HOH A . 
B 2 HOH 61  261 16  HOH HOH A . 
B 2 HOH 62  262 66  HOH HOH A . 
B 2 HOH 63  263 13  HOH HOH A . 
B 2 HOH 64  264 11  HOH HOH A . 
B 2 HOH 65  265 8   HOH HOH A . 
B 2 HOH 66  266 5   HOH HOH A . 
B 2 HOH 67  267 23  HOH HOH A . 
B 2 HOH 68  268 72  HOH HOH A . 
B 2 HOH 69  269 9   HOH HOH A . 
B 2 HOH 70  270 80  HOH HOH A . 
B 2 HOH 71  271 30  HOH HOH A . 
B 2 HOH 72  272 49  HOH HOH A . 
B 2 HOH 73  273 49  HOH HOH A . 
B 2 HOH 74  274 24  HOH HOH A . 
B 2 HOH 75  275 25  HOH HOH A . 
B 2 HOH 76  276 93  HOH HOH A . 
B 2 HOH 77  277 37  HOH HOH A . 
B 2 HOH 78  278 52  HOH HOH A . 
B 2 HOH 79  279 99  HOH HOH A . 
B 2 HOH 80  280 40  HOH HOH A . 
B 2 HOH 81  281 27  HOH HOH A . 
B 2 HOH 82  282 19  HOH HOH A . 
B 2 HOH 83  283 12  HOH HOH A . 
B 2 HOH 84  284 82  HOH HOH A . 
B 2 HOH 85  285 39  HOH HOH A . 
B 2 HOH 86  286 34  HOH HOH A . 
B 2 HOH 87  287 44  HOH HOH A . 
B 2 HOH 88  288 39  HOH HOH A . 
B 2 HOH 89  289 54  HOH HOH A . 
B 2 HOH 90  290 57  HOH HOH A . 
B 2 HOH 91  291 116 HOH HOH A . 
B 2 HOH 92  292 30  HOH HOH A . 
B 2 HOH 93  293 21  HOH HOH A . 
B 2 HOH 94  294 27  HOH HOH A . 
B 2 HOH 95  295 38  HOH HOH A . 
B 2 HOH 96  296 28  HOH HOH A . 
B 2 HOH 97  297 23  HOH HOH A . 
B 2 HOH 98  298 85  HOH HOH A . 
B 2 HOH 99  299 42  HOH HOH A . 
B 2 HOH 100 300 105 HOH HOH A . 
B 2 HOH 101 301 114 HOH HOH A . 
B 2 HOH 102 302 110 HOH HOH A . 
B 2 HOH 103 303 115 HOH HOH A . 
B 2 HOH 104 304 103 HOH HOH A . 
B 2 HOH 105 305 19  HOH HOH A . 
B 2 HOH 106 306 42  HOH HOH A . 
B 2 HOH 107 307 46  HOH HOH A . 
B 2 HOH 108 308 98  HOH HOH A . 
B 2 HOH 109 309 97  HOH HOH A . 
B 2 HOH 110 310 61  HOH HOH A . 
B 2 HOH 111 311 55  HOH HOH A . 
B 2 HOH 112 312 41  HOH HOH A . 
B 2 HOH 113 313 83  HOH HOH A . 
B 2 HOH 114 314 109 HOH HOH A . 
B 2 HOH 115 315 22  HOH HOH A . 
B 2 HOH 116 316 63  HOH HOH A . 
B 2 HOH 117 317 22  HOH HOH A . 
B 2 HOH 118 318 92  HOH HOH A . 
B 2 HOH 119 319 117 HOH HOH A . 
B 2 HOH 120 320 54  HOH HOH A . 
B 2 HOH 121 321 89  HOH HOH A . 
B 2 HOH 122 322 24  HOH HOH A . 
B 2 HOH 123 323 20  HOH HOH A . 
B 2 HOH 124 324 47  HOH HOH A . 
B 2 HOH 125 325 36  HOH HOH A . 
B 2 HOH 126 326 118 HOH HOH A . 
B 2 HOH 127 327 64  HOH HOH A . 
B 2 HOH 128 328 43  HOH HOH A . 
B 2 HOH 129 329 101 HOH HOH A . 
B 2 HOH 130 330 51  HOH HOH A . 
B 2 HOH 131 331 25  HOH HOH A . 
B 2 HOH 132 332 46  HOH HOH A . 
B 2 HOH 133 333 59  HOH HOH A . 
B 2 HOH 134 334 35  HOH HOH A . 
B 2 HOH 135 335 48  HOH HOH A . 
B 2 HOH 136 336 21  HOH HOH A . 
B 2 HOH 137 337 113 HOH HOH A . 
B 2 HOH 138 338 38  HOH HOH A . 
B 2 HOH 139 339 76  HOH HOH A . 
B 2 HOH 140 340 74  HOH HOH A . 
B 2 HOH 141 341 35  HOH HOH A . 
B 2 HOH 142 342 31  HOH HOH A . 
B 2 HOH 143 343 31  HOH HOH A . 
B 2 HOH 144 344 94  HOH HOH A . 
B 2 HOH 145 345 51  HOH HOH A . 
B 2 HOH 146 346 61  HOH HOH A . 
B 2 HOH 147 347 67  HOH HOH A . 
B 2 HOH 148 348 62  HOH HOH A . 
B 2 HOH 149 349 106 HOH HOH A . 
B 2 HOH 150 350 65  HOH HOH A . 
B 2 HOH 151 351 63  HOH HOH A . 
B 2 HOH 152 352 77  HOH HOH A . 
B 2 HOH 153 353 29  HOH HOH A . 
B 2 HOH 154 354 107 HOH HOH A . 
B 2 HOH 155 355 58  HOH HOH A . 
B 2 HOH 156 356 56  HOH HOH A . 
# 
loop_
_software.citation_id 
_software.classification 
_software.compiler_name 
_software.compiler_version 
_software.contact_author 
_software.contact_author_email 
_software.date 
_software.description 
_software.dependencies 
_software.hardware 
_software.language 
_software.location 
_software.mods 
_software.name 
_software.os 
_software.os_version 
_software.type 
_software.version 
_software.pdbx_ordinal 
? refinement       ? ? ? ? ? ? ? ? ? ? ? PHENIX  ? ? ? 1.21_5207 1 
? 'data reduction' ? ? ? ? ? ? ? ? ? ? ? XDS     ? ? ? .         2 
? 'data scaling'   ? ? ? ? ? ? ? ? ? ? ? Aimless ? ? ? .         3 
? phasing          ? ? ? ? ? ? ? ? ? ? ? PHENIX  ? ? ? .         4 
# 
_cell.angle_alpha                  90.000 
_cell.angle_alpha_esd              ? 
_cell.angle_beta                   90.000 
_cell.angle_beta_esd               ? 
_cell.angle_gamma                  120.000 
_cell.angle_gamma_esd              ? 
_cell.entry_id                     9DEE 
_cell.details                      ? 
_cell.formula_units_Z              ? 
_cell.length_a                     68.418 
_cell.length_a_esd                 ? 
_cell.length_b                     68.418 
_cell.length_b_esd                 ? 
_cell.length_c                     76.438 
_cell.length_c_esd                 ? 
_cell.volume                       309870.831 
_cell.volume_esd                   ? 
_cell.Z_PDB                        9 
_cell.reciprocal_angle_alpha       ? 
_cell.reciprocal_angle_beta        ? 
_cell.reciprocal_angle_gamma       ? 
_cell.reciprocal_angle_alpha_esd   ? 
_cell.reciprocal_angle_beta_esd    ? 
_cell.reciprocal_angle_gamma_esd   ? 
_cell.reciprocal_length_a          ? 
_cell.reciprocal_length_b          ? 
_cell.reciprocal_length_c          ? 
_cell.reciprocal_length_a_esd      ? 
_cell.reciprocal_length_b_esd      ? 
_cell.reciprocal_length_c_esd      ? 
_cell.pdbx_unique_axis             ? 
_cell.pdbx_esd_method              ? 
# 
_symmetry.entry_id                         9DEE 
_symmetry.cell_setting                     ? 
_symmetry.Int_Tables_number                146 
_symmetry.space_group_name_Hall            'R 3' 
_symmetry.space_group_name_H-M             'H 3' 
_symmetry.pdbx_full_space_group_name_H-M   ? 
# 
_exptl.absorpt_coefficient_mu     ? 
_exptl.absorpt_correction_T_max   ? 
_exptl.absorpt_correction_T_min   ? 
_exptl.absorpt_correction_type    ? 
_exptl.absorpt_process_details    ? 
_exptl.entry_id                   9DEE 
_exptl.crystals_number            1 
_exptl.details                    ? 
_exptl.method                     'X-RAY DIFFRACTION' 
_exptl.method_details             ? 
# 
_exptl_crystal.colour                       ? 
_exptl_crystal.density_diffrn               ? 
_exptl_crystal.density_Matthews             1.89 
_exptl_crystal.density_method               ? 
_exptl_crystal.density_percent_sol          35.01 
_exptl_crystal.description                  ? 
_exptl_crystal.F_000                        ? 
_exptl_crystal.id                           1 
_exptl_crystal.preparation                  ? 
_exptl_crystal.size_max                     ? 
_exptl_crystal.size_mid                     ? 
_exptl_crystal.size_min                     ? 
_exptl_crystal.size_rad                     ? 
_exptl_crystal.colour_lustre                ? 
_exptl_crystal.colour_modifier              ? 
_exptl_crystal.colour_primary               ? 
_exptl_crystal.density_meas                 ? 
_exptl_crystal.density_meas_esd             ? 
_exptl_crystal.density_meas_gt              ? 
_exptl_crystal.density_meas_lt              ? 
_exptl_crystal.density_meas_temp            ? 
_exptl_crystal.density_meas_temp_esd        ? 
_exptl_crystal.density_meas_temp_gt         ? 
_exptl_crystal.density_meas_temp_lt         ? 
_exptl_crystal.pdbx_crystal_image_url       ? 
_exptl_crystal.pdbx_crystal_image_format    ? 
_exptl_crystal.pdbx_mosaicity               ? 
_exptl_crystal.pdbx_mosaicity_esd           ? 
_exptl_crystal.pdbx_mosaic_method           ? 
_exptl_crystal.pdbx_mosaic_block_size       ? 
_exptl_crystal.pdbx_mosaic_block_size_esd   ? 
# 
_exptl_crystal_grow.apparatus       ? 
_exptl_crystal_grow.atmosphere      ? 
_exptl_crystal_grow.crystal_id      1 
_exptl_crystal_grow.details         ? 
_exptl_crystal_grow.method          'VAPOR DIFFUSION, SITTING DROP' 
_exptl_crystal_grow.method_ref      ? 
_exptl_crystal_grow.pH              7.4 
_exptl_crystal_grow.pressure        ? 
_exptl_crystal_grow.pressure_esd    ? 
_exptl_crystal_grow.seeding         ? 
_exptl_crystal_grow.seeding_ref     ? 
_exptl_crystal_grow.temp_details    ? 
_exptl_crystal_grow.temp_esd        ? 
_exptl_crystal_grow.time            ? 
_exptl_crystal_grow.pdbx_details    '0.2 M Potassium fluoride, 20% (w/v) PEG 3350' 
_exptl_crystal_grow.pdbx_pH_range   ? 
_exptl_crystal_grow.temp            293 
# 
_diffrn.ambient_environment              ? 
_diffrn.ambient_temp                     100 
_diffrn.ambient_temp_details             ? 
_diffrn.ambient_temp_esd                 ? 
_diffrn.crystal_id                       1 
_diffrn.crystal_support                  ? 
_diffrn.crystal_treatment                ? 
_diffrn.details                          ? 
_diffrn.id                               1 
_diffrn.ambient_pressure                 ? 
_diffrn.ambient_pressure_esd             ? 
_diffrn.ambient_pressure_gt              ? 
_diffrn.ambient_pressure_lt              ? 
_diffrn.ambient_temp_gt                  ? 
_diffrn.ambient_temp_lt                  ? 
_diffrn.pdbx_serial_crystal_experiment   N 
# 
_diffrn_detector.details                      ? 
_diffrn_detector.detector                     PIXEL 
_diffrn_detector.diffrn_id                    1 
_diffrn_detector.type                         'DECTRIS EIGER X 9M' 
_diffrn_detector.area_resol_mean              ? 
_diffrn_detector.dtime                        ? 
_diffrn_detector.pdbx_frames_total            ? 
_diffrn_detector.pdbx_collection_time_total   ? 
_diffrn_detector.pdbx_collection_date         2024-03-28 
_diffrn_detector.pdbx_frequency               ? 
_diffrn_detector.id                           ? 
_diffrn_detector.number_of_axes               ? 
# 
_diffrn_radiation.collimation                      ? 
_diffrn_radiation.diffrn_id                        1 
_diffrn_radiation.filter_edge                      ? 
_diffrn_radiation.inhomogeneity                    ? 
_diffrn_radiation.monochromator                    ? 
_diffrn_radiation.polarisn_norm                    ? 
_diffrn_radiation.polarisn_ratio                   ? 
_diffrn_radiation.probe                            ? 
_diffrn_radiation.type                             ? 
_diffrn_radiation.xray_symbol                      ? 
_diffrn_radiation.wavelength_id                    1 
_diffrn_radiation.pdbx_monochromatic_or_laue_m_l   M 
_diffrn_radiation.pdbx_wavelength_list             ? 
_diffrn_radiation.pdbx_wavelength                  ? 
_diffrn_radiation.pdbx_diffrn_protocol             'SINGLE WAVELENGTH' 
_diffrn_radiation.pdbx_analyzer                    ? 
_diffrn_radiation.pdbx_scattering_type             x-ray 
# 
_diffrn_radiation_wavelength.id           1 
_diffrn_radiation_wavelength.wavelength   0.92010 
_diffrn_radiation_wavelength.wt           1.0 
# 
_diffrn_source.current                     ? 
_diffrn_source.details                     ? 
_diffrn_source.diffrn_id                   1 
_diffrn_source.power                       ? 
_diffrn_source.size                        ? 
_diffrn_source.source                      SYNCHROTRON 
_diffrn_source.target                      ? 
_diffrn_source.type                        'NSLS-II BEAMLINE 17-ID-1' 
_diffrn_source.voltage                     ? 
_diffrn_source.take-off_angle              ? 
_diffrn_source.pdbx_wavelength_list        0.92010 
_diffrn_source.pdbx_wavelength             ? 
_diffrn_source.pdbx_synchrotron_beamline   17-ID-1 
_diffrn_source.pdbx_synchrotron_site       NSLS-II 
# 
_reflns.B_iso_Wilson_estimate                          ? 
_reflns.entry_id                                       9DEE 
_reflns.data_reduction_details                         ? 
_reflns.data_reduction_method                          ? 
_reflns.d_resolution_high                              1.21 
_reflns.d_resolution_low                               32.12 
_reflns.details                                        ? 
_reflns.limit_h_max                                    ? 
_reflns.limit_h_min                                    ? 
_reflns.limit_k_max                                    ? 
_reflns.limit_k_min                                    ? 
_reflns.limit_l_max                                    ? 
_reflns.limit_l_min                                    ? 
_reflns.number_all                                     ? 
_reflns.number_obs                                     40645 
_reflns.observed_criterion                             ? 
_reflns.observed_criterion_F_max                       ? 
_reflns.observed_criterion_F_min                       ? 
_reflns.observed_criterion_I_max                       ? 
_reflns.observed_criterion_I_min                       ? 
_reflns.observed_criterion_sigma_F                     ? 
_reflns.observed_criterion_sigma_I                     ? 
_reflns.percent_possible_obs                           99.86 
_reflns.R_free_details                                 ? 
_reflns.Rmerge_F_all                                   ? 
_reflns.Rmerge_F_obs                                   ? 
_reflns.Friedel_coverage                               ? 
_reflns.number_gt                                      ? 
_reflns.threshold_expression                           ? 
_reflns.pdbx_redundancy                                6.4 
_reflns.pdbx_netI_over_av_sigmaI                       ? 
_reflns.pdbx_netI_over_sigmaI                          12.6 
_reflns.pdbx_res_netI_over_av_sigmaI_2                 ? 
_reflns.pdbx_res_netI_over_sigmaI_2                    ? 
_reflns.pdbx_chi_squared                               ? 
_reflns.pdbx_scaling_rejects                           ? 
_reflns.pdbx_d_res_high_opt                            ? 
_reflns.pdbx_d_res_low_opt                             ? 
_reflns.pdbx_d_res_opt_method                          ? 
_reflns.phase_calculation_details                      ? 
_reflns.pdbx_Rrim_I_all                                ? 
_reflns.pdbx_Rpim_I_all                                0.022 
_reflns.pdbx_d_opt                                     ? 
_reflns.pdbx_number_measured_all                       ? 
_reflns.pdbx_diffrn_id                                 1 
_reflns.pdbx_ordinal                                   1 
_reflns.pdbx_CC_half                                   0.999 
_reflns.pdbx_CC_star                                   ? 
_reflns.pdbx_R_split                                   ? 
_reflns.pdbx_Rmerge_I_obs                              0.048 
_reflns.pdbx_Rmerge_I_all                              ? 
_reflns.pdbx_Rsym_value                                ? 
_reflns.pdbx_CC_split_method                           ? 
_reflns.pdbx_aniso_diffraction_limit_axis_1_ortho[1]   ? 
_reflns.pdbx_aniso_diffraction_limit_axis_1_ortho[2]   ? 
_reflns.pdbx_aniso_diffraction_limit_axis_1_ortho[3]   ? 
_reflns.pdbx_aniso_diffraction_limit_axis_2_ortho[1]   ? 
_reflns.pdbx_aniso_diffraction_limit_axis_2_ortho[2]   ? 
_reflns.pdbx_aniso_diffraction_limit_axis_2_ortho[3]   ? 
_reflns.pdbx_aniso_diffraction_limit_axis_3_ortho[1]   ? 
_reflns.pdbx_aniso_diffraction_limit_axis_3_ortho[2]   ? 
_reflns.pdbx_aniso_diffraction_limit_axis_3_ortho[3]   ? 
_reflns.pdbx_aniso_diffraction_limit_1                 ? 
_reflns.pdbx_aniso_diffraction_limit_2                 ? 
_reflns.pdbx_aniso_diffraction_limit_3                 ? 
_reflns.pdbx_aniso_B_tensor_eigenvector_1_ortho[1]     ? 
_reflns.pdbx_aniso_B_tensor_eigenvector_1_ortho[2]     ? 
_reflns.pdbx_aniso_B_tensor_eigenvector_1_ortho[3]     ? 
_reflns.pdbx_aniso_B_tensor_eigenvector_2_ortho[1]     ? 
_reflns.pdbx_aniso_B_tensor_eigenvector_2_ortho[2]     ? 
_reflns.pdbx_aniso_B_tensor_eigenvector_2_ortho[3]     ? 
_reflns.pdbx_aniso_B_tensor_eigenvector_3_ortho[1]     ? 
_reflns.pdbx_aniso_B_tensor_eigenvector_3_ortho[2]     ? 
_reflns.pdbx_aniso_B_tensor_eigenvector_3_ortho[3]     ? 
_reflns.pdbx_aniso_B_tensor_eigenvalue_1               ? 
_reflns.pdbx_aniso_B_tensor_eigenvalue_2               ? 
_reflns.pdbx_aniso_B_tensor_eigenvalue_3               ? 
_reflns.pdbx_orthogonalization_convention              ? 
_reflns.pdbx_percent_possible_ellipsoidal              ? 
_reflns.pdbx_percent_possible_spherical                ? 
_reflns.pdbx_percent_possible_ellipsoidal_anomalous    ? 
_reflns.pdbx_percent_possible_spherical_anomalous      ? 
_reflns.pdbx_redundancy_anomalous                      ? 
_reflns.pdbx_CC_half_anomalous                         ? 
_reflns.pdbx_absDiff_over_sigma_anomalous              ? 
_reflns.pdbx_percent_possible_anomalous                ? 
_reflns.pdbx_observed_signal_threshold                 ? 
_reflns.pdbx_signal_type                               ? 
_reflns.pdbx_signal_details                            ? 
_reflns.pdbx_signal_software_id                        ? 
# 
_reflns_shell.d_res_high                                    1.21 
_reflns_shell.d_res_low                                     1.28 
_reflns_shell.meanI_over_sigI_all                           ? 
_reflns_shell.meanI_over_sigI_obs                           1.1 
_reflns_shell.number_measured_all                           ? 
_reflns_shell.number_measured_obs                           ? 
_reflns_shell.number_possible                               ? 
_reflns_shell.number_unique_all                             ? 
_reflns_shell.number_unique_obs                             5957 
_reflns_shell.percent_possible_obs                          ? 
_reflns_shell.Rmerge_F_all                                  ? 
_reflns_shell.Rmerge_F_obs                                  ? 
_reflns_shell.meanI_over_sigI_gt                            ? 
_reflns_shell.meanI_over_uI_all                             ? 
_reflns_shell.meanI_over_uI_gt                              ? 
_reflns_shell.number_measured_gt                            ? 
_reflns_shell.number_unique_gt                              ? 
_reflns_shell.percent_possible_gt                           ? 
_reflns_shell.Rmerge_F_gt                                   ? 
_reflns_shell.Rmerge_I_gt                                   ? 
_reflns_shell.pdbx_redundancy                               6.4 
_reflns_shell.pdbx_chi_squared                              ? 
_reflns_shell.pdbx_netI_over_sigmaI_all                     ? 
_reflns_shell.pdbx_netI_over_sigmaI_obs                     ? 
_reflns_shell.pdbx_Rrim_I_all                               ? 
_reflns_shell.pdbx_Rpim_I_all                               0.639 
_reflns_shell.pdbx_rejects                                  ? 
_reflns_shell.pdbx_ordinal                                  1 
_reflns_shell.pdbx_diffrn_id                                1 
_reflns_shell.pdbx_CC_half                                  0.471 
_reflns_shell.pdbx_CC_star                                  ? 
_reflns_shell.pdbx_R_split                                  ? 
_reflns_shell.percent_possible_all                          100.00 
_reflns_shell.Rmerge_I_all                                  ? 
_reflns_shell.Rmerge_I_obs                                  1.347 
_reflns_shell.pdbx_Rsym_value                               ? 
_reflns_shell.pdbx_percent_possible_ellipsoidal             ? 
_reflns_shell.pdbx_percent_possible_spherical               ? 
_reflns_shell.pdbx_percent_possible_ellipsoidal_anomalous   ? 
_reflns_shell.pdbx_percent_possible_spherical_anomalous     ? 
_reflns_shell.pdbx_redundancy_anomalous                     ? 
_reflns_shell.pdbx_CC_half_anomalous                        ? 
_reflns_shell.pdbx_absDiff_over_sigma_anomalous             ? 
_reflns_shell.pdbx_percent_possible_anomalous               ? 
# 
_refine.aniso_B[1][1]                            ? 
_refine.aniso_B[1][2]                            ? 
_refine.aniso_B[1][3]                            ? 
_refine.aniso_B[2][2]                            ? 
_refine.aniso_B[2][3]                            ? 
_refine.aniso_B[3][3]                            ? 
_refine.B_iso_max                                ? 
_refine.B_iso_mean                               25.54 
_refine.B_iso_min                                ? 
_refine.correlation_coeff_Fo_to_Fc               ? 
_refine.correlation_coeff_Fo_to_Fc_free          ? 
_refine.details                                  ? 
_refine.diff_density_max                         ? 
_refine.diff_density_max_esd                     ? 
_refine.diff_density_min                         ? 
_refine.diff_density_min_esd                     ? 
_refine.diff_density_rms                         ? 
_refine.diff_density_rms_esd                     ? 
_refine.entry_id                                 9DEE 
_refine.pdbx_refine_id                           'X-RAY DIFFRACTION' 
_refine.ls_abs_structure_details                 ? 
_refine.ls_abs_structure_Flack                   ? 
_refine.ls_abs_structure_Flack_esd               ? 
_refine.ls_abs_structure_Rogers                  ? 
_refine.ls_abs_structure_Rogers_esd              ? 
_refine.ls_d_res_high                            1.21 
_refine.ls_d_res_low                             32.12 
_refine.ls_extinction_coef                       ? 
_refine.ls_extinction_coef_esd                   ? 
_refine.ls_extinction_expression                 ? 
_refine.ls_extinction_method                     ? 
_refine.ls_goodness_of_fit_all                   ? 
_refine.ls_goodness_of_fit_all_esd               ? 
_refine.ls_goodness_of_fit_obs                   ? 
_refine.ls_goodness_of_fit_obs_esd               ? 
_refine.ls_hydrogen_treatment                    ? 
_refine.ls_matrix_type                           ? 
_refine.ls_number_constraints                    ? 
_refine.ls_number_parameters                     ? 
_refine.ls_number_reflns_all                     ? 
_refine.ls_number_reflns_obs                     40645 
_refine.ls_number_reflns_R_free                  2012 
_refine.ls_number_reflns_R_work                  38633 
_refine.ls_number_restraints                     ? 
_refine.ls_percent_reflns_obs                    99.86 
_refine.ls_percent_reflns_R_free                 4.95 
_refine.ls_R_factor_all                          ? 
_refine.ls_R_factor_obs                          0.2108 
_refine.ls_R_factor_R_free                       0.2436 
_refine.ls_R_factor_R_free_error                 ? 
_refine.ls_R_factor_R_free_error_details         ? 
_refine.ls_R_factor_R_work                       0.2092 
_refine.ls_R_Fsqd_factor_obs                     ? 
_refine.ls_R_I_factor_obs                        ? 
_refine.ls_redundancy_reflns_all                 ? 
_refine.ls_redundancy_reflns_obs                 ? 
_refine.ls_restrained_S_all                      ? 
_refine.ls_restrained_S_obs                      ? 
_refine.ls_shift_over_esd_max                    ? 
_refine.ls_shift_over_esd_mean                   ? 
_refine.ls_structure_factor_coef                 ? 
_refine.ls_weighting_details                     ? 
_refine.ls_weighting_scheme                      ? 
_refine.ls_wR_factor_all                         ? 
_refine.ls_wR_factor_obs                         ? 
_refine.ls_wR_factor_R_free                      ? 
_refine.ls_wR_factor_R_work                      ? 
_refine.occupancy_max                            ? 
_refine.occupancy_min                            ? 
_refine.solvent_model_details                    'FLAT BULK SOLVENT MODEL' 
_refine.solvent_model_param_bsol                 ? 
_refine.solvent_model_param_ksol                 ? 
_refine.pdbx_R_complete                          ? 
_refine.ls_R_factor_gt                           ? 
_refine.ls_goodness_of_fit_gt                    ? 
_refine.ls_goodness_of_fit_ref                   ? 
_refine.ls_shift_over_su_max                     ? 
_refine.ls_shift_over_su_max_lt                  ? 
_refine.ls_shift_over_su_mean                    ? 
_refine.ls_shift_over_su_mean_lt                 ? 
_refine.pdbx_ls_sigma_I                          ? 
_refine.pdbx_ls_sigma_F                          1.96 
_refine.pdbx_ls_sigma_Fsqd                       ? 
_refine.pdbx_data_cutoff_high_absF               ? 
_refine.pdbx_data_cutoff_high_rms_absF           ? 
_refine.pdbx_data_cutoff_low_absF                ? 
_refine.pdbx_isotropic_thermal_model             ? 
_refine.pdbx_ls_cross_valid_method               'FREE R-VALUE' 
_refine.pdbx_method_to_determine_struct          'MOLECULAR REPLACEMENT' 
_refine.pdbx_starting_model                      5UJ6 
_refine.pdbx_stereochemistry_target_values       'GeoStd + Monomer Library + CDL v1.2' 
_refine.pdbx_R_Free_selection_details            ? 
_refine.pdbx_stereochem_target_val_spec_case     ? 
_refine.pdbx_overall_ESU_R                       ? 
_refine.pdbx_overall_ESU_R_Free                  ? 
_refine.pdbx_solvent_vdw_probe_radii             1.1000 
_refine.pdbx_solvent_ion_probe_radii             ? 
_refine.pdbx_solvent_shrinkage_radii             0.9000 
_refine.pdbx_real_space_R                        ? 
_refine.pdbx_density_correlation                 ? 
_refine.pdbx_pd_number_of_powder_patterns        ? 
_refine.pdbx_pd_number_of_points                 ? 
_refine.pdbx_pd_meas_number_of_points            ? 
_refine.pdbx_pd_proc_ls_prof_R_factor            ? 
_refine.pdbx_pd_proc_ls_prof_wR_factor           ? 
_refine.pdbx_pd_Marquardt_correlation_coeff      ? 
_refine.pdbx_pd_Fsqrd_R_factor                   ? 
_refine.pdbx_pd_ls_matrix_band_width             ? 
_refine.pdbx_overall_phase_error                 31.1423 
_refine.pdbx_overall_SU_R_free_Cruickshank_DPI   ? 
_refine.pdbx_overall_SU_R_free_Blow_DPI          ? 
_refine.pdbx_overall_SU_R_Blow_DPI               ? 
_refine.pdbx_TLS_residual_ADP_flag               ? 
_refine.pdbx_diffrn_id                           1 
_refine.overall_SU_B                             ? 
_refine.overall_SU_ML                            0.1741 
_refine.overall_SU_R_Cruickshank_DPI             ? 
_refine.overall_SU_R_free                        ? 
_refine.overall_FOM_free_R_set                   ? 
_refine.overall_FOM_work_R_set                   ? 
_refine.pdbx_average_fsc_overall                 ? 
_refine.pdbx_average_fsc_work                    ? 
_refine.pdbx_average_fsc_free                    ? 
# 
_refine_hist.pdbx_refine_id                   'X-RAY DIFFRACTION' 
_refine_hist.cycle_id                         LAST 
_refine_hist.details                          ? 
_refine_hist.d_res_high                       1.21 
_refine_hist.d_res_low                        32.12 
_refine_hist.number_atoms_solvent             156 
_refine_hist.number_atoms_total               1391 
_refine_hist.number_reflns_all                ? 
_refine_hist.number_reflns_obs                ? 
_refine_hist.number_reflns_R_free             ? 
_refine_hist.number_reflns_R_work             ? 
_refine_hist.R_factor_all                     ? 
_refine_hist.R_factor_obs                     ? 
_refine_hist.R_factor_R_free                  ? 
_refine_hist.R_factor_R_work                  ? 
_refine_hist.pdbx_number_residues_total       ? 
_refine_hist.pdbx_B_iso_mean_ligand           ? 
_refine_hist.pdbx_B_iso_mean_solvent          ? 
_refine_hist.pdbx_number_atoms_protein        1235 
_refine_hist.pdbx_number_atoms_nucleic_acid   0 
_refine_hist.pdbx_number_atoms_ligand         0 
_refine_hist.pdbx_number_atoms_lipid          ? 
_refine_hist.pdbx_number_atoms_carb           ? 
_refine_hist.pdbx_pseudo_atom_details         ? 
# 
loop_
_refine_ls_restr.pdbx_refine_id 
_refine_ls_restr.criterion 
_refine_ls_restr.dev_ideal 
_refine_ls_restr.dev_ideal_target 
_refine_ls_restr.number 
_refine_ls_restr.rejects 
_refine_ls_restr.type 
_refine_ls_restr.weight 
_refine_ls_restr.pdbx_restraint_function 
'X-RAY DIFFRACTION' ? 0.0069  ? 1300 ? f_bond_d           ? ? 
'X-RAY DIFFRACTION' ? 0.8184  ? 1773 ? f_angle_d          ? ? 
'X-RAY DIFFRACTION' ? 0.0734  ? 214  ? f_chiral_restr     ? ? 
'X-RAY DIFFRACTION' ? 0.0079  ? 228  ? f_plane_restr      ? ? 
'X-RAY DIFFRACTION' ? 12.3212 ? 496  ? f_dihedral_angle_d ? ? 
# 
loop_
_refine_ls_shell.pdbx_refine_id 
_refine_ls_shell.d_res_high 
_refine_ls_shell.d_res_low 
_refine_ls_shell.number_reflns_all 
_refine_ls_shell.number_reflns_obs 
_refine_ls_shell.number_reflns_R_free 
_refine_ls_shell.number_reflns_R_work 
_refine_ls_shell.percent_reflns_obs 
_refine_ls_shell.percent_reflns_R_free 
_refine_ls_shell.R_factor_all 
_refine_ls_shell.R_factor_obs 
_refine_ls_shell.R_factor_R_free_error 
_refine_ls_shell.R_factor_R_work 
_refine_ls_shell.redundancy_reflns_all 
_refine_ls_shell.redundancy_reflns_obs 
_refine_ls_shell.wR_factor_all 
_refine_ls_shell.wR_factor_obs 
_refine_ls_shell.wR_factor_R_free 
_refine_ls_shell.wR_factor_R_work 
_refine_ls_shell.pdbx_R_complete 
_refine_ls_shell.pdbx_total_number_of_bins_used 
_refine_ls_shell.pdbx_phase_error 
_refine_ls_shell.pdbx_fsc_work 
_refine_ls_shell.pdbx_fsc_free 
_refine_ls_shell.R_factor_R_free 
'X-RAY DIFFRACTION' 1.21 1.24  . . 150 2787 100.00 . . . . 0.3286 . . . . . . . . . . . 0.3686 
'X-RAY DIFFRACTION' 1.24 1.27  . . 148 2748 100.00 . . . . 0.3146 . . . . . . . . . . . 0.3288 
'X-RAY DIFFRACTION' 1.27 1.31  . . 140 2756 100.00 . . . . 0.2998 . . . . . . . . . . . 0.3089 
'X-RAY DIFFRACTION' 1.31 1.35  . . 148 2736 100.00 . . . . 0.2929 . . . . . . . . . . . 0.2997 
'X-RAY DIFFRACTION' 1.35 1.40  . . 154 2795 100.00 . . . . 0.2806 . . . . . . . . . . . 0.2689 
'X-RAY DIFFRACTION' 1.40 1.46  . . 140 2756 100.00 . . . . 0.2589 . . . . . . . . . . . 0.2828 
'X-RAY DIFFRACTION' 1.46 1.52  . . 164 2725 100.00 . . . . 0.2517 . . . . . . . . . . . 0.2760 
'X-RAY DIFFRACTION' 1.52 1.61  . . 133 2781 100.00 . . . . 0.2353 . . . . . . . . . . . 0.2679 
'X-RAY DIFFRACTION' 1.61 1.71  . . 137 2760 100.00 . . . . 0.2481 . . . . . . . . . . . 0.2812 
'X-RAY DIFFRACTION' 1.71 1.84  . . 139 2761 100.00 . . . . 0.2288 . . . . . . . . . . . 0.2960 
'X-RAY DIFFRACTION' 1.84 2.02  . . 140 2786 100.00 . . . . 0.2487 . . . . . . . . . . . 0.2378 
'X-RAY DIFFRACTION' 2.02 2.31  . . 133 2749 100.00 . . . . 0.2159 . . . . . . . . . . . 0.2439 
'X-RAY DIFFRACTION' 2.31 2.92  . . 146 2777 100.00 . . . . 0.2132 . . . . . . . . . . . 0.2297 
'X-RAY DIFFRACTION' 2.92 32.12 . . 140 2716 98.04  . . . . 0.1687 . . . . . . . . . . . 0.2230 
# 
_struct.entry_id                     9DEE 
_struct.title                        'The designed serine hydrolase known as super' 
_struct.pdbx_model_details           ? 
_struct.pdbx_formula_weight          ? 
_struct.pdbx_formula_weight_method   ? 
_struct.pdbx_model_type_details      ? 
_struct.pdbx_CASP_flag               N 
# 
_struct_keywords.entry_id        9DEE 
_struct_keywords.text            'serine hydrolase, designed enzyme, helical, lit, HYDROLASE' 
_struct_keywords.pdbx_keywords   HYDROLASE 
# 
loop_
_struct_asym.id 
_struct_asym.pdbx_blank_PDB_chainid_flag 
_struct_asym.pdbx_modified 
_struct_asym.entity_id 
_struct_asym.details 
A N N 1 ? 
B N N 2 ? 
# 
_struct_ref.id                         1 
_struct_ref.db_name                    PDB 
_struct_ref.db_code                    9DEE 
_struct_ref.pdbx_db_accession          9DEE 
_struct_ref.pdbx_db_isoform            ? 
_struct_ref.entity_id                  1 
_struct_ref.pdbx_seq_one_letter_code   ? 
_struct_ref.pdbx_align_begin           1 
# 
_struct_ref_seq.align_id                      1 
_struct_ref_seq.ref_id                        1 
_struct_ref_seq.pdbx_PDB_id_code              9DEE 
_struct_ref_seq.pdbx_strand_id                A 
_struct_ref_seq.seq_align_beg                 1 
_struct_ref_seq.pdbx_seq_align_beg_ins_code   ? 
_struct_ref_seq.seq_align_end                 166 
_struct_ref_seq.pdbx_seq_align_end_ins_code   ? 
_struct_ref_seq.pdbx_db_accession             9DEE 
_struct_ref_seq.db_align_beg                  -2 
_struct_ref_seq.pdbx_db_align_beg_ins_code    ? 
_struct_ref_seq.db_align_end                  163 
_struct_ref_seq.pdbx_db_align_end_ins_code    ? 
_struct_ref_seq.pdbx_auth_seq_align_beg       -2 
_struct_ref_seq.pdbx_auth_seq_align_end       163 
# 
_pdbx_struct_assembly.id                   1 
_pdbx_struct_assembly.details              author_defined_assembly 
_pdbx_struct_assembly.method_details       ? 
_pdbx_struct_assembly.oligomeric_details   monomeric 
_pdbx_struct_assembly.oligomeric_count     1 
# 
_pdbx_struct_assembly_gen.assembly_id       1 
_pdbx_struct_assembly_gen.oper_expression   1 
_pdbx_struct_assembly_gen.asym_id_list      A,B 
# 
_pdbx_struct_assembly_auth_evidence.id                     1 
_pdbx_struct_assembly_auth_evidence.assembly_id            1 
_pdbx_struct_assembly_auth_evidence.experimental_support   'light scattering' 
_pdbx_struct_assembly_auth_evidence.details                ? 
# 
_pdbx_struct_oper_list.id                   1 
_pdbx_struct_oper_list.type                 'identity operation' 
_pdbx_struct_oper_list.name                 1_555 
_pdbx_struct_oper_list.symmetry_operation   x,y,z 
_pdbx_struct_oper_list.matrix[1][1]         1.0000000000 
_pdbx_struct_oper_list.matrix[1][2]         0.0000000000 
_pdbx_struct_oper_list.matrix[1][3]         0.0000000000 
_pdbx_struct_oper_list.vector[1]            0.0000000000 
_pdbx_struct_oper_list.matrix[2][1]         0.0000000000 
_pdbx_struct_oper_list.matrix[2][2]         1.0000000000 
_pdbx_struct_oper_list.matrix[2][3]         0.0000000000 
_pdbx_struct_oper_list.vector[2]            0.0000000000 
_pdbx_struct_oper_list.matrix[3][1]         0.0000000000 
_pdbx_struct_oper_list.matrix[3][2]         0.0000000000 
_pdbx_struct_oper_list.matrix[3][3]         1.0000000000 
_pdbx_struct_oper_list.vector[3]            0.0000000000 
# 
loop_
_struct_conf.conf_type_id 
_struct_conf.id 
_struct_conf.pdbx_PDB_helix_id 
_struct_conf.beg_label_comp_id 
_struct_conf.beg_label_asym_id 
_struct_conf.beg_label_seq_id 
_struct_conf.pdbx_beg_PDB_ins_code 
_struct_conf.end_label_comp_id 
_struct_conf.end_label_asym_id 
_struct_conf.end_label_seq_id 
_struct_conf.pdbx_end_PDB_ins_code 
_struct_conf.beg_auth_comp_id 
_struct_conf.beg_auth_asym_id 
_struct_conf.beg_auth_seq_id 
_struct_conf.end_auth_comp_id 
_struct_conf.end_auth_asym_id 
_struct_conf.end_auth_seq_id 
_struct_conf.pdbx_PDB_helix_class 
_struct_conf.details 
_struct_conf.pdbx_PDB_helix_length 
HELX_P HELX_P1 AA1 ASN A 6   ? ALA A 38  ? ASN A 3   ALA A 35  1 ? 33 
HELX_P HELX_P2 AA2 ASP A 40  ? VAL A 63  ? ASP A 37  VAL A 60  1 ? 24 
HELX_P HELX_P3 AA3 ASP A 66  ? ALA A 77  ? ASP A 63  ALA A 74  1 ? 12 
HELX_P HELX_P4 AA4 THR A 82  ? ASN A 92  ? THR A 79  ASN A 89  1 ? 11 
HELX_P HELX_P5 AA5 ASP A 94  ? GLN A 117 ? ASP A 91  GLN A 114 1 ? 24 
HELX_P HELX_P6 AA6 SER A 119 ? ALA A 126 ? SER A 116 ALA A 123 1 ? 8  
HELX_P HELX_P7 AA7 SER A 129 ? ASN A 146 ? SER A 126 ASN A 143 1 ? 18 
HELX_P HELX_P8 AA8 SER A 149 ? ALA A 162 ? SER A 146 ALA A 159 1 ? 14 
# 
_struct_conf_type.id          HELX_P 
_struct_conf_type.criteria    ? 
_struct_conf_type.reference   ? 
# 
_pdbx_entry_details.entry_id                   9DEE 
_pdbx_entry_details.compound_details           ? 
_pdbx_entry_details.source_details             ? 
_pdbx_entry_details.nonpolymer_details         ? 
_pdbx_entry_details.sequence_details           ? 
_pdbx_entry_details.has_ligand_of_interest     ? 
_pdbx_entry_details.has_protein_modification   N 
# 
loop_
_pdbx_validate_torsion.id 
_pdbx_validate_torsion.PDB_model_num 
_pdbx_validate_torsion.auth_comp_id 
_pdbx_validate_torsion.auth_asym_id 
_pdbx_validate_torsion.auth_seq_id 
_pdbx_validate_torsion.PDB_ins_code 
_pdbx_validate_torsion.label_alt_id 
_pdbx_validate_torsion.phi 
_pdbx_validate_torsion.psi 
1 1 LEU A 61  ? ? -100.17 75.18   
2 1 SER A 160 ? ? -120.48 -139.09 
# 
loop_
_space_group_symop.id 
_space_group_symop.operation_xyz 
1 x,y,z                 
2 -y,x-y,z              
3 -x+y,-x,z             
4 x+1/3,y+2/3,z+2/3     
5 -y+1/3,x-y+2/3,z+2/3  
6 -x+y+1/3,-x+2/3,z+2/3 
7 x+2/3,y+1/3,z+1/3     
8 -y+2/3,x-y+1/3,z+1/3  
9 -x+y+2/3,-x+1/3,z+1/3 
# 
loop_
_pdbx_unobs_or_zero_occ_residues.id 
_pdbx_unobs_or_zero_occ_residues.PDB_model_num 
_pdbx_unobs_or_zero_occ_residues.polymer_flag 
_pdbx_unobs_or_zero_occ_residues.occupancy_flag 
_pdbx_unobs_or_zero_occ_residues.auth_asym_id 
_pdbx_unobs_or_zero_occ_residues.auth_comp_id 
_pdbx_unobs_or_zero_occ_residues.auth_seq_id 
_pdbx_unobs_or_zero_occ_residues.PDB_ins_code 
_pdbx_unobs_or_zero_occ_residues.label_asym_id 
_pdbx_unobs_or_zero_occ_residues.label_comp_id 
_pdbx_unobs_or_zero_occ_residues.label_seq_id 
1 1 Y 1 A MET -2  ? A MET 1   
2 1 Y 1 A SER -1  ? A SER 2   
3 1 Y 1 A GLY 0   ? A GLY 3   
4 1 Y 1 A SER 1   ? A SER 4   
5 1 Y 1 A GLU 2   ? A GLU 5   
6 1 Y 1 A SER 162 ? A SER 165 
7 1 Y 1 A GLY 163 ? A GLY 166 
# 
loop_
_chem_comp_atom.comp_id 
_chem_comp_atom.atom_id 
_chem_comp_atom.type_symbol 
_chem_comp_atom.pdbx_aromatic_flag 
_chem_comp_atom.pdbx_stereo_config 
_chem_comp_atom.pdbx_ordinal 
ALA N    N N N 1   
ALA CA   C N S 2   
ALA C    C N N 3   
ALA O    O N N 4   
ALA CB   C N N 5   
ALA OXT  O N N 6   
ALA H    H N N 7   
ALA H2   H N N 8   
ALA HA   H N N 9   
ALA HB1  H N N 10  
ALA HB2  H N N 11  
ALA HB3  H N N 12  
ALA HXT  H N N 13  
ARG N    N N N 14  
ARG CA   C N S 15  
ARG C    C N N 16  
ARG O    O N N 17  
ARG CB   C N N 18  
ARG CG   C N N 19  
ARG CD   C N N 20  
ARG NE   N N N 21  
ARG CZ   C N N 22  
ARG NH1  N N N 23  
ARG NH2  N N N 24  
ARG OXT  O N N 25  
ARG H    H N N 26  
ARG H2   H N N 27  
ARG HA   H N N 28  
ARG HB2  H N N 29  
ARG HB3  H N N 30  
ARG HG2  H N N 31  
ARG HG3  H N N 32  
ARG HD2  H N N 33  
ARG HD3  H N N 34  
ARG HE   H N N 35  
ARG HH11 H N N 36  
ARG HH12 H N N 37  
ARG HH21 H N N 38  
ARG HH22 H N N 39  
ARG HXT  H N N 40  
ASN N    N N N 41  
ASN CA   C N S 42  
ASN C    C N N 43  
ASN O    O N N 44  
ASN CB   C N N 45  
ASN CG   C N N 46  
ASN OD1  O N N 47  
ASN ND2  N N N 48  
ASN OXT  O N N 49  
ASN H    H N N 50  
ASN H2   H N N 51  
ASN HA   H N N 52  
ASN HB2  H N N 53  
ASN HB3  H N N 54  
ASN HD21 H N N 55  
ASN HD22 H N N 56  
ASN HXT  H N N 57  
ASP N    N N N 58  
ASP CA   C N S 59  
ASP C    C N N 60  
ASP O    O N N 61  
ASP CB   C N N 62  
ASP CG   C N N 63  
ASP OD1  O N N 64  
ASP OD2  O N N 65  
ASP OXT  O N N 66  
ASP H    H N N 67  
ASP H2   H N N 68  
ASP HA   H N N 69  
ASP HB2  H N N 70  
ASP HB3  H N N 71  
ASP HD2  H N N 72  
ASP HXT  H N N 73  
GLN N    N N N 74  
GLN CA   C N S 75  
GLN C    C N N 76  
GLN O    O N N 77  
GLN CB   C N N 78  
GLN CG   C N N 79  
GLN CD   C N N 80  
GLN OE1  O N N 81  
GLN NE2  N N N 82  
GLN OXT  O N N 83  
GLN H    H N N 84  
GLN H2   H N N 85  
GLN HA   H N N 86  
GLN HB2  H N N 87  
GLN HB3  H N N 88  
GLN HG2  H N N 89  
GLN HG3  H N N 90  
GLN HE21 H N N 91  
GLN HE22 H N N 92  
GLN HXT  H N N 93  
GLU N    N N N 94  
GLU CA   C N S 95  
GLU C    C N N 96  
GLU O    O N N 97  
GLU CB   C N N 98  
GLU CG   C N N 99  
GLU CD   C N N 100 
GLU OE1  O N N 101 
GLU OE2  O N N 102 
GLU OXT  O N N 103 
GLU H    H N N 104 
GLU H2   H N N 105 
GLU HA   H N N 106 
GLU HB2  H N N 107 
GLU HB3  H N N 108 
GLU HG2  H N N 109 
GLU HG3  H N N 110 
GLU HE2  H N N 111 
GLU HXT  H N N 112 
GLY N    N N N 113 
GLY CA   C N N 114 
GLY C    C N N 115 
GLY O    O N N 116 
GLY OXT  O N N 117 
GLY H    H N N 118 
GLY H2   H N N 119 
GLY HA2  H N N 120 
GLY HA3  H N N 121 
GLY HXT  H N N 122 
HIS N    N N N 123 
HIS CA   C N S 124 
HIS C    C N N 125 
HIS O    O N N 126 
HIS CB   C N N 127 
HIS CG   C Y N 128 
HIS ND1  N Y N 129 
HIS CD2  C Y N 130 
HIS CE1  C Y N 131 
HIS NE2  N Y N 132 
HIS OXT  O N N 133 
HIS H    H N N 134 
HIS H2   H N N 135 
HIS HA   H N N 136 
HIS HB2  H N N 137 
HIS HB3  H N N 138 
HIS HD1  H N N 139 
HIS HD2  H N N 140 
HIS HE1  H N N 141 
HIS HE2  H N N 142 
HIS HXT  H N N 143 
HOH O    O N N 144 
HOH H1   H N N 145 
HOH H2   H N N 146 
ILE N    N N N 147 
ILE CA   C N S 148 
ILE C    C N N 149 
ILE O    O N N 150 
ILE CB   C N S 151 
ILE CG1  C N N 152 
ILE CG2  C N N 153 
ILE CD1  C N N 154 
ILE OXT  O N N 155 
ILE H    H N N 156 
ILE H2   H N N 157 
ILE HA   H N N 158 
ILE HB   H N N 159 
ILE HG12 H N N 160 
ILE HG13 H N N 161 
ILE HG21 H N N 162 
ILE HG22 H N N 163 
ILE HG23 H N N 164 
ILE HD11 H N N 165 
ILE HD12 H N N 166 
ILE HD13 H N N 167 
ILE HXT  H N N 168 
LEU N    N N N 169 
LEU CA   C N S 170 
LEU C    C N N 171 
LEU O    O N N 172 
LEU CB   C N N 173 
LEU CG   C N N 174 
LEU CD1  C N N 175 
LEU CD2  C N N 176 
LEU OXT  O N N 177 
LEU H    H N N 178 
LEU H2   H N N 179 
LEU HA   H N N 180 
LEU HB2  H N N 181 
LEU HB3  H N N 182 
LEU HG   H N N 183 
LEU HD11 H N N 184 
LEU HD12 H N N 185 
LEU HD13 H N N 186 
LEU HD21 H N N 187 
LEU HD22 H N N 188 
LEU HD23 H N N 189 
LEU HXT  H N N 190 
LYS N    N N N 191 
LYS CA   C N S 192 
LYS C    C N N 193 
LYS O    O N N 194 
LYS CB   C N N 195 
LYS CG   C N N 196 
LYS CD   C N N 197 
LYS CE   C N N 198 
LYS NZ   N N N 199 
LYS OXT  O N N 200 
LYS H    H N N 201 
LYS H2   H N N 202 
LYS HA   H N N 203 
LYS HB2  H N N 204 
LYS HB3  H N N 205 
LYS HG2  H N N 206 
LYS HG3  H N N 207 
LYS HD2  H N N 208 
LYS HD3  H N N 209 
LYS HE2  H N N 210 
LYS HE3  H N N 211 
LYS HZ1  H N N 212 
LYS HZ2  H N N 213 
LYS HZ3  H N N 214 
LYS HXT  H N N 215 
MET N    N N N 216 
MET CA   C N S 217 
MET C    C N N 218 
MET O    O N N 219 
MET CB   C N N 220 
MET CG   C N N 221 
MET SD   S N N 222 
MET CE   C N N 223 
MET OXT  O N N 224 
MET H    H N N 225 
MET H2   H N N 226 
MET HA   H N N 227 
MET HB2  H N N 228 
MET HB3  H N N 229 
MET HG2  H N N 230 
MET HG3  H N N 231 
MET HE1  H N N 232 
MET HE2  H N N 233 
MET HE3  H N N 234 
MET HXT  H N N 235 
PHE N    N N N 236 
PHE CA   C N S 237 
PHE C    C N N 238 
PHE O    O N N 239 
PHE CB   C N N 240 
PHE CG   C Y N 241 
PHE CD1  C Y N 242 
PHE CD2  C Y N 243 
PHE CE1  C Y N 244 
PHE CE2  C Y N 245 
PHE CZ   C Y N 246 
PHE OXT  O N N 247 
PHE H    H N N 248 
PHE H2   H N N 249 
PHE HA   H N N 250 
PHE HB2  H N N 251 
PHE HB3  H N N 252 
PHE HD1  H N N 253 
PHE HD2  H N N 254 
PHE HE1  H N N 255 
PHE HE2  H N N 256 
PHE HZ   H N N 257 
PHE HXT  H N N 258 
PRO N    N N N 259 
PRO CA   C N S 260 
PRO C    C N N 261 
PRO O    O N N 262 
PRO CB   C N N 263 
PRO CG   C N N 264 
PRO CD   C N N 265 
PRO OXT  O N N 266 
PRO H    H N N 267 
PRO HA   H N N 268 
PRO HB2  H N N 269 
PRO HB3  H N N 270 
PRO HG2  H N N 271 
PRO HG3  H N N 272 
PRO HD2  H N N 273 
PRO HD3  H N N 274 
PRO HXT  H N N 275 
SER N    N N N 276 
SER CA   C N S 277 
SER C    C N N 278 
SER O    O N N 279 
SER CB   C N N 280 
SER OG   O N N 281 
SER OXT  O N N 282 
SER H    H N N 283 
SER H2   H N N 284 
SER HA   H N N 285 
SER HB2  H N N 286 
SER HB3  H N N 287 
SER HG   H N N 288 
SER HXT  H N N 289 
THR N    N N N 290 
THR CA   C N S 291 
THR C    C N N 292 
THR O    O N N 293 
THR CB   C N R 294 
THR OG1  O N N 295 
THR CG2  C N N 296 
THR OXT  O N N 297 
THR H    H N N 298 
THR H2   H N N 299 
THR HA   H N N 300 
THR HB   H N N 301 
THR HG1  H N N 302 
THR HG21 H N N 303 
THR HG22 H N N 304 
THR HG23 H N N 305 
THR HXT  H N N 306 
TRP N    N N N 307 
TRP CA   C N S 308 
TRP C    C N N 309 
TRP O    O N N 310 
TRP CB   C N N 311 
TRP CG   C Y N 312 
TRP CD1  C Y N 313 
TRP CD2  C Y N 314 
TRP NE1  N Y N 315 
TRP CE2  C Y N 316 
TRP CE3  C Y N 317 
TRP CZ2  C Y N 318 
TRP CZ3  C Y N 319 
TRP CH2  C Y N 320 
TRP OXT  O N N 321 
TRP H    H N N 322 
TRP H2   H N N 323 
TRP HA   H N N 324 
TRP HB2  H N N 325 
TRP HB3  H N N 326 
TRP HD1  H N N 327 
TRP HE1  H N N 328 
TRP HE3  H N N 329 
TRP HZ2  H N N 330 
TRP HZ3  H N N 331 
TRP HH2  H N N 332 
TRP HXT  H N N 333 
TYR N    N N N 334 
TYR CA   C N S 335 
TYR C    C N N 336 
TYR O    O N N 337 
TYR CB   C N N 338 
TYR CG   C Y N 339 
TYR CD1  C Y N 340 
TYR CD2  C Y N 341 
TYR CE1  C Y N 342 
TYR CE2  C Y N 343 
TYR CZ   C Y N 344 
TYR OH   O N N 345 
TYR OXT  O N N 346 
TYR H    H N N 347 
TYR H2   H N N 348 
TYR HA   H N N 349 
TYR HB2  H N N 350 
TYR HB3  H N N 351 
TYR HD1  H N N 352 
TYR HD2  H N N 353 
TYR HE1  H N N 354 
TYR HE2  H N N 355 
TYR HH   H N N 356 
TYR HXT  H N N 357 
VAL N    N N N 358 
VAL CA   C N S 359 
VAL C    C N N 360 
VAL O    O N N 361 
VAL CB   C N N 362 
VAL CG1  C N N 363 
VAL CG2  C N N 364 
VAL OXT  O N N 365 
VAL H    H N N 366 
VAL H2   H N N 367 
VAL HA   H N N 368 
VAL HB   H N N 369 
VAL HG11 H N N 370 
VAL HG12 H N N 371 
VAL HG13 H N N 372 
VAL HG21 H N N 373 
VAL HG22 H N N 374 
VAL HG23 H N N 375 
VAL HXT  H N N 376 
# 
loop_
_chem_comp_bond.comp_id 
_chem_comp_bond.atom_id_1 
_chem_comp_bond.atom_id_2 
_chem_comp_bond.value_order 
_chem_comp_bond.pdbx_aromatic_flag 
_chem_comp_bond.pdbx_stereo_config 
_chem_comp_bond.pdbx_ordinal 
ALA N   CA   sing N N 1   
ALA N   H    sing N N 2   
ALA N   H2   sing N N 3   
ALA CA  C    sing N N 4   
ALA CA  CB   sing N N 5   
ALA CA  HA   sing N N 6   
ALA C   O    doub N N 7   
ALA C   OXT  sing N N 8   
ALA CB  HB1  sing N N 9   
ALA CB  HB2  sing N N 10  
ALA CB  HB3  sing N N 11  
ALA OXT HXT  sing N N 12  
ARG N   CA   sing N N 13  
ARG N   H    sing N N 14  
ARG N   H2   sing N N 15  
ARG CA  C    sing N N 16  
ARG CA  CB   sing N N 17  
ARG CA  HA   sing N N 18  
ARG C   O    doub N N 19  
ARG C   OXT  sing N N 20  
ARG CB  CG   sing N N 21  
ARG CB  HB2  sing N N 22  
ARG CB  HB3  sing N N 23  
ARG CG  CD   sing N N 24  
ARG CG  HG2  sing N N 25  
ARG CG  HG3  sing N N 26  
ARG CD  NE   sing N N 27  
ARG CD  HD2  sing N N 28  
ARG CD  HD3  sing N N 29  
ARG NE  CZ   sing N N 30  
ARG NE  HE   sing N N 31  
ARG CZ  NH1  sing N N 32  
ARG CZ  NH2  doub N N 33  
ARG NH1 HH11 sing N N 34  
ARG NH1 HH12 sing N N 35  
ARG NH2 HH21 sing N N 36  
ARG NH2 HH22 sing N N 37  
ARG OXT HXT  sing N N 38  
ASN N   CA   sing N N 39  
ASN N   H    sing N N 40  
ASN N   H2   sing N N 41  
ASN CA  C    sing N N 42  
ASN CA  CB   sing N N 43  
ASN CA  HA   sing N N 44  
ASN C   O    doub N N 45  
ASN C   OXT  sing N N 46  
ASN CB  CG   sing N N 47  
ASN CB  HB2  sing N N 48  
ASN CB  HB3  sing N N 49  
ASN CG  OD1  doub N N 50  
ASN CG  ND2  sing N N 51  
ASN ND2 HD21 sing N N 52  
ASN ND2 HD22 sing N N 53  
ASN OXT HXT  sing N N 54  
ASP N   CA   sing N N 55  
ASP N   H    sing N N 56  
ASP N   H2   sing N N 57  
ASP CA  C    sing N N 58  
ASP CA  CB   sing N N 59  
ASP CA  HA   sing N N 60  
ASP C   O    doub N N 61  
ASP C   OXT  sing N N 62  
ASP CB  CG   sing N N 63  
ASP CB  HB2  sing N N 64  
ASP CB  HB3  sing N N 65  
ASP CG  OD1  doub N N 66  
ASP CG  OD2  sing N N 67  
ASP OD2 HD2  sing N N 68  
ASP OXT HXT  sing N N 69  
GLN N   CA   sing N N 70  
GLN N   H    sing N N 71  
GLN N   H2   sing N N 72  
GLN CA  C    sing N N 73  
GLN CA  CB   sing N N 74  
GLN CA  HA   sing N N 75  
GLN C   O    doub N N 76  
GLN C   OXT  sing N N 77  
GLN CB  CG   sing N N 78  
GLN CB  HB2  sing N N 79  
GLN CB  HB3  sing N N 80  
GLN CG  CD   sing N N 81  
GLN CG  HG2  sing N N 82  
GLN CG  HG3  sing N N 83  
GLN CD  OE1  doub N N 84  
GLN CD  NE2  sing N N 85  
GLN NE2 HE21 sing N N 86  
GLN NE2 HE22 sing N N 87  
GLN OXT HXT  sing N N 88  
GLU N   CA   sing N N 89  
GLU N   H    sing N N 90  
GLU N   H2   sing N N 91  
GLU CA  C    sing N N 92  
GLU CA  CB   sing N N 93  
GLU CA  HA   sing N N 94  
GLU C   O    doub N N 95  
GLU C   OXT  sing N N 96  
GLU CB  CG   sing N N 97  
GLU CB  HB2  sing N N 98  
GLU CB  HB3  sing N N 99  
GLU CG  CD   sing N N 100 
GLU CG  HG2  sing N N 101 
GLU CG  HG3  sing N N 102 
GLU CD  OE1  doub N N 103 
GLU CD  OE2  sing N N 104 
GLU OE2 HE2  sing N N 105 
GLU OXT HXT  sing N N 106 
GLY N   CA   sing N N 107 
GLY N   H    sing N N 108 
GLY N   H2   sing N N 109 
GLY CA  C    sing N N 110 
GLY CA  HA2  sing N N 111 
GLY CA  HA3  sing N N 112 
GLY C   O    doub N N 113 
GLY C   OXT  sing N N 114 
GLY OXT HXT  sing N N 115 
HIS N   CA   sing N N 116 
HIS N   H    sing N N 117 
HIS N   H2   sing N N 118 
HIS CA  C    sing N N 119 
HIS CA  CB   sing N N 120 
HIS CA  HA   sing N N 121 
HIS C   O    doub N N 122 
HIS C   OXT  sing N N 123 
HIS CB  CG   sing N N 124 
HIS CB  HB2  sing N N 125 
HIS CB  HB3  sing N N 126 
HIS CG  ND1  sing Y N 127 
HIS CG  CD2  doub Y N 128 
HIS ND1 CE1  doub Y N 129 
HIS ND1 HD1  sing N N 130 
HIS CD2 NE2  sing Y N 131 
HIS CD2 HD2  sing N N 132 
HIS CE1 NE2  sing Y N 133 
HIS CE1 HE1  sing N N 134 
HIS NE2 HE2  sing N N 135 
HIS OXT HXT  sing N N 136 
HOH O   H1   sing N N 137 
HOH O   H2   sing N N 138 
ILE N   CA   sing N N 139 
ILE N   H    sing N N 140 
ILE N   H2   sing N N 141 
ILE CA  C    sing N N 142 
ILE CA  CB   sing N N 143 
ILE CA  HA   sing N N 144 
ILE C   O    doub N N 145 
ILE C   OXT  sing N N 146 
ILE CB  CG1  sing N N 147 
ILE CB  CG2  sing N N 148 
ILE CB  HB   sing N N 149 
ILE CG1 CD1  sing N N 150 
ILE CG1 HG12 sing N N 151 
ILE CG1 HG13 sing N N 152 
ILE CG2 HG21 sing N N 153 
ILE CG2 HG22 sing N N 154 
ILE CG2 HG23 sing N N 155 
ILE CD1 HD11 sing N N 156 
ILE CD1 HD12 sing N N 157 
ILE CD1 HD13 sing N N 158 
ILE OXT HXT  sing N N 159 
LEU N   CA   sing N N 160 
LEU N   H    sing N N 161 
LEU N   H2   sing N N 162 
LEU CA  C    sing N N 163 
LEU CA  CB   sing N N 164 
LEU CA  HA   sing N N 165 
LEU C   O    doub N N 166 
LEU C   OXT  sing N N 167 
LEU CB  CG   sing N N 168 
LEU CB  HB2  sing N N 169 
LEU CB  HB3  sing N N 170 
LEU CG  CD1  sing N N 171 
LEU CG  CD2  sing N N 172 
LEU CG  HG   sing N N 173 
LEU CD1 HD11 sing N N 174 
LEU CD1 HD12 sing N N 175 
LEU CD1 HD13 sing N N 176 
LEU CD2 HD21 sing N N 177 
LEU CD2 HD22 sing N N 178 
LEU CD2 HD23 sing N N 179 
LEU OXT HXT  sing N N 180 
LYS N   CA   sing N N 181 
LYS N   H    sing N N 182 
LYS N   H2   sing N N 183 
LYS CA  C    sing N N 184 
LYS CA  CB   sing N N 185 
LYS CA  HA   sing N N 186 
LYS C   O    doub N N 187 
LYS C   OXT  sing N N 188 
LYS CB  CG   sing N N 189 
LYS CB  HB2  sing N N 190 
LYS CB  HB3  sing N N 191 
LYS CG  CD   sing N N 192 
LYS CG  HG2  sing N N 193 
LYS CG  HG3  sing N N 194 
LYS CD  CE   sing N N 195 
LYS CD  HD2  sing N N 196 
LYS CD  HD3  sing N N 197 
LYS CE  NZ   sing N N 198 
LYS CE  HE2  sing N N 199 
LYS CE  HE3  sing N N 200 
LYS NZ  HZ1  sing N N 201 
LYS NZ  HZ2  sing N N 202 
LYS NZ  HZ3  sing N N 203 
LYS OXT HXT  sing N N 204 
MET N   CA   sing N N 205 
MET N   H    sing N N 206 
MET N   H2   sing N N 207 
MET CA  C    sing N N 208 
MET CA  CB   sing N N 209 
MET CA  HA   sing N N 210 
MET C   O    doub N N 211 
MET C   OXT  sing N N 212 
MET CB  CG   sing N N 213 
MET CB  HB2  sing N N 214 
MET CB  HB3  sing N N 215 
MET CG  SD   sing N N 216 
MET CG  HG2  sing N N 217 
MET CG  HG3  sing N N 218 
MET SD  CE   sing N N 219 
MET CE  HE1  sing N N 220 
MET CE  HE2  sing N N 221 
MET CE  HE3  sing N N 222 
MET OXT HXT  sing N N 223 
PHE N   CA   sing N N 224 
PHE N   H    sing N N 225 
PHE N   H2   sing N N 226 
PHE CA  C    sing N N 227 
PHE CA  CB   sing N N 228 
PHE CA  HA   sing N N 229 
PHE C   O    doub N N 230 
PHE C   OXT  sing N N 231 
PHE CB  CG   sing N N 232 
PHE CB  HB2  sing N N 233 
PHE CB  HB3  sing N N 234 
PHE CG  CD1  doub Y N 235 
PHE CG  CD2  sing Y N 236 
PHE CD1 CE1  sing Y N 237 
PHE CD1 HD1  sing N N 238 
PHE CD2 CE2  doub Y N 239 
PHE CD2 HD2  sing N N 240 
PHE CE1 CZ   doub Y N 241 
PHE CE1 HE1  sing N N 242 
PHE CE2 CZ   sing Y N 243 
PHE CE2 HE2  sing N N 244 
PHE CZ  HZ   sing N N 245 
PHE OXT HXT  sing N N 246 
PRO N   CA   sing N N 247 
PRO N   CD   sing N N 248 
PRO N   H    sing N N 249 
PRO CA  C    sing N N 250 
PRO CA  CB   sing N N 251 
PRO CA  HA   sing N N 252 
PRO C   O    doub N N 253 
PRO C   OXT  sing N N 254 
PRO CB  CG   sing N N 255 
PRO CB  HB2  sing N N 256 
PRO CB  HB3  sing N N 257 
PRO CG  CD   sing N N 258 
PRO CG  HG2  sing N N 259 
PRO CG  HG3  sing N N 260 
PRO CD  HD2  sing N N 261 
PRO CD  HD3  sing N N 262 
PRO OXT HXT  sing N N 263 
SER N   CA   sing N N 264 
SER N   H    sing N N 265 
SER N   H2   sing N N 266 
SER CA  C    sing N N 267 
SER CA  CB   sing N N 268 
SER CA  HA   sing N N 269 
SER C   O    doub N N 270 
SER C   OXT  sing N N 271 
SER CB  OG   sing N N 272 
SER CB  HB2  sing N N 273 
SER CB  HB3  sing N N 274 
SER OG  HG   sing N N 275 
SER OXT HXT  sing N N 276 
THR N   CA   sing N N 277 
THR N   H    sing N N 278 
THR N   H2   sing N N 279 
THR CA  C    sing N N 280 
THR CA  CB   sing N N 281 
THR CA  HA   sing N N 282 
THR C   O    doub N N 283 
THR C   OXT  sing N N 284 
THR CB  OG1  sing N N 285 
THR CB  CG2  sing N N 286 
THR CB  HB   sing N N 287 
THR OG1 HG1  sing N N 288 
THR CG2 HG21 sing N N 289 
THR CG2 HG22 sing N N 290 
THR CG2 HG23 sing N N 291 
THR OXT HXT  sing N N 292 
TRP N   CA   sing N N 293 
TRP N   H    sing N N 294 
TRP N   H2   sing N N 295 
TRP CA  C    sing N N 296 
TRP CA  CB   sing N N 297 
TRP CA  HA   sing N N 298 
TRP C   O    doub N N 299 
TRP C   OXT  sing N N 300 
TRP CB  CG   sing N N 301 
TRP CB  HB2  sing N N 302 
TRP CB  HB3  sing N N 303 
TRP CG  CD1  doub Y N 304 
TRP CG  CD2  sing Y N 305 
TRP CD1 NE1  sing Y N 306 
TRP CD1 HD1  sing N N 307 
TRP CD2 CE2  doub Y N 308 
TRP CD2 CE3  sing Y N 309 
TRP NE1 CE2  sing Y N 310 
TRP NE1 HE1  sing N N 311 
TRP CE2 CZ2  sing Y N 312 
TRP CE3 CZ3  doub Y N 313 
TRP CE3 HE3  sing N N 314 
TRP CZ2 CH2  doub Y N 315 
TRP CZ2 HZ2  sing N N 316 
TRP CZ3 CH2  sing Y N 317 
TRP CZ3 HZ3  sing N N 318 
TRP CH2 HH2  sing N N 319 
TRP OXT HXT  sing N N 320 
TYR N   CA   sing N N 321 
TYR N   H    sing N N 322 
TYR N   H2   sing N N 323 
TYR CA  C    sing N N 324 
TYR CA  CB   sing N N 325 
TYR CA  HA   sing N N 326 
TYR C   O    doub N N 327 
TYR C   OXT  sing N N 328 
TYR CB  CG   sing N N 329 
TYR CB  HB2  sing N N 330 
TYR CB  HB3  sing N N 331 
TYR CG  CD1  doub Y N 332 
TYR CG  CD2  sing Y N 333 
TYR CD1 CE1  sing Y N 334 
TYR CD1 HD1  sing N N 335 
TYR CD2 CE2  doub Y N 336 
TYR CD2 HD2  sing N N 337 
TYR CE1 CZ   doub Y N 338 
TYR CE1 HE1  sing N N 339 
TYR CE2 CZ   sing Y N 340 
TYR CE2 HE2  sing N N 341 
TYR CZ  OH   sing N N 342 
TYR OH  HH   sing N N 343 
TYR OXT HXT  sing N N 344 
VAL N   CA   sing N N 345 
VAL N   H    sing N N 346 
VAL N   H2   sing N N 347 
VAL CA  C    sing N N 348 
VAL CA  CB   sing N N 349 
VAL CA  HA   sing N N 350 
VAL C   O    doub N N 351 
VAL C   OXT  sing N N 352 
VAL CB  CG1  sing N N 353 
VAL CB  CG2  sing N N 354 
VAL CB  HB   sing N N 355 
VAL CG1 HG11 sing N N 356 
VAL CG1 HG12 sing N N 357 
VAL CG1 HG13 sing N N 358 
VAL CG2 HG21 sing N N 359 
VAL CG2 HG22 sing N N 360 
VAL CG2 HG23 sing N N 361 
VAL OXT HXT  sing N N 362 
# 
loop_
_pdbx_audit_support.funding_organization 
_pdbx_audit_support.country 
_pdbx_audit_support.grant_number 
_pdbx_audit_support.ordinal 
'Howard Hughes Medical Institute (HHMI)'                                                   'United States' ? 1 
'National Institutes of Health/National Institute of General Medical Sciences (NIH/NIGMS)' 'United States' ? 2 
'Defense Advanced Research Projects Agency (DARPA)'                                        'United States' ? 3 
'Defense Threat Reduction Agency (DTRA)'                                                   'United States' ? 4 
# 
_pdbx_initial_refinement_model.id               1 
_pdbx_initial_refinement_model.entity_id_list   ? 
_pdbx_initial_refinement_model.type             'in silico model' 
_pdbx_initial_refinement_model.source_name      AlphaFold 
_pdbx_initial_refinement_model.accession_code   ? 
_pdbx_initial_refinement_model.details          ? 
# 
_space_group.name_H-M_alt     'R 3 :H' 
_space_group.name_Hall        'R 3' 
_space_group.IT_number        146 
_space_group.crystal_system   trigonal 
_space_group.id               1 
# 
_atom_sites.entry_id                    9DEE 
_atom_sites.Cartn_transf_matrix[1][1]   ? 
_atom_sites.Cartn_transf_matrix[1][2]   ? 
_atom_sites.Cartn_transf_matrix[1][3]   ? 
_atom_sites.Cartn_transf_matrix[2][1]   ? 
_atom_sites.Cartn_transf_matrix[2][2]   ? 
_atom_sites.Cartn_transf_matrix[2][3]   ? 
_atom_sites.Cartn_transf_matrix[3][1]   ? 
_atom_sites.Cartn_transf_matrix[3][2]   ? 
_atom_sites.Cartn_transf_matrix[3][3]   ? 
_atom_sites.Cartn_transf_vector[1]      ? 
_atom_sites.Cartn_transf_vector[2]      ? 
_atom_sites.Cartn_transf_vector[3]      ? 
_atom_sites.Cartn_transform_axes        ? 
_atom_sites.fract_transf_matrix[1][1]   0.01669176 
_atom_sites.fract_transf_matrix[1][2]   -0.00094166 
_atom_sites.fract_transf_matrix[1][3]   0.00231144 
_atom_sites.fract_transf_matrix[2][1]   0.00950840 
_atom_sites.fract_transf_matrix[2][2]   0.01387371 
_atom_sites.fract_transf_matrix[2][3]   -0.00139416 
_atom_sites.fract_transf_matrix[3][1]   -0.00163107 
_atom_sites.fract_transf_matrix[3][2]   0.00239972 
_atom_sites.fract_transf_matrix[3][3]   0.01275616 
_atom_sites.fract_transf_vector[1]      0.306368 
_atom_sites.fract_transf_vector[2]      -0.061051 
_atom_sites.fract_transf_vector[3]      -0.079533 
_atom_sites.solution_primary            ? 
_atom_sites.solution_secondary          ? 
_atom_sites.solution_hydrogens          ? 
_atom_sites.special_details             ? 
# 
loop_
_atom_type.symbol 
_atom_type.scat_dispersion_real 
_atom_type.scat_dispersion_imag 
_atom_type.scat_Cromer_Mann_a1 
_atom_type.scat_Cromer_Mann_a2 
_atom_type.scat_Cromer_Mann_a3 
_atom_type.scat_Cromer_Mann_a4 
_atom_type.scat_Cromer_Mann_b1 
_atom_type.scat_Cromer_Mann_b2 
_atom_type.scat_Cromer_Mann_b3 
_atom_type.scat_Cromer_Mann_b4 
_atom_type.scat_Cromer_Mann_c 
_atom_type.scat_source 
_atom_type.scat_dispersion_source 
C ? ? 3.54356 2.42580 ? ? 25.62398 1.50364  ? ? 0.0 
;2-Gaussian fit: Grosse-Kunstleve RW, Sauter NK, Adams PD: Newsletter of the IUCr Commission on Crystallographic Computing 2004, 3, 22-31.
;
? 
N ? ? 4.01032 2.96436 ? ? 19.97189 1.75589  ? ? 0.0 
;2-Gaussian fit: Grosse-Kunstleve RW, Sauter NK, Adams PD: Newsletter of the IUCr Commission on Crystallographic Computing 2004, 3, 22-31.
;
? 
O ? ? 4.49882 3.47563 ? ? 15.80542 1.70748  ? ? 0.0 
;2-Gaussian fit: Grosse-Kunstleve RW, Sauter NK, Adams PD: Newsletter of the IUCr Commission on Crystallographic Computing 2004, 3, 22-31.
;
? 
S ? ? 9.55732 6.39887 ? ? 1.23737  29.19336 ? ? 0.0 
;2-Gaussian fit: Grosse-Kunstleve RW, Sauter NK, Adams PD: Newsletter of the IUCr Commission on Crystallographic Computing 2004, 3, 22-31.
;
? 
# 
loop_
_atom_site.group_PDB 
_atom_site.id 
_atom_site.type_symbol 
_atom_site.label_atom_id 
_atom_site.label_alt_id 
_atom_site.label_comp_id 
_atom_site.label_asym_id 
_atom_site.label_entity_id 
_atom_site.label_seq_id 
_atom_site.pdbx_PDB_ins_code 
_atom_site.Cartn_x 
_atom_site.Cartn_y 
_atom_site.Cartn_z 
_atom_site.occupancy 
_atom_site.B_iso_or_equiv 
_atom_site.pdbx_formal_charge 
_atom_site.auth_seq_id 
_atom_site.auth_comp_id 
_atom_site.auth_asym_id 
_atom_site.auth_atom_id 
_atom_site.pdbx_PDB_model_num 
ATOM   1    N N   . ASN A 1 6   ? 21.09824  3.65963   -2.99483  1.000 49.69602 ? 3   ASN A N   1 
ATOM   2    C CA  . ASN A 1 6   ? 19.75183  3.60944   -2.44787  1.000 46.65788 ? 3   ASN A CA  1 
ATOM   3    C C   . ASN A 1 6   ? 18.69462  3.48496   -3.52467  1.000 38.79164 ? 3   ASN A C   1 
ATOM   4    O O   . ASN A 1 6   ? 17.78906  2.74963   -3.33906  1.000 36.20495 ? 3   ASN A O   1 
ATOM   5    C CB  . ASN A 1 6   ? 19.42812  4.80920   -1.57763  1.000 46.21775 ? 3   ASN A CB  1 
ATOM   6    C CG  . ASN A 1 6   ? 20.03282  4.72963   -0.20649  1.000 52.74799 ? 3   ASN A CG  1 
ATOM   7    O OD1 . ASN A 1 6   ? 19.55047  4.04391   0.65973   1.000 48.89125 ? 3   ASN A OD1 1 
ATOM   8    N ND2 . ASN A 1 6   ? 21.08857  5.47159   -0.00391  1.000 57.06487 ? 3   ASN A ND2 1 
ATOM   9    N N   . GLU A 1 7   ? 18.85419  4.22814   -4.61629  1.000 41.66239 ? 4   GLU A N   1 
ATOM   10   C CA  . GLU A 1 7   ? 17.91100  4.19650   -5.72264  1.000 38.37338 ? 4   GLU A CA  1 
ATOM   11   C C   . GLU A 1 7   ? 17.80530  2.78879   -6.28869  1.000 35.35866 ? 4   GLU A C   1 
ATOM   12   O O   . GLU A 1 7   ? 16.70584  2.29169   -6.53163  1.000 30.36329 ? 4   GLU A O   1 
ATOM   13   C CB  . GLU A 1 7   ? 18.33681  5.17386   -6.82017  1.000 42.41674 ? 4   GLU A CB  1 
ATOM   14   C CG  . GLU A 1 7   ? 18.67425  6.56627   -6.31493  1.000 56.03736 ? 4   GLU A CG  1 
ATOM   15   C CD  . GLU A 1 7   ? 17.57383  7.57084   -6.59539  1.000 67.11988 ? 4   GLU A CD  1 
ATOM   16   O OE1 . GLU A 1 7   ? 16.38608  7.19258   -6.51202  1.000 64.48062 ? 4   GLU A OE1 1 
ATOM   17   O OE2 . GLU A 1 7   ? 17.89571  8.73804   -6.89995  1.000 73.36736 ? 4   GLU A OE2 1 
ATOM   18   N N   . LYS A 1 8   ? 18.95926  2.15299   -6.46456  1.000 29.06648 ? 5   LYS A N   1 
ATOM   19   C CA  . LYS A 1 8   ? 19.03577  0.80401   -7.00709  1.000 33.86255 ? 5   LYS A CA  1 
ATOM   20   C C   . LYS A 1 8   ? 18.39953  -0.24946  -6.10469  1.000 31.35237 ? 5   LYS A C   1 
ATOM   21   O O   . LYS A 1 8   ? 17.71194  -1.14705  -6.59190  1.000 30.06305 ? 5   LYS A O   1 
ATOM   22   C CB  . LYS A 1 8   ? 20.49183  0.43019   -7.29720  1.000 38.47657 ? 5   LYS A CB  1 
ATOM   23   C CG  . LYS A 1 8   ? 20.90756  0.63100   -8.74629  1.000 47.16213 ? 5   LYS A CG  1 
ATOM   24   C CD  . LYS A 1 8   ? 22.18515  -0.12928  -9.06344  1.000 55.74460 ? 5   LYS A CD  1 
ATOM   25   C CE  . LYS A 1 8   ? 21.90970  -1.31636  -9.97165  1.000 62.52125 ? 5   LYS A CE  1 
ATOM   26   N NZ  . LYS A 1 8   ? 21.44895  -0.88805  -11.32128 1.000 56.17296 ? 5   LYS A NZ  1 
ATOM   27   N N   . LEU A 1 9   ? 18.62070  -0.15267  -4.79525  1.000 30.33250 ? 6   LEU A N   1 
ATOM   28   C CA  . LEU A 1 9   ? 18.04913  -1.14704  -3.89263  1.000 30.65591 ? 6   LEU A CA  1 
ATOM   29   C C   . LEU A 1 9   ? 16.54457  -0.96065  -3.74063  1.000 25.99282 ? 6   LEU A C   1 
ATOM   30   O O   . LEU A 1 9   ? 15.79994  -1.94577  -3.67205  1.000 27.07903 ? 6   LEU A O   1 
ATOM   31   C CB  . LEU A 1 9   ? 18.75963  -1.12335  -2.53970  1.000 30.69945 ? 6   LEU A CB  1 
ATOM   32   C CG  . LEU A 1 9   ? 18.41754  -2.26291  -1.57734  1.000 31.96381 ? 6   LEU A CG  1 
ATOM   33   C CD1 . LEU A 1 9   ? 18.51494  -3.62182  -2.25787  1.000 35.02256 ? 6   LEU A CD1 1 
ATOM   34   C CD2 . LEU A 1 9   ? 19.33046  -2.21549  -0.36297  1.000 32.55366 ? 6   LEU A CD2 1 
ATOM   35   N N   . VAL A 1 10  ? 16.07439  0.29078   -3.71825  1.000 25.44199 ? 7   VAL A N   1 
ATOM   36   C CA  . VAL A 1 10  ? 14.63285  0.49185   -3.58351  1.000 27.25099 ? 7   VAL A CA  1 
ATOM   37   C C   . VAL A 1 10  ? 13.88831  0.02545   -4.82880  1.000 23.93292 ? 7   VAL A C   1 
ATOM   38   O O   . VAL A 1 10  ? 12.76110  -0.46342  -4.73123  1.000 22.58775 ? 7   VAL A O   1 
ATOM   39   C CB  . VAL A 1 10  ? 14.24596  1.91607   -3.13790  1.000 27.63516 ? 7   VAL A CB  1 
ATOM   40   C CG1 . VAL A 1 10  ? 14.36030  2.89842   -4.28850  1.000 28.20627 ? 7   VAL A CG1 1 
ATOM   41   C CG2 . VAL A 1 10  ? 12.83133  1.90931   -2.55143  1.000 28.51988 ? 7   VAL A CG2 1 
ATOM   42   N N   . GLU A 1 11  ? 14.49315  0.13186   -6.01239  1.000 24.75180 ? 8   GLU A N   1 
ATOM   43   C CA  . GLU A 1 11  ? 13.82701  -0.42451  -7.18253  1.000 23.71553 ? 8   GLU A CA  1 
ATOM   44   C C   . GLU A 1 11  ? 13.75857  -1.93841  -7.11057  1.000 22.38890 ? 8   GLU A C   1 
ATOM   45   O O   . GLU A 1 11  ? 12.78250  -2.53526  -7.56510  1.000 21.83273 ? 8   GLU A O   1 
ATOM   46   C CB  . GLU A 1 11  ? 14.48772  0.04011   -8.47559  1.000 26.71836 ? 8   GLU A CB  1 
ATOM   47   C CG  . GLU A 1 11  ? 14.44395  1.52902   -8.65360  1.000 28.88549 ? 8   GLU A CG  1 
ATOM   48   C CD  . GLU A 1 11  ? 13.08014  2.06924   -9.03216  1.000 30.31228 ? 8   GLU A CD  1 
ATOM   49   O OE1 . GLU A 1 11  ? 12.12194  1.28371   -9.19664  1.000 24.98599 ? 8   GLU A OE1 1 
ATOM   50   O OE2 . GLU A 1 11  ? 12.97524  3.30688   -9.17380  1.000 29.30006 ? 8   GLU A OE2 1 
ATOM   51   N N   . LYS A 1 12  ? 14.76957  -2.57908  -6.51824  1.000 22.66724 ? 9   LYS A N   1 
ATOM   52   C CA  . LYS A 1 12  ? 14.65484  -4.01276  -6.26628  1.000 23.31434 ? 9   LYS A CA  1 
ATOM   53   C C   . LYS A 1 12  ? 13.50377  -4.31122  -5.30818  1.000 20.18210 ? 9   LYS A C   1 
ATOM   54   O O   . LYS A 1 12  ? 12.75844  -5.27531  -5.50722  1.000 20.05170 ? 9   LYS A O   1 
ATOM   55   C CB  . LYS A 1 12  ? 15.97931  -4.57564  -5.75208  1.000 28.32707 ? 9   LYS A CB  1 
ATOM   56   C CG  . LYS A 1 12  ? 17.11547  -4.51027  -6.77079  1.000 33.94334 ? 9   LYS A CG  1 
ATOM   57   C CD  . LYS A 1 12  ? 18.28131  -5.37695  -6.33049  1.000 36.52024 ? 9   LYS A CD  1 
ATOM   58   C CE  . LYS A 1 12  ? 19.40288  -5.37987  -7.35359  1.000 39.65983 ? 9   LYS A CE  1 
ATOM   59   N NZ  . LYS A 1 12  ? 19.01781  -6.03915  -8.63560  1.000 46.96648 ? 9   LYS A NZ  1 
ATOM   60   N N   . VAL A 1 13  ? 13.33350  -3.47049  -4.27695  1.000 21.13744 ? 10  VAL A N   1 
ATOM   61   C CA  . VAL A 1 13  ? 12.20942  -3.61992  -3.34651  1.000 21.97147 ? 10  VAL A CA  1 
ATOM   62   C C   . VAL A 1 13  ? 10.88697  -3.48588  -4.08334  1.000 21.28023 ? 10  VAL A C   1 
ATOM   63   O O   . VAL A 1 13  ? 9.97562   -4.30110  -3.90908  1.000 19.89087 ? 10  VAL A O   1 
ATOM   64   C CB  . VAL A 1 13  ? 12.30967  -2.59114  -2.20633  1.000 23.35840 ? 10  VAL A CB  1 
ATOM   65   C CG1 . VAL A 1 13  ? 11.05699  -2.64519  -1.33694  1.000 25.44522 ? 10  VAL A CG1 1 
ATOM   66   C CG2 . VAL A 1 13  ? 13.53659  -2.85274  -1.38081  1.000 26.70660 ? 10  VAL A CG2 1 
ATOM   67   N N   . LEU A 1 14  ? 10.76045  -2.43877  -4.90054  1.000 19.56530 ? 11  LEU A N   1 
ATOM   68   C CA  . LEU A 1 14  ? 9.52068   -2.19091  -5.62359  1.000 20.85857 ? 11  LEU A CA  1 
ATOM   69   C C   . LEU A 1 14  ? 9.23832   -3.28743  -6.64613  1.000 20.31840 ? 11  LEU A C   1 
ATOM   70   O O   . LEU A 1 14  ? 8.08118   -3.66457  -6.85133  1.000 20.24387 ? 11  LEU A O   1 
ATOM   71   C CB  . LEU A 1 14  ? 9.58252   -0.81732  -6.28943  1.000 21.27863 ? 11  LEU A CB  1 
ATOM   72   C CG  . LEU A 1 14  ? 9.57756   0.39019   -5.34708  1.000 20.98602 ? 11  LEU A CG  1 
ATOM   73   C CD1 . LEU A 1 14  ? 9.91787   1.63732   -6.12274  1.000 24.60087 ? 11  LEU A CD1 1 
ATOM   74   C CD2 . LEU A 1 14  ? 8.22463   0.53993   -4.70730  1.000 23.45328 ? 11  LEU A CD2 1 
ATOM   75   N N   . GLU A 1 15  ? 10.27509  -3.80125  -7.31527  1.000 20.13662 ? 12  GLU A N   1 
ATOM   76   C CA  . GLU A 1 15  ? 10.06596  -4.88978  -8.26739  1.000 21.62680 ? 12  GLU A CA  1 
ATOM   77   C C   . GLU A 1 15  ? 9.47014   -6.10722  -7.57101  1.000 20.45825 ? 12  GLU A C   1 
ATOM   78   O O   . GLU A 1 15  ? 8.50095   -6.70527  -8.05110  1.000 19.70684 ? 12  GLU A O   1 
ATOM   79   C CB  . GLU A 1 15  ? 11.37727  -5.24262  -8.97274  1.000 24.19570 ? 12  GLU A CB  1 
ATOM   80   C CG  . GLU A 1 15  ? 11.23021  -6.33161  -10.02656 1.000 25.66367 ? 12  GLU A CG  1 
ATOM   81   C CD  . GLU A 1 15  ? 12.56899  -6.89284  -10.46358 1.000 38.27589 ? 12  GLU A CD  1 
ATOM   82   O OE1 . GLU A 1 15  ? 13.28964  -6.21287  -11.22646 1.000 41.78102 ? 12  GLU A OE1 1 
ATOM   83   O OE2 . GLU A 1 15  ? 12.91022  -8.00791  -10.02045 1.000 44.58159 ? 12  GLU A OE2 1 
ATOM   84   N N   . ALA A 1 16  ? 10.02695  -6.46752  -6.41469  1.000 19.39895 ? 13  ALA A N   1 
ATOM   85   C CA  . ALA A 1 16  ? 9.50882   -7.60371  -5.66315  1.000 20.87486 ? 13  ALA A CA  1 
ATOM   86   C C   . ALA A 1 16  ? 8.11542   -7.32241  -5.11585  1.000 19.01864 ? 13  ALA A C   1 
ATOM   87   O O   . ALA A 1 16  ? 7.25644   -8.20534  -5.11292  1.000 19.15009 ? 13  ALA A O   1 
ATOM   88   C CB  . ALA A 1 16  ? 10.47563  -7.96195  -4.53479  1.000 23.18353 ? 13  ALA A CB  1 
ATOM   89   N N   . THR A 1 17  ? 7.87167   -6.09738  -4.64729  1.000 18.44138 ? 14  THR A N   1 
ATOM   90   C CA  . THR A 1 17  ? 6.54368   -5.74621  -4.15707  1.000 17.86903 ? 14  THR A CA  1 
ATOM   91   C C   . THR A 1 17  ? 5.50760   -5.88160  -5.25885  1.000 16.80762 ? 14  THR A C   1 
ATOM   92   O O   . THR A 1 17  ? 4.41799   -6.42000  -5.04666  1.000 18.20024 ? 14  THR A O   1 
ATOM   93   C CB  . THR A 1 17  ? 6.56441   -4.31967  -3.63209  1.000 18.44039 ? 14  THR A CB  1 
ATOM   94   O OG1 . THR A 1 17  ? 7.43102   -4.25115  -2.49940  1.000 19.61188 ? 14  THR A OG1 1 
ATOM   95   C CG2 . THR A 1 17  ? 5.17235   -3.89726  -3.22089  1.000 19.32338 ? 14  THR A CG2 1 
ATOM   96   N N   . ARG A 1 18  ? 5.82577   -5.36962  -6.44361  1.000 16.66247 ? 15  ARG A N   1 
ATOM   97   C CA  . ARG A 1 18  ? 4.87260   -5.42749  -7.54015  1.000 16.99622 ? 15  ARG A CA  1 
ATOM   98   C C   . ARG A 1 18  ? 4.61096   -6.86909  -7.94542  1.000 17.96845 ? 15  ARG A C   1 
ATOM   99   O O   . ARG A 1 18  ? 3.46987   -7.24310  -8.21582  1.000 20.14185 ? 15  ARG A O   1 
ATOM   100  C CB  . ARG A 1 18  ? 5.36841   -4.57929  -8.71929  1.000 17.87269 ? 15  ARG A CB  1 
ATOM   101  C CG  . ARG A 1 18  ? 5.40415   -3.07395  -8.42155  1.000 17.52825 ? 15  ARG A CG  1 
ATOM   102  C CD  . ARG A 1 18  ? 6.26410   -2.28853  -9.43669  1.000 17.89537 ? 15  ARG A CD  1 
ATOM   103  N NE  . ARG A 1 18  ? 6.31905   -0.87271  -9.07556  1.000 18.60627 ? 15  ARG A NE  1 
ATOM   104  C CZ  . ARG A 1 18  ? 7.22985   -0.01128  -9.52009  1.000 17.60302 ? 15  ARG A CZ  1 
ATOM   105  N NH1 . ARG A 1 18  ? 8.22607   -0.39870  -10.30948 1.000 21.17252 ? 15  ARG A NH1 1 
ATOM   106  N NH2 . ARG A 1 18  ? 7.14156   1.26915   -9.15898  1.000 23.08447 ? 15  ARG A NH2 1 
ATOM   107  N N   . ARG A 1 19  ? 5.65525   -7.69775  -7.96777  1.000 18.87433 ? 16  ARG A N   1 
ATOM   108  C CA  . ARG A 1 19  ? 5.48173   -9.09719  -8.34509  1.000 19.31473 ? 16  ARG A CA  1 
ATOM   109  C C   . ARG A 1 19  ? 4.62103   -9.84490  -7.33509  1.000 19.03866 ? 16  ARG A C   1 
ATOM   110  O O   . ARG A 1 19  ? 3.69807   -10.57045 -7.71555  1.000 19.73908 ? 16  ARG A O   1 
ATOM   111  C CB  . ARG A 1 19  ? 6.84792   -9.76382  -8.48188  1.000 24.70240 ? 16  ARG A CB  1 
ATOM   112  C CG  . ARG A 1 19  ? 6.79958   -11.17228 -9.03943  1.000 30.58500 ? 16  ARG A CG  1 
ATOM   113  C CD  . ARG A 1 19  ? 8.18934   -11.78542 -9.12481  1.000 33.15240 ? 16  ARG A CD  1 
ATOM   114  N NE  . ARG A 1 19  ? 8.73241   -12.07240 -7.80457  1.000 31.78553 ? 16  ARG A NE  1 
ATOM   115  C CZ  . ARG A 1 19  ? 9.76230   -11.44138 -7.26036  1.000 26.02178 ? 16  ARG A CZ  1 
ATOM   116  N NH1 . ARG A 1 19  ? 10.42119  -10.49921 -7.91740  1.000 34.21322 ? 16  ARG A NH1 1 
ATOM   117  N NH2 . ARG A 1 19  ? 10.14377  -11.76757 -6.02828  1.000 35.80555 ? 16  ARG A NH2 1 
ATOM   118  N N   . ILE A 1 20  ? 4.92523   -9.68893  -6.04463  1.000 18.22457 ? 17  ILE A N   1 
ATOM   119  C CA  . ILE A 1 20  ? 4.16060   -10.38570 -5.01039  1.000 18.11249 ? 17  ILE A CA  1 
ATOM   120  C C   . ILE A 1 20  ? 2.71805   -9.89067  -4.99569  1.000 16.62632 ? 17  ILE A C   1 
ATOM   121  O O   . ILE A 1 20  ? 1.77557   -10.67571 -4.84238  1.000 19.07825 ? 17  ILE A O   1 
ATOM   122  C CB  . ILE A 1 20  ? 4.83596   -10.18313 -3.64227  1.000 18.96071 ? 17  ILE A CB  1 
ATOM   123  C CG1 . ILE A 1 20  ? 6.19147   -10.88413 -3.61295  1.000 22.09383 ? 17  ILE A CG1 1 
ATOM   124  C CG2 . ILE A 1 20  ? 3.96075   -10.66709 -2.51556  1.000 22.06206 ? 17  ILE A CG2 1 
ATOM   125  C CD1 . ILE A 1 20  ? 6.97830   -10.60974 -2.34356  1.000 24.28978 ? 17  ILE A CD1 1 
ATOM   126  N N   . ALA A 1 21  ? 2.52191   -8.57188  -5.14580  1.000 17.28523 ? 18  ALA A N   1 
ATOM   127  C CA  . ALA A 1 21  ? 1.17264   -8.01393  -5.17613  1.000 17.83866 ? 18  ALA A CA  1 
ATOM   128  C C   . ALA A 1 21  ? 0.36583   -8.59897  -6.31990  1.000 18.30745 ? 18  ALA A C   1 
ATOM   129  O O   . ALA A 1 21  ? -0.81332  -8.92286  -6.15745  1.000 19.54375 ? 18  ALA A O   1 
ATOM   130  C CB  . ALA A 1 21  ? 1.22425   -6.49448  -5.30770  1.000 19.97254 ? 18  ALA A CB  1 
ATOM   131  N N   . ARG A 1 22  ? 0.98726   -8.76098  -7.49496  1.000 18.56294 ? 19  ARG A N   1 
ATOM   132  C CA  A ARG A 1 22  ? 0.28145   -9.33002  -8.63805  0.569 19.15172 ? 19  ARG A CA  1 
ATOM   133  C CA  B ARG A 1 22  ? 0.26250   -9.32067  -8.62583  0.431 19.16298 ? 19  ARG A CA  1 
ATOM   134  C C   . ARG A 1 22  ? -0.10456  -10.77908 -8.37994  1.000 20.88510 ? 19  ARG A C   1 
ATOM   135  O O   . ARG A 1 22  ? -1.20061  -11.21594 -8.75070  1.000 23.22950 ? 19  ARG A O   1 
ATOM   136  C CB  A ARG A 1 22  ? 1.14566   -9.22276  -9.89632  0.569 20.14683 ? 19  ARG A CB  1 
ATOM   137  C CB  B ARG A 1 22  ? 1.06854   -9.14717  -9.91220  0.431 20.16251 ? 19  ARG A CB  1 
ATOM   138  C CG  A ARG A 1 22  ? 1.24748   -7.81777  -10.44912 0.569 20.91197 ? 19  ARG A CG  1 
ATOM   139  C CG  B ARG A 1 22  ? 0.22481   -9.24702  -11.16426 0.431 20.35721 ? 19  ARG A CG  1 
ATOM   140  C CD  A ARG A 1 22  ? 2.12336   -7.77282  -11.67879 0.569 19.94008 ? 19  ARG A CD  1 
ATOM   141  C CD  B ARG A 1 22  ? 0.96551   -8.70550  -12.36926 0.431 21.23670 ? 19  ARG A CD  1 
ATOM   142  N NE  A ARG A 1 22  ? 2.24406   -6.41167  -12.18811 0.569 21.23732 ? 19  ARG A NE  1 
ATOM   143  N NE  B ARG A 1 22  ? 0.99955   -7.24697  -12.41572 0.431 21.84014 ? 19  ARG A NE  1 
ATOM   144  C CZ  A ARG A 1 22  ? 1.30732   -5.80123  -12.90165 0.569 20.66481 ? 19  ARG A CZ  1 
ATOM   145  C CZ  B ARG A 1 22  ? 2.07556   -6.50966  -12.16968 0.431 21.32869 ? 19  ARG A CZ  1 
ATOM   146  N NH1 A ARG A 1 22  ? 0.18102   -6.41530  -13.23268 0.569 22.09214 ? 19  ARG A NH1 1 
ATOM   147  N NH1 B ARG A 1 22  ? 3.22971   -7.05977  -11.83042 0.431 20.75881 ? 19  ARG A NH1 1 
ATOM   148  N NH2 A ARG A 1 22  ? 1.50605   -4.54368  -13.29228 0.569 23.20190 ? 19  ARG A NH2 1 
ATOM   149  N NH2 B ARG A 1 22  ? 1.99454   -5.18602  -12.27317 0.431 22.64608 ? 19  ARG A NH2 1 
ATOM   150  N N   . GLU A 1 23  ? 0.78845   -11.53842 -7.75166  1.000 20.02022 ? 20  GLU A N   1 
ATOM   151  C CA  . GLU A 1 23  ? 0.47289   -12.92233 -7.41783  1.000 21.35971 ? 20  GLU A CA  1 
ATOM   152  C C   . GLU A 1 23  ? -0.72184  -12.98588 -6.47772  1.000 21.50603 ? 20  GLU A C   1 
ATOM   153  O O   . GLU A 1 23  ? -1.65261  -13.77377 -6.68439  1.000 25.18599 ? 20  GLU A O   1 
ATOM   154  C CB  . GLU A 1 23  ? 1.68265   -13.58030 -6.75581  1.000 23.13147 ? 20  GLU A CB  1 
ATOM   155  C CG  . GLU A 1 23  ? 2.87725   -13.82294 -7.65680  1.000 25.28888 ? 20  GLU A CG  1 
ATOM   156  C CD  . GLU A 1 23  ? 4.05632   -14.40086 -6.89173  1.000 31.33155 ? 20  GLU A CD  1 
ATOM   157  O OE1 . GLU A 1 23  ? 3.86825   -14.77038 -5.71406  1.000 34.30341 ? 20  GLU A OE1 1 
ATOM   158  O OE2 . GLU A 1 23  ? 5.16823   -14.48306 -7.46223  1.000 41.22939 ? 20  GLU A OE2 1 
ATOM   159  N N   . GLU A 1 24  ? -0.72314  -12.14647 -5.44514  1.000 18.72942 ? 21  GLU A N   1 
ATOM   160  C CA  . GLU A 1 24  ? -1.76097  -12.25360 -4.42549  1.000 18.59669 ? 21  GLU A CA  1 
ATOM   161  C C   . GLU A 1 24  ? -3.05934  -11.58750 -4.86039  1.000 20.23023 ? 21  GLU A C   1 
ATOM   162  O O   . GLU A 1 24  ? -4.14738  -12.07010 -4.51799  1.000 20.81799 ? 21  GLU A O   1 
ATOM   163  C CB  . GLU A 1 24  ? -1.26294  -11.69083 -3.09140  1.000 21.78158 ? 21  GLU A CB  1 
ATOM   164  C CG  . GLU A 1 24  ? -0.00677  -12.37675 -2.53613  1.000 21.27776 ? 21  GLU A CG  1 
ATOM   165  C CD  . GLU A 1 24  ? -0.19480  -13.86010 -2.20113  1.000 21.89706 ? 21  GLU A CD  1 
ATOM   166  O OE1 . GLU A 1 24  ? -1.35324  -14.31600 -2.09735  1.000 23.78437 ? 21  GLU A OE1 1 
ATOM   167  O OE2 . GLU A 1 24  ? 0.84273   -14.56068 -2.03614  1.000 24.23428 ? 21  GLU A OE2 1 
ATOM   168  N N   . ALA A 1 25  ? -2.97317  -10.49108 -5.62481  1.000 19.07250 ? 22  ALA A N   1 
ATOM   169  C CA  . ALA A 1 25  ? -4.16628  -9.70799  -5.93289  1.000 17.82333 ? 22  ALA A CA  1 
ATOM   170  C C   . ALA A 1 25  ? -5.18237  -10.49624 -6.74931  1.000 17.75278 ? 22  ALA A C   1 
ATOM   171  O O   . ALA A 1 25  ? -6.38835  -10.27123 -6.62178  1.000 18.76999 ? 22  ALA A O   1 
ATOM   172  C CB  . ALA A 1 25  ? -3.77307  -8.41777  -6.64528  1.000 18.96981 ? 22  ALA A CB  1 
ATOM   173  N N   . VAL A 1 26  ? -4.71753  -11.42789 -7.58425  1.000 18.47565 ? 23  VAL A N   1 
ATOM   174  C CA  . VAL A 1 26  ? -5.66944  -12.19392 -8.38333  1.000 22.92846 ? 23  VAL A CA  1 
ATOM   175  C C   . VAL A 1 26  ? -6.64458  -12.95411 -7.49124  1.000 21.04642 ? 23  VAL A C   1 
ATOM   176  O O   . VAL A 1 26  ? -7.79851  -13.17114 -7.87281  1.000 22.89539 ? 23  VAL A O   1 
ATOM   177  C CB  . VAL A 1 26  ? -4.95611  -13.10615 -9.40038  1.000 26.11133 ? 23  VAL A CB  1 
ATOM   178  C CG1 . VAL A 1 26  ? -4.15073  -12.26833 -10.38723 1.000 33.13713 ? 23  VAL A CG1 1 
ATOM   179  C CG2 . VAL A 1 26  ? -4.07180  -14.11290 -8.69078  1.000 25.77556 ? 23  VAL A CG2 1 
ATOM   180  N N   . LYS A 1 27  ? -6.20946  -13.34653 -6.28599  1.000 18.93177 ? 24  LYS A N   1 
ATOM   181  C CA  . LYS A 1 27  ? -7.07317  -14.08095 -5.37014  1.000 17.96650 ? 24  LYS A CA  1 
ATOM   182  C C   . LYS A 1 27  ? -8.14460  -13.18748 -4.77890  1.000 20.15133 ? 24  LYS A C   1 
ATOM   183  O O   . LYS A 1 27  ? -9.19156  -13.67856 -4.34966  1.000 19.35403 ? 24  LYS A O   1 
ATOM   184  C CB  . LYS A 1 27  ? -6.23402  -14.66439 -4.24240  1.000 20.25249 ? 24  LYS A CB  1 
ATOM   185  C CG  . LYS A 1 27  ? -5.19056  -15.64538 -4.70898  1.000 20.72990 ? 24  LYS A CG  1 
ATOM   186  C CD  . LYS A 1 27  ? -4.22129  -15.92443 -3.58699  1.000 23.26833 ? 24  LYS A CD  1 
ATOM   187  C CE  . LYS A 1 27  ? -3.11445  -16.87376 -4.00835  1.000 29.25126 ? 24  LYS A CE  1 
ATOM   188  N NZ  . LYS A 1 27  ? -2.15724  -17.11072 -2.88864  1.000 31.27958 ? 24  LYS A NZ  1 
ATOM   189  N N   . TYR A 1 28  ? -7.89405  -11.88211 -4.71553  1.000 17.70857 ? 25  TYR A N   1 
ATOM   190  C CA  . TYR A 1 28  ? -8.79484  -10.93566 -4.07962  1.000 18.76702 ? 25  TYR A CA  1 
ATOM   191  C C   . TYR A 1 28  ? -9.59529  -10.11841 -5.07410  1.000 19.70752 ? 25  TYR A C   1 
ATOM   192  O O   . TYR A 1 28  ? -10.40134 -9.28274  -4.65239  1.000 19.70801 ? 25  TYR A O   1 
ATOM   193  C CB  . TYR A 1 28  ? -8.01443  -9.98183  -3.16244  1.000 19.01140 ? 25  TYR A CB  1 
ATOM   194  C CG  . TYR A 1 28  ? -7.41350  -10.64796 -1.95218  1.000 18.02491 ? 25  TYR A CG  1 
ATOM   195  C CD1 . TYR A 1 28  ? -6.24977  -11.39042 -2.05751  1.000 19.28620 ? 25  TYR A CD1 1 
ATOM   196  C CD2 . TYR A 1 28  ? -8.00791  -10.53910 -0.69802  1.000 19.58874 ? 25  TYR A CD2 1 
ATOM   197  C CE1 . TYR A 1 28  ? -5.69732  -12.02600 -0.95868  1.000 22.88009 ? 25  TYR A CE1 1 
ATOM   198  C CE2 . TYR A 1 28  ? -7.45378  -11.16263 0.41107   1.000 21.66204 ? 25  TYR A CE2 1 
ATOM   199  C CZ  . TYR A 1 28  ? -6.29692  -11.90359 0.27381   1.000 20.21871 ? 25  TYR A CZ  1 
ATOM   200  O OH  . TYR A 1 28  ? -5.74045  -12.55927 1.35746   1.000 25.48183 ? 25  TYR A OH  1 
ATOM   201  N N   . LYS A 1 29  ? -9.41846  -10.33731 -6.37326  1.000 18.86959 ? 26  LYS A N   1 
ATOM   202  C CA  . LYS A 1 29  ? -9.95668  -9.37890  -7.33410  1.000 21.02913 ? 26  LYS A CA  1 
ATOM   203  C C   . LYS A 1 29  ? -11.48141 -9.41201  -7.38541  1.000 22.07505 ? 26  LYS A C   1 
ATOM   204  O O   . LYS A 1 29  ? -12.12150 -8.36011  -7.51747  1.000 19.76596 ? 26  LYS A O   1 
ATOM   205  C CB  . LYS A 1 29  ? -9.33431  -9.56744  -8.71840  1.000 29.37597 ? 26  LYS A CB  1 
ATOM   206  C CG  . LYS A 1 29  ? -9.67829  -10.86953 -9.39837  1.000 29.22043 ? 26  LYS A CG  1 
ATOM   207  C CD  . LYS A 1 29  ? -9.16903  -10.90494 -10.84132 1.000 29.99421 ? 26  LYS A CD  1 
ATOM   208  C CE  . LYS A 1 29  ? -9.90544  -9.90658  -11.72734 1.000 35.65956 ? 26  LYS A CE  1 
ATOM   209  N NZ  . LYS A 1 29  ? -9.43652  -9.92796  -13.14835 1.000 38.25812 ? 26  LYS A NZ  1 
ATOM   210  N N   . ASP A 1 30  ? -12.08802 -10.60067 -7.27526  1.000 21.41912 ? 27  ASP A N   1 
ATOM   211  C CA  . ASP A 1 30  ? -13.54616 -10.69030 -7.32588  1.000 20.55778 ? 27  ASP A CA  1 
ATOM   212  C C   . ASP A 1 30  ? -14.19375 -10.04300 -6.11213  1.000 21.06338 ? 27  ASP A C   1 
ATOM   213  O O   . ASP A 1 30  ? -15.23092 -9.38349  -6.23549  1.000 23.61728 ? 27  ASP A O   1 
ATOM   214  C CB  . ASP A 1 30  ? -14.00733 -12.14201 -7.46146  1.000 25.01222 ? 27  ASP A CB  1 
ATOM   215  C CG  . ASP A 1 30  ? -13.57535 -12.76939 -8.77319  1.000 32.19522 ? 27  ASP A CG  1 
ATOM   216  O OD1 . ASP A 1 30  ? -13.46436 -12.03897 -9.77837  1.000 35.96670 ? 27  ASP A OD1 1 
ATOM   217  O OD2 . ASP A 1 30  ? -13.33173 -13.99601 -8.79843  1.000 38.28949 ? 27  ASP A OD2 1 
ATOM   218  N N   . ALA A 1 31  ? -13.62290 -10.24712 -4.92802  1.000 20.06227 ? 28  ALA A N   1 
ATOM   219  C CA  . ALA A 1 31  ? -14.18268 -9.63406  -3.73454  1.000 20.34681 ? 28  ALA A CA  1 
ATOM   220  C C   . ALA A 1 31  ? -14.03986 -8.12378  -3.79529  1.000 20.10897 ? 28  ALA A C   1 
ATOM   221  O O   . ALA A 1 31  ? -14.90900 -7.39403  -3.30839  1.000 19.14687 ? 28  ALA A O   1 
ATOM   222  C CB  . ALA A 1 31  ? -13.47416 -10.17642 -2.49586  1.000 22.90955 ? 28  ALA A CB  1 
ATOM   223  N N   . PHE A 1 32  ? -12.93028 -7.64749  -4.35629  1.000 17.38736 ? 29  PHE A N   1 
ATOM   224  C CA  . PHE A 1 32  ? -12.75288 -6.21213  -4.55132  1.000 17.74831 ? 29  PHE A CA  1 
ATOM   225  C C   . PHE A 1 32  ? -13.84205 -5.64155  -5.45428  1.000 17.34093 ? 29  PHE A C   1 
ATOM   226  O O   . PHE A 1 32  ? -14.48356 -4.63782  -5.11903  1.000 18.02364 ? 29  PHE A O   1 
ATOM   227  C CB  . PHE A 1 32  ? -11.36233 -5.94740  -5.11967  1.000 18.40900 ? 29  PHE A CB  1 
ATOM   228  C CG  . PHE A 1 32  ? -11.04427 -4.48858  -5.24780  1.000 20.42580 ? 29  PHE A CG  1 
ATOM   229  C CD1 . PHE A 1 32  ? -10.69816 -3.74712  -4.14007  1.000 24.28616 ? 29  PHE A CD1 1 
ATOM   230  C CD2 . PHE A 1 32  ? -11.10066 -3.85558  -6.47553  1.000 22.90062 ? 29  PHE A CD2 1 
ATOM   231  C CE1 . PHE A 1 32  ? -10.40119 -2.39915  -4.25620  1.000 26.24188 ? 29  PHE A CE1 1 
ATOM   232  C CE2 . PHE A 1 32  ? -10.80958 -2.51348  -6.59336  1.000 28.09235 ? 29  PHE A CE2 1 
ATOM   233  C CZ  . PHE A 1 32  ? -10.45774 -1.78934  -5.48574  1.000 25.50931 ? 29  PHE A CZ  1 
ATOM   234  N N   . LEU A 1 33  ? -14.10219 -6.31561  -6.57600  1.000 18.00392 ? 30  LEU A N   1 
ATOM   235  C CA  . LEU A 1 33  ? -15.13677 -5.83802  -7.48730  1.000 18.78913 ? 30  LEU A CA  1 
ATOM   236  C C   . LEU A 1 33  ? -16.51862 -5.85658  -6.84314  1.000 20.40165 ? 30  LEU A C   1 
ATOM   237  O O   . LEU A 1 33  ? -17.33718 -4.96856  -7.09948  1.000 21.71213 ? 30  LEU A O   1 
ATOM   238  C CB  . LEU A 1 33  ? -15.12741 -6.64386  -8.78463  1.000 24.59357 ? 30  LEU A CB  1 
ATOM   239  C CG  . LEU A 1 33  ? -14.02136 -6.31892  -9.78628  1.000 28.74209 ? 30  LEU A CG  1 
ATOM   240  C CD1 . LEU A 1 33  ? -14.08365 -7.23426  -11.00346 1.000 36.62753 ? 30  LEU A CD1 1 
ATOM   241  C CD2 . LEU A 1 33  ? -14.13619 -4.87457  -10.22651 1.000 29.01197 ? 30  LEU A CD2 1 
ATOM   242  N N   . ARG A 1 34  ? -16.82115 -6.87123  -6.02639  1.000 20.21047 ? 31  ARG A N   1 
ATOM   243  C CA  A ARG A 1 34  ? -18.12963 -6.90581  -5.38010  0.411 22.11814 ? 31  ARG A CA  1 
ATOM   244  C CA  B ARG A 1 34  ? -18.12211 -6.92078  -5.35683  0.589 22.11352 ? 31  ARG A CA  1 
ATOM   245  C C   . ARG A 1 34  ? -18.32238 -5.71322  -4.45074  1.000 21.45484 ? 31  ARG A C   1 
ATOM   246  O O   . ARG A 1 34  ? -19.39772 -5.10152  -4.42642  1.000 23.59959 ? 31  ARG A O   1 
ATOM   247  C CB  A ARG A 1 34  ? -18.32780 -8.22205  -4.62556  0.411 22.96789 ? 31  ARG A CB  1 
ATOM   248  C CB  B ARG A 1 34  ? -18.25124 -8.20280  -4.52915  0.589 22.92140 ? 31  ARG A CB  1 
ATOM   249  C CG  A ARG A 1 34  ? -19.22269 -9.22148  -5.34882  0.411 23.67855 ? 31  ARG A CG  1 
ATOM   250  C CG  B ARG A 1 34  ? -18.59457 -9.46168  -5.30742  0.589 24.09295 ? 31  ARG A CG  1 
ATOM   251  C CD  A ARG A 1 34  ? -19.49233 -10.46081 -4.49791  0.411 25.51257 ? 31  ARG A CD  1 
ATOM   252  C CD  B ARG A 1 34  ? -19.02459 -10.59355 -4.35980  0.589 25.57006 ? 31  ARG A CD  1 
ATOM   253  N NE  A ARG A 1 34  ? -18.37778 -11.40414 -4.51637  0.411 26.95332 ? 31  ARG A NE  1 
ATOM   254  N NE  B ARG A 1 34  ? -17.96324 -11.01676 -3.45121  0.589 27.43402 ? 31  ARG A NE  1 
ATOM   255  C CZ  A ARG A 1 34  ? -17.48989 -11.54369 -3.54179  0.411 25.51368 ? 31  ARG A CZ  1 
ATOM   256  C CZ  B ARG A 1 34  ? -17.02546 -11.90391 -3.75307  0.589 27.29559 ? 31  ARG A CZ  1 
ATOM   257  N NH1 A ARG A 1 34  ? -17.56245 -10.82789 -2.43354  0.411 25.43259 ? 31  ARG A NH1 1 
ATOM   258  N NH1 B ARG A 1 34  ? -16.98374 -12.48840 -4.93919  0.589 22.96298 ? 31  ARG A NH1 1 
ATOM   259  N NH2 A ARG A 1 34  ? -16.50012 -12.42133 -3.68496  0.411 25.86013 ? 31  ARG A NH2 1 
ATOM   260  N NH2 B ARG A 1 34  ? -16.09988 -12.20600 -2.84360  0.589 24.93845 ? 31  ARG A NH2 1 
ATOM   261  N N   . ALA A 1 35  ? -17.30522 -5.37706  -3.67117  1.000 20.60804 ? 32  ALA A N   1 
ATOM   262  C CA  . ALA A 1 35  ? -17.41451 -4.22256  -2.79372  1.000 22.80394 ? 32  ALA A CA  1 
ATOM   263  C C   . ALA A 1 35  ? -17.52224 -2.93985  -3.60772  1.000 19.26979 ? 32  ALA A C   1 
ATOM   264  O O   . ALA A 1 35  ? -18.29401 -2.03843  -3.24220  1.000 20.38072 ? 32  ALA A O   1 
ATOM   265  C CB  . ALA A 1 35  ? -16.22166 -4.17651  -1.83866  1.000 22.74764 ? 32  ALA A CB  1 
ATOM   266  N N   . TYR A 1 36  ? -16.78138 -2.86157  -4.72453  1.000 17.44455 ? 33  TYR A N   1 
ATOM   267  C CA  . TYR A 1 36  ? -16.85914 -1.68322  -5.58583  1.000 18.32844 ? 33  TYR A CA  1 
ATOM   268  C C   . TYR A 1 36  ? -18.26014 -1.50867  -6.15264  1.000 19.63724 ? 33  TYR A C   1 
ATOM   269  O O   . TYR A 1 36  ? -18.83089 -0.41301  -6.11485  1.000 19.38510 ? 33  TYR A O   1 
ATOM   270  C CB  . TYR A 1 36  ? -15.82531 -1.74241  -6.71418  1.000 18.49390 ? 33  TYR A CB  1 
ATOM   271  C CG  . TYR A 1 36  ? -15.97412 -0.57162  -7.66313  1.000 18.04777 ? 33  TYR A CG  1 
ATOM   272  C CD1 . TYR A 1 36  ? -15.65992 0.72392   -7.25135  1.000 19.51695 ? 33  TYR A CD1 1 
ATOM   273  C CD2 . TYR A 1 36  ? -16.48873 -0.74625  -8.94006  1.000 16.98591 ? 33  TYR A CD2 1 
ATOM   274  C CE1 . TYR A 1 36  ? -15.82720 1.81302   -8.09808  1.000 19.06719 ? 33  TYR A CE1 1 
ATOM   275  C CE2 . TYR A 1 36  ? -16.64567 0.33987   -9.80645  1.000 19.54434 ? 33  TYR A CE2 1 
ATOM   276  C CZ  . TYR A 1 36  ? -16.30994 1.61109   -9.36888  1.000 18.67637 ? 33  TYR A CZ  1 
ATOM   277  O OH  . TYR A 1 36  ? -16.46484 2.71436   -10.18387 1.000 21.77198 ? 33  TYR A OH  1 
ATOM   278  N N   . ARG A 1 37  ? -18.82279 -2.57943  -6.70001  1.000 18.90385 ? 34  ARG A N   1 
ATOM   279  C CA  . ARG A 1 37  ? -20.13943 -2.46804  -7.32005  1.000 20.38493 ? 34  ARG A CA  1 
ATOM   280  C C   . ARG A 1 37  ? -21.23985 -2.18253  -6.30637  1.000 22.11948 ? 34  ARG A C   1 
ATOM   281  O O   . ARG A 1 37  ? -22.22808 -1.51977  -6.64458  1.000 25.21353 ? 34  ARG A O   1 
ATOM   282  C CB  . ARG A 1 37  ? -20.42414 -3.70185  -8.16322  1.000 24.05782 ? 34  ARG A CB  1 
ATOM   283  C CG  . ARG A 1 37  ? -19.47677 -3.80005  -9.33733  1.000 20.12384 ? 34  ARG A CG  1 
ATOM   284  C CD  . ARG A 1 37  ? -19.62210 -5.07681  -10.09307 1.000 29.26128 ? 34  ARG A CD  1 
ATOM   285  N NE  . ARG A 1 37  ? -18.62659 -5.14273  -11.15019 1.000 27.80180 ? 34  ARG A NE  1 
ATOM   286  C CZ  . ARG A 1 37  ? -18.44310 -6.19600  -11.93054 1.000 31.02783 ? 34  ARG A CZ  1 
ATOM   287  N NH1 . ARG A 1 37  ? -19.18972 -7.28273  -11.80926 1.000 36.16727 ? 34  ARG A NH1 1 
ATOM   288  N NH2 . ARG A 1 37  ? -17.48625 -6.15994  -12.85385 1.000 34.60355 ? 34  ARG A NH2 1 
ATOM   289  N N   . ALA A 1 38  ? -21.08879 -2.62334  -5.06270  1.000 19.40147 ? 35  ALA A N   1 
ATOM   290  C CA  . ALA A 1 38  ? -22.05491 -2.25791  -4.03253  1.000 21.01870 ? 35  ALA A CA  1 
ATOM   291  C C   . ALA A 1 38  ? -21.79916 -0.88176  -3.43520  1.000 21.47109 ? 35  ALA A C   1 
ATOM   292  O O   . ALA A 1 38  ? -22.55390 -0.45464  -2.55267  1.000 22.49121 ? 35  ALA A O   1 
ATOM   293  C CB  . ALA A 1 38  ? -22.03410 -3.30638  -2.92092  1.000 23.83620 ? 35  ALA A CB  1 
ATOM   294  N N   . ARG A 1 39  ? -20.73813 -0.20324  -3.87637  1.000 21.07392 ? 36  ARG A N   1 
ATOM   295  C CA  . ARG A 1 39  ? -20.27242 1.03952   -3.27120  1.000 21.78884 ? 36  ARG A CA  1 
ATOM   296  C C   . ARG A 1 39  ? -20.26267 0.94080   -1.74178  1.000 20.52715 ? 36  ARG A C   1 
ATOM   297  O O   . ARG A 1 39  ? -20.76560 1.79771   -1.01456  1.000 24.18289 ? 36  ARG A O   1 
ATOM   298  C CB  . ARG A 1 39  ? -21.03631 2.25085   -3.81109  1.000 21.38536 ? 36  ARG A CB  1 
ATOM   299  C CG  . ARG A 1 39  ? -20.89685 2.47027   -5.34926  1.000 22.96505 ? 36  ARG A CG  1 
ATOM   300  C CD  . ARG A 1 39  ? -19.45658 2.76956   -5.83981  1.000 21.18544 ? 36  ARG A CD  1 
ATOM   301  N NE  . ARG A 1 39  ? -19.45170 3.39867   -7.16049  1.000 20.26350 ? 36  ARG A NE  1 
ATOM   302  C CZ  . ARG A 1 39  ? -19.55372 2.74614   -8.30913  1.000 22.73130 ? 36  ARG A CZ  1 
ATOM   303  N NH1 . ARG A 1 39  ? -19.55319 1.42315   -8.36066  1.000 21.68112 ? 36  ARG A NH1 1 
ATOM   304  N NH2 . ARG A 1 39  ? -19.67798 3.43526   -9.44123  1.000 22.80003 ? 36  ARG A NH2 1 
ATOM   305  N N   . ASP A 1 40  ? -19.62190 -0.13238  -1.26003  1.000 21.00777 ? 37  ASP A N   1 
ATOM   306  C CA  . ASP A 1 40  ? -19.53010 -0.46470  0.16282   1.000 23.86200 ? 37  ASP A CA  1 
ATOM   307  C C   . ASP A 1 40  ? -18.14433 -0.04804  0.63800   1.000 18.62249 ? 37  ASP A C   1 
ATOM   308  O O   . ASP A 1 40  ? -17.15886 -0.75746  0.40828   1.000 20.80807 ? 37  ASP A O   1 
ATOM   309  C CB  . ASP A 1 40  ? -19.74345 -1.96473  0.34081   1.000 24.97448 ? 37  ASP A CB  1 
ATOM   310  C CG  . ASP A 1 40  ? -19.70847 -2.40854  1.80403   1.000 24.63258 ? 37  ASP A CG  1 
ATOM   311  O OD1 . ASP A 1 40  ? -19.42139 -1.58087  2.70134   1.000 27.26531 ? 37  ASP A OD1 1 
ATOM   312  O OD2 . ASP A 1 40  ? -19.98207 -3.59947  2.04436   1.000 35.36832 ? 37  ASP A OD2 1 
ATOM   313  N N   . GLY A 1 41  ? -18.06872 1.11168   1.29096   1.000 22.38555 ? 38  GLY A N   1 
ATOM   314  C CA  . GLY A 1 41  ? -16.77620 1.64803   1.69170   1.000 21.18524 ? 38  GLY A CA  1 
ATOM   315  C C   . GLY A 1 41  ? -16.07772 0.77896   2.72187   1.000 19.91311 ? 38  GLY A C   1 
ATOM   316  O O   . GLY A 1 41  ? -14.88399 0.47793   2.58963   1.000 22.95976 ? 38  GLY A O   1 
ATOM   317  N N   . ALA A 1 42  ? -16.81639 0.34090   3.74768   1.000 21.29957 ? 39  ALA A N   1 
ATOM   318  C CA  . ALA A 1 42  ? -16.21738 -0.52630  4.75964   1.000 20.20967 ? 39  ALA A CA  1 
ATOM   319  C C   . ALA A 1 42  ? -15.75352 -1.84854  4.15907   1.000 22.47058 ? 39  ALA A C   1 
ATOM   320  O O   . ALA A 1 42  ? -14.65052 -2.32919  4.46539   1.000 19.54639 ? 39  ALA A O   1 
ATOM   321  C CB  . ALA A 1 42  ? -17.19917 -0.76378  5.90533   1.000 26.32915 ? 39  ALA A CB  1 
ATOM   322  N N   . GLY A 1 43  ? -16.57079 -2.44613  3.29117   1.000 20.98747 ? 40  GLY A N   1 
ATOM   323  C CA  . GLY A 1 43  ? -16.17957 -3.68783  2.64564   1.000 20.94397 ? 40  GLY A CA  1 
ATOM   324  C C   . GLY A 1 43  ? -14.97832 -3.52337  1.72532   1.000 21.35537 ? 40  GLY A C   1 
ATOM   325  O O   . GLY A 1 43  ? -14.10856 -4.39994  1.65788   1.000 21.73689 ? 40  GLY A O   1 
ATOM   326  N N   . LEU A 1 44  ? -14.91284 -2.41305  0.98231   1.000 21.18993 ? 41  LEU A N   1 
ATOM   327  C CA  . LEU A 1 44  ? -13.75658 -2.21123  0.11484   1.000 19.36439 ? 41  LEU A CA  1 
ATOM   328  C C   . LEU A 1 44  ? -12.49240 -2.11723  0.95618   1.000 21.01403 ? 41  LEU A C   1 
ATOM   329  O O   . LEU A 1 44  ? -11.45707 -2.71684  0.62192   1.000 20.09957 ? 41  LEU A O   1 
ATOM   330  C CB  . LEU A 1 44  ? -13.93859 -0.94746  -0.71637  1.000 20.66094 ? 41  LEU A CB  1 
ATOM   331  C CG  . LEU A 1 44  ? -13.00397 -0.93429  -1.92230  1.000 20.79684 ? 41  LEU A CG  1 
ATOM   332  C CD1 . LEU A 1 44  ? -13.61956 -1.68457  -3.09154  1.000 22.18325 ? 41  LEU A CD1 1 
ATOM   333  C CD2 . LEU A 1 44  ? -12.66701 0.48315   -2.32123  1.000 22.19586 ? 41  LEU A CD2 1 
ATOM   334  N N   . ARG A 1 45  ? -12.57983 -1.39179  2.07097   1.000 20.39434 ? 42  ARG A N   1 
ATOM   335  C CA  . ARG A 1 45  ? -11.44575 -1.23775  2.97359   1.000 20.19385 ? 42  ARG A CA  1 
ATOM   336  C C   . ARG A 1 45  ? -11.00803 -2.57616  3.54696   1.000 18.89420 ? 42  ARG A C   1 
ATOM   337  O O   . ARG A 1 45  ? -9.80525  -2.84488  3.65285   1.000 18.86290 ? 42  ARG A O   1 
ATOM   338  C CB  . ARG A 1 45  ? -11.79021 -0.24553  4.08225   1.000 19.15792 ? 42  ARG A CB  1 
ATOM   339  C CG  . ARG A 1 45  ? -10.65832 -0.02920  5.06927   1.000 20.68826 ? 42  ARG A CG  1 
ATOM   340  C CD  . ARG A 1 45  ? -10.83713 1.24608   5.83923   1.000 24.05600 ? 42  ARG A CD  1 
ATOM   341  N NE  . ARG A 1 45  ? -9.73861  1.46157   6.77189   1.000 22.78620 ? 42  ARG A NE  1 
ATOM   342  C CZ  . ARG A 1 45  ? -9.52785  2.60694   7.40483   1.000 24.44041 ? 42  ARG A CZ  1 
ATOM   343  N NH1 . ARG A 1 45  ? -10.32002 3.64952   7.22022   1.000 25.15717 ? 42  ARG A NH1 1 
ATOM   344  N NH2 . ARG A 1 45  ? -8.48852  2.71336   8.22840   1.000 24.68567 ? 42  ARG A NH2 1 
ATOM   345  N N   . ARG A 1 46  ? -11.95538 -3.44666  3.89417   1.000 17.84350 ? 43  ARG A N   1 
ATOM   346  C CA  . ARG A 1 46  ? -11.56972 -4.74628  4.42590   1.000 19.76310 ? 43  ARG A CA  1 
ATOM   347  C C   . ARG A 1 46  ? -10.78365 -5.55620  3.39787   1.000 16.94300 ? 43  ARG A C   1 
ATOM   348  O O   . ARG A 1 46  ? -9.80217  -6.22125  3.75206   1.000 19.62045 ? 43  ARG A O   1 
ATOM   349  C CB  . ARG A 1 46  ? -12.80188 -5.51166  4.90562   1.000 21.20989 ? 43  ARG A CB  1 
ATOM   350  C CG  . ARG A 1 46  ? -13.36494 -5.03654  6.24154   1.000 23.87639 ? 43  ARG A CG  1 
ATOM   351  C CD  . ARG A 1 46  ? -14.37496 -6.03227  6.81556   1.000 31.97442 ? 43  ARG A CD  1 
ATOM   352  N NE  . ARG A 1 46  ? -15.62175 -6.07392  6.05685   1.000 44.92832 ? 43  ARG A NE  1 
ATOM   353  C CZ  . ARG A 1 46  ? -16.67286 -5.30211  6.30233   1.000 41.19414 ? 43  ARG A CZ  1 
ATOM   354  N NH1 . ARG A 1 46  ? -16.65900 -4.40484  7.27571   1.000 38.87968 ? 43  ARG A NH1 1 
ATOM   355  N NH2 . ARG A 1 46  ? -17.76427 -5.43462  5.55392   1.000 33.56690 ? 43  ARG A NH2 1 
ATOM   356  N N   . VAL A 1 47  ? -11.18822 -5.50713  2.11959   1.000 18.80963 ? 44  VAL A N   1 
ATOM   357  C CA  . VAL A 1 47  ? -10.51634 -6.31368  1.09684   1.000 17.32713 ? 44  VAL A CA  1 
ATOM   358  C C   . VAL A 1 47  ? -9.10965  -5.79150  0.82773   1.000 16.20428 ? 44  VAL A C   1 
ATOM   359  O O   . VAL A 1 47  ? -8.14526  -6.56062  0.74397   1.000 18.22774 ? 44  VAL A O   1 
ATOM   360  C CB  . VAL A 1 47  ? -11.34524 -6.37462  -0.19962  1.000 19.50741 ? 44  VAL A CB  1 
ATOM   361  C CG1 . VAL A 1 47  ? -10.58777 -7.13696  -1.27615  1.000 23.56346 ? 44  VAL A CG1 1 
ATOM   362  C CG2 . VAL A 1 47  ? -12.68429 -7.02278  0.06388   1.000 23.89017 ? 44  VAL A CG2 1 
ATOM   363  N N   . ILE A 1 48  ? -8.97487  -4.47890  0.66983   1.000 18.19952 ? 45  ILE A N   1 
ATOM   364  C CA  . ILE A 1 48  ? -7.65690  -3.88583  0.50116   1.000 18.85115 ? 45  ILE A CA  1 
ATOM   365  C C   . ILE A 1 48  ? -6.77514  -4.21815  1.69479   1.000 18.01582 ? 45  ILE A C   1 
ATOM   366  O O   . ILE A 1 48  ? -5.59579  -4.57362  1.54018   1.000 18.18126 ? 45  ILE A O   1 
ATOM   367  C CB  . ILE A 1 48  ? -7.80257  -2.36808  0.30264   1.000 19.22089 ? 45  ILE A CB  1 
ATOM   368  C CG1 . ILE A 1 48  ? -8.60032  -2.10173  -0.97449  1.000 18.74726 ? 45  ILE A CG1 1 
ATOM   369  C CG2 . ILE A 1 48  ? -6.45412  -1.68809  0.29894   1.000 19.89597 ? 45  ILE A CG2 1 
ATOM   370  C CD1 . ILE A 1 48  ? -9.07564  -0.67758  -1.12063  1.000 20.36029 ? 45  ILE A CD1 1 
ATOM   371  N N   . THR A 1 49  ? -7.34148  -4.11257  2.90187   1.000 17.67313 ? 46  THR A N   1 
ATOM   372  C CA  . THR A 1 49  ? -6.58174  -4.40100  4.11164   1.000 17.76017 ? 46  THR A CA  1 
ATOM   373  C C   . THR A 1 49  ? -6.12038  -5.84956  4.13752   1.000 17.32302 ? 46  THR A C   1 
ATOM   374  O O   . THR A 1 49  ? -4.97030  -6.13281  4.50195   1.000 19.08378 ? 46  THR A O   1 
ATOM   375  C CB  . THR A 1 49  ? -7.41501  -4.06425  5.35084   1.000 18.14706 ? 46  THR A CB  1 
ATOM   376  O OG1 . THR A 1 49  ? -7.70198  -2.66057  5.34134   1.000 20.29214 ? 46  THR A OG1 1 
ATOM   377  C CG2 . THR A 1 49  ? -6.68310  -4.42720  6.64593   1.000 20.61090 ? 46  THR A CG2 1 
ATOM   378  N N   . GLY A 1 50  ? -6.98265  -6.77667  3.72685   1.000 17.67100 ? 47  GLY A N   1 
ATOM   379  C CA  . GLY A 1 50  ? -6.60010  -8.17884  3.70112   1.000 17.70356 ? 47  GLY A CA  1 
ATOM   380  C C   . GLY A 1 50  ? -5.49119  -8.46097  2.70635   1.000 16.43752 ? 47  GLY A C   1 
ATOM   381  O O   . GLY A 1 50  ? -4.53128  -9.17156  3.01712   1.000 18.23505 ? 47  GLY A O   1 
ATOM   382  N N   . LEU A 1 51  ? -5.60999  -7.92140  1.49130   1.000 17.00040 ? 48  LEU A N   1 
ATOM   383  C CA  . LEU A 1 51  ? -4.54873  -8.09731  0.50225   1.000 16.33478 ? 48  LEU A CA  1 
ATOM   384  C C   . LEU A 1 51  ? -3.23640  -7.50918  1.00860   1.000 15.85319 ? 48  LEU A C   1 
ATOM   385  O O   . LEU A 1 51  ? -2.17561  -8.14145  0.91040   1.000 16.57667 ? 48  LEU A O   1 
ATOM   386  C CB  . LEU A 1 51  ? -4.95794  -7.45209  -0.81903  1.000 17.38897 ? 48  LEU A CB  1 
ATOM   387  C CG  . LEU A 1 51  ? -3.87117  -7.42077  -1.89611  1.000 17.21304 ? 48  LEU A CG  1 
ATOM   388  C CD1 . LEU A 1 51  ? -3.43272  -8.81511  -2.24947  1.000 18.69715 ? 48  LEU A CD1 1 
ATOM   389  C CD2 . LEU A 1 51  ? -4.35503  -6.68970  -3.13848  1.000 19.20930 ? 48  LEU A CD2 1 
ATOM   390  N N   . PHE A 1 52  ? -3.28366  -6.29516  1.55769   1.000 14.71249 ? 49  PHE A N   1 
ATOM   391  C CA  . PHE A 1 52  ? -2.06703  -5.67113  2.04710   1.000 15.44944 ? 49  PHE A CA  1 
ATOM   392  C C   . PHE A 1 52  ? -1.44159  -6.46593  3.17292   1.000 15.63821 ? 49  PHE A C   1 
ATOM   393  O O   . PHE A 1 52  ? -0.21689  -6.62403  3.20953   1.000 16.27465 ? 49  PHE A O   1 
ATOM   394  C CB  . PHE A 1 52  ? -2.27954  -4.22087  2.47626   1.000 14.83632 ? 49  PHE A CB  1 
ATOM   395  C CG  . PHE A 1 52  ? -1.01667  -3.57567  2.93479   1.000 15.96888 ? 49  PHE A CG  1 
ATOM   396  C CD1 . PHE A 1 52  ? -0.07531  -3.19497  2.01850   1.000 18.14005 ? 49  PHE A CD1 1 
ATOM   397  C CD2 . PHE A 1 52  ? -0.73614  -3.40736  4.28348   1.000 18.42639 ? 49  PHE A CD2 1 
ATOM   398  C CE1 . PHE A 1 52  ? 1.12782   -2.63362  2.42157   1.000 21.97933 ? 49  PHE A CE1 1 
ATOM   399  C CE2 . PHE A 1 52  ? 0.47179   -2.85832  4.69359   1.000 20.64594 ? 49  PHE A CE2 1 
ATOM   400  C CZ  . PHE A 1 52  ? 1.39002   -2.46346  3.76040   1.000 19.25951 ? 49  PHE A CZ  1 
ATOM   401  N N   . SER A 1 53  ? -2.24811  -6.95515  4.11045   1.000 15.54146 ? 50  SER A N   1 
ATOM   402  C CA  . SER A 1 53  ? -1.71115  -7.77479  5.19681   1.000 17.24395 ? 50  SER A CA  1 
ATOM   403  C C   . SER A 1 53  ? -0.93426  -8.96511  4.64221   1.000 15.87611 ? 50  SER A C   1 
ATOM   404  O O   . SER A 1 53  ? 0.15178   -9.30141  5.13149   1.000 17.33523 ? 50  SER A O   1 
ATOM   405  C CB  . SER A 1 53  ? -2.85048  -8.23165  6.11134   1.000 17.48776 ? 50  SER A CB  1 
ATOM   406  O OG  . SER A 1 53  ? -2.39611  -9.19364  7.04573   1.000 23.96424 ? 50  SER A OG  1 
ATOM   407  N N   . LYS A 1 54  ? -1.49654  -9.62405  3.63181   1.000 16.77625 ? 51  LYS A N   1 
ATOM   408  C CA  . LYS A 1 54  ? -0.85417  -10.80231 3.05466   1.000 17.41582 ? 51  LYS A CA  1 
ATOM   409  C C   . LYS A 1 54  ? 0.44044   -10.43145 2.34333   1.000 16.72578 ? 51  LYS A C   1 
ATOM   410  O O   . LYS A 1 54  ? 1.47436   -11.08681 2.53421   1.000 17.44295 ? 51  LYS A O   1 
ATOM   411  C CB  . LYS A 1 54  ? -1.81581  -11.48257 2.08643   1.000 19.02067 ? 51  LYS A CB  1 
ATOM   412  C CG  . LYS A 1 54  ? -1.23855  -12.66327 1.34348   1.000 21.24165 ? 51  LYS A CG  1 
ATOM   413  C CD  . LYS A 1 54  ? -1.14908  -13.89838 2.22824   1.000 31.28619 ? 51  LYS A CD  1 
ATOM   414  C CE  . LYS A 1 54  ? -1.01652  -15.17177 1.40382   1.000 34.76731 ? 51  LYS A CE  1 
ATOM   415  N NZ  . LYS A 1 54  ? -2.26248  -15.50585 0.65818   1.000 36.25640 ? 51  LYS A NZ  1 
ATOM   416  N N   . VAL A 1 55  ? 0.40463   -9.38228  1.51169   1.000 15.38686 ? 52  VAL A N   1 
ATOM   417  C CA  . VAL A 1 55  ? 1.60629   -8.94952  0.80657   1.000 14.35630 ? 52  VAL A CA  1 
ATOM   418  C C   . VAL A 1 55  ? 2.66538   -8.51124  1.79894   1.000 15.76156 ? 52  VAL A C   1 
ATOM   419  O O   . VAL A 1 55  ? 3.83477   -8.91406  1.71043   1.000 16.48685 ? 52  VAL A O   1 
ATOM   420  C CB  . VAL A 1 55  ? 1.28438   -7.83569  -0.20713  1.000 14.44136 ? 52  VAL A CB  1 
ATOM   421  C CG1 . VAL A 1 55  ? 2.56220   -7.30494  -0.84609  1.000 18.36080 ? 52  VAL A CG1 1 
ATOM   422  C CG2 . VAL A 1 55  ? 0.35658   -8.33908  -1.25456  1.000 16.95326 ? 52  VAL A CG2 1 
ATOM   423  N N   . ASP A 1 56  ? 2.26909   -7.70455  2.77794   1.000 15.73980 ? 53  ASP A N   1 
ATOM   424  C CA  . ASP A 1 56  ? 3.22784   -7.16055  3.72631   1.000 15.26768 ? 53  ASP A CA  1 
ATOM   425  C C   . ASP A 1 56  ? 3.88196   -8.26538  4.55312   1.000 16.40077 ? 53  ASP A C   1 
ATOM   426  O O   . ASP A 1 56  ? 5.08921   -8.20946  4.82106   1.000 17.28398 ? 53  ASP A O   1 
ATOM   427  C CB  . ASP A 1 56  ? 2.55764   -6.10852  4.61284   1.000 17.85289 ? 53  ASP A CB  1 
ATOM   428  C CG  . ASP A 1 56  ? 3.54052   -5.12587  5.17617   1.000 18.00771 ? 53  ASP A CG  1 
ATOM   429  O OD1 . ASP A 1 56  ? 4.14728   -4.37571  4.38347   1.000 22.57572 ? 53  ASP A OD1 1 
ATOM   430  O OD2 . ASP A 1 56  ? 3.72065   -5.12851  6.40266   1.000 22.27935 ? 53  ASP A OD2 1 
ATOM   431  N N   . SER A 1 57  ? 3.09834   -9.26370  4.97506   1.000 15.64649 ? 54  SER A N   1 
ATOM   432  C CA  . SER A 1 57  ? 3.66041   -10.41322 5.68570   1.000 18.63841 ? 54  SER A CA  1 
ATOM   433  C C   . SER A 1 57  ? 4.73495   -11.09667 4.84511   1.000 17.83131 ? 54  SER A C   1 
ATOM   434  O O   . SER A 1 57  ? 5.83262   -11.39923 5.33774   1.000 19.62980 ? 54  SER A O   1 
ATOM   435  C CB  . SER A 1 57  ? 2.54891   -11.40061 6.03802   1.000 19.10092 ? 54  SER A CB  1 
ATOM   436  O OG  . SER A 1 57  ? 3.09009   -12.60530 6.56562   1.000 25.03077 ? 54  SER A OG  1 
ATOM   437  N N   . ARG A 1 58  ? 4.44379   -11.32025 3.56391   1.000 17.01351 ? 55  ARG A N   1 
ATOM   438  C CA  . ARG A 1 58  ? 5.43222   -11.90273 2.66869   1.000 18.01248 ? 55  ARG A CA  1 
ATOM   439  C C   . ARG A 1 58  ? 6.62833   -10.97481 2.49529   1.000 18.06137 ? 55  ARG A C   1 
ATOM   440  O O   . ARG A 1 58  ? 7.78008   -11.43053 2.49857   1.000 19.93880 ? 55  ARG A O   1 
ATOM   441  C CB  . ARG A 1 58  ? 4.77977   -12.26062 1.32759   1.000 17.21824 ? 55  ARG A CB  1 
ATOM   442  C CG  . ARG A 1 58  ? 3.82609   -13.43921 1.37404   1.000 19.82484 ? 55  ARG A CG  1 
ATOM   443  C CD  . ARG A 1 58  ? 3.41945   -13.86968 -0.02966  1.000 20.19880 ? 55  ARG A CD  1 
ATOM   444  N NE  . ARG A 1 58  ? 4.59709   -14.24829 -0.80160  1.000 19.85025 ? 55  ARG A NE  1 
ATOM   445  C CZ  . ARG A 1 58  ? 4.62749   -14.45181 -2.11110  1.000 19.50644 ? 55  ARG A CZ  1 
ATOM   446  N NH1 . ARG A 1 58  ? 3.52646   -14.42507 -2.84147  1.000 20.25743 ? 55  ARG A NH1 1 
ATOM   447  N NH2 . ARG A 1 58  ? 5.79453   -14.70002 -2.69869  1.000 19.91305 ? 55  ARG A NH2 1 
ATOM   448  N N   . LEU A 1 59  ? 6.40493   -9.65918  2.43049   1.000 17.66275 ? 56  LEU A N   1 
ATOM   449  C CA  . LEU A 1 59  ? 7.53770   -8.74944  2.26164   1.000 18.50978 ? 56  LEU A CA  1 
ATOM   450  C C   . LEU A 1 59  ? 8.51357   -8.83632  3.42831   1.000 19.40900 ? 56  LEU A C   1 
ATOM   451  O O   . LEU A 1 59  ? 9.73531   -8.78703  3.23272   1.000 20.97406 ? 56  LEU A O   1 
ATOM   452  C CB  . LEU A 1 59  ? 7.07154   -7.30840  2.07965   1.000 18.54067 ? 56  LEU A CB  1 
ATOM   453  C CG  . LEU A 1 59  ? 6.35767   -6.97061  0.77826   1.000 21.64349 ? 56  LEU A CG  1 
ATOM   454  C CD1 . LEU A 1 59  ? 5.86159   -5.54460  0.81166   1.000 21.04417 ? 56  LEU A CD1 1 
ATOM   455  C CD2 . LEU A 1 59  ? 7.30368   -7.16246  -0.39276  1.000 27.28811 ? 56  LEU A CD2 1 
ATOM   456  N N   . TYR A 1 60  ? 8.00469   -8.92392  4.65447   1.000 17.79933 ? 57  TYR A N   1 
ATOM   457  C CA  . TYR A 1 60  ? 8.88582   -8.97432  5.81652   1.000 21.03320 ? 57  TYR A CA  1 
ATOM   458  C C   . TYR A 1 60  ? 9.56018   -10.33011 6.00294   1.000 22.65974 ? 57  TYR A C   1 
ATOM   459  O O   . TYR A 1 60  ? 10.49997  -10.43875 6.80399   1.000 24.08892 ? 57  TYR A O   1 
ATOM   460  C CB  . TYR A 1 60  ? 8.17603   -8.45107  7.07847   1.000 18.94126 ? 57  TYR A CB  1 
ATOM   461  C CG  . TYR A 1 60  ? 8.23149   -6.93258  7.13320   1.000 17.70853 ? 57  TYR A CG  1 
ATOM   462  C CD1 . TYR A 1 60  ? 7.31610   -6.15031  6.43519   1.000 18.53061 ? 57  TYR A CD1 1 
ATOM   463  C CD2 . TYR A 1 60  ? 9.21683   -6.29315  7.85678   1.000 20.73789 ? 57  TYR A CD2 1 
ATOM   464  C CE1 . TYR A 1 60  ? 7.39054   -4.75136  6.47074   1.000 19.61007 ? 57  TYR A CE1 1 
ATOM   465  C CE2 . TYR A 1 60  ? 9.29985   -4.91867  7.90111   1.000 23.29059 ? 57  TYR A CE2 1 
ATOM   466  C CZ  . TYR A 1 60  ? 8.38430   -4.15530  7.20765   1.000 19.93986 ? 57  TYR A CZ  1 
ATOM   467  O OH  . TYR A 1 60  ? 8.49359   -2.78737  7.28118   1.000 23.59806 ? 57  TYR A OH  1 
ATOM   468  N N   . LYS A 1 61  ? 9.14298   -11.34898 5.25725   1.000 22.17325 ? 58  LYS A N   1 
ATOM   469  C CA  . LYS A 1 61  ? 9.88315   -12.60426 5.17372   1.000 22.58867 ? 58  LYS A CA  1 
ATOM   470  C C   . LYS A 1 61  ? 10.83604  -12.67430 3.97861   1.000 25.77746 ? 58  LYS A C   1 
ATOM   471  O O   . LYS A 1 61  ? 11.87595  -13.34114 4.07191   1.000 26.28897 ? 58  LYS A O   1 
ATOM   472  C CB  . LYS A 1 61  ? 8.89967   -13.77677 5.12599   1.000 24.95818 ? 58  LYS A CB  1 
ATOM   473  C CG  . LYS A 1 61  ? 7.99322   -13.85369 6.34956   1.000 25.79644 ? 58  LYS A CG  1 
ATOM   474  C CD  . LYS A 1 61  ? 6.82771   -14.80493 6.13643   1.000 27.62285 ? 58  LYS A CD  1 
ATOM   475  C CE  . LYS A 1 61  ? 5.95766   -14.91681 7.38148   1.000 34.11155 ? 58  LYS A CE  1 
ATOM   476  N NZ  . LYS A 1 61  ? 4.76308   -15.78219 7.15874   1.000 34.98998 ? 58  LYS A NZ  1 
ATOM   477  N N   . GLU A 1 62  ? 10.56256  -11.96273 2.87550   1.000 24.30120 ? 59  GLU A N   1 
ATOM   478  C CA  . GLU A 1 62  ? 11.24975  -12.19160 1.60451   1.000 22.08260 ? 59  GLU A CA  1 
ATOM   479  C C   . GLU A 1 62  ? 11.99931  -10.98904 1.02186   1.000 26.70405 ? 59  GLU A C   1 
ATOM   480  O O   . GLU A 1 62  ? 12.91637  -11.19034 0.21298   1.000 25.40661 ? 59  GLU A O   1 
ATOM   481  C CB  . GLU A 1 62  ? 10.23831  -12.69788 0.55103   1.000 24.83358 ? 59  GLU A CB  1 
ATOM   482  C CG  . GLU A 1 62  ? 9.34583   -13.86026 1.04324   1.000 21.84824 ? 59  GLU A CG  1 
ATOM   483  C CD  . GLU A 1 62  ? 8.08119   -14.16796 0.17847   1.000 22.53880 ? 59  GLU A CD  1 
ATOM   484  O OE1 . GLU A 1 62  ? 8.03098   -13.77454 -1.00647  1.000 21.91368 ? 59  GLU A OE1 1 
ATOM   485  O OE2 . GLU A 1 62  ? 7.14650   -14.81685 0.68662   1.000 23.23642 ? 59  GLU A OE2 1 
ATOM   486  N N   . VAL A 1 63  ? 11.63877  -9.75952  1.36799   1.000 26.28662 ? 60  VAL A N   1 
ATOM   487  C CA  . VAL A 1 63  ? 12.14906  -8.59730  0.65260   1.000 29.84267 ? 60  VAL A CA  1 
ATOM   488  C C   . VAL A 1 63  ? 12.77727  -7.63936  1.65005   1.000 29.39416 ? 60  VAL A C   1 
ATOM   489  O O   . VAL A 1 63  ? 13.91026  -7.18012  1.46650   1.000 32.82014 ? 60  VAL A O   1 
ATOM   490  C CB  . VAL A 1 63  ? 11.02538  -7.91270  -0.15007  1.000 26.29558 ? 60  VAL A CB  1 
ATOM   491  C CG1 . VAL A 1 63  ? 11.53531  -6.67111  -0.86506  1.000 28.72093 ? 60  VAL A CG1 1 
ATOM   492  C CG2 . VAL A 1 63  ? 10.38787  -8.89523  -1.14101  1.000 23.97513 ? 60  VAL A CG2 1 
ATOM   493  N N   . LEU A 1 64  ? 12.05213  -7.35189  2.72467   1.000 25.13601 ? 61  LEU A N   1 
ATOM   494  C CA  . LEU A 1 64  ? 12.47359  -6.36194  3.70812   1.000 25.10852 ? 61  LEU A CA  1 
ATOM   495  C C   . LEU A 1 64  ? 13.08506  -7.07883  4.90877   1.000 25.52297 ? 61  LEU A C   1 
ATOM   496  O O   . LEU A 1 64  ? 12.48665  -7.20758  5.97432   1.000 23.52439 ? 61  LEU A O   1 
ATOM   497  C CB  . LEU A 1 64  ? 11.28463  -5.48800  4.10239   1.000 26.23850 ? 61  LEU A CB  1 
ATOM   498  C CG  . LEU A 1 64  ? 10.55869  -4.82405  2.92578   1.000 24.90648 ? 61  LEU A CG  1 
ATOM   499  C CD1 . LEU A 1 64  ? 9.28557   -4.13327  3.39297   1.000 26.24972 ? 61  LEU A CD1 1 
ATOM   500  C CD2 . LEU A 1 64  ? 11.45917  -3.83149  2.23887   1.000 29.19382 ? 61  LEU A CD2 1 
ATOM   501  N N   . THR A 1 65  ? 14.31304  -7.55945  4.69983   1.000 28.77319 ? 62  THR A N   1 
ATOM   502  C CA  . THR A 1 65  ? 14.96617  -8.48206  5.61428   1.000 28.19159 ? 62  THR A CA  1 
ATOM   503  C C   . THR A 1 65  ? 16.29811  -7.98207  6.15203   1.000 27.23564 ? 62  THR A C   1 
ATOM   504  O O   . THR A 1 65  ? 16.96019  -8.72298  6.88986   1.000 31.75201 ? 62  THR A O   1 
ATOM   505  C CB  . THR A 1 65  ? 15.20488  -9.82446  4.91179   1.000 26.27166 ? 62  THR A CB  1 
ATOM   506  O OG1 . THR A 1 65  ? 16.00721  -9.59896  3.74234   1.000 25.39999 ? 62  THR A OG1 1 
ATOM   507  C CG2 . THR A 1 65  ? 13.88087  -10.45278 4.50689   1.000 25.80904 ? 62  THR A CG2 1 
ATOM   508  N N   . ASP A 1 66  ? 16.72517  -6.77732  5.80052   1.000 26.40314 ? 63  ASP A N   1 
ATOM   509  C CA  . ASP A 1 66  ? 17.99963  -6.29456  6.30749   1.000 26.34266 ? 63  ASP A CA  1 
ATOM   510  C C   . ASP A 1 66  ? 17.97219  -4.77837  6.40334   1.000 31.10007 ? 63  ASP A C   1 
ATOM   511  O O   . ASP A 1 66  ? 17.04130  -4.11935  5.93471   1.000 28.48766 ? 63  ASP A O   1 
ATOM   512  C CB  . ASP A 1 66  ? 19.17046  -6.79679  5.45743   1.000 31.27416 ? 63  ASP A CB  1 
ATOM   513  C CG  . ASP A 1 66  ? 18.93711  -6.59809  3.97906   1.000 32.15430 ? 63  ASP A CG  1 
ATOM   514  O OD1 . ASP A 1 66  ? 18.83073  -5.43229  3.54822   1.000 32.64002 ? 63  ASP A OD1 1 
ATOM   515  O OD2 . ASP A 1 66  ? 18.86188  -7.60900  3.24791   1.000 34.05363 ? 63  ASP A OD2 1 
ATOM   516  N N   . VAL A 1 67  ? 19.03083  -4.23571  7.01502   1.000 27.83642 ? 64  VAL A N   1 
ATOM   517  C CA  . VAL A 1 67  ? 19.10679  -2.79109  7.23702   1.000 26.56978 ? 64  VAL A CA  1 
ATOM   518  C C   . VAL A 1 67  ? 19.12448  -1.98819  5.94168   1.000 27.34973 ? 64  VAL A C   1 
ATOM   519  O O   . VAL A 1 67  ? 18.33209  -1.03890  5.81972   1.000 32.96415 ? 64  VAL A O   1 
ATOM   520  C CB  . VAL A 1 67  ? 20.26019  -2.45794  8.20175   1.000 25.05237 ? 64  VAL A CB  1 
ATOM   521  C CG1 . VAL A 1 67  ? 20.64202  -0.98584  8.10798   1.000 28.00711 ? 64  VAL A CG1 1 
ATOM   522  C CG2 . VAL A 1 67  ? 19.87937  -2.85311  9.62521   1.000 26.53914 ? 64  VAL A CG2 1 
ATOM   523  N N   . PRO A 1 68  ? 19.99103  -2.27803  4.96045   1.000 29.87966 ? 65  PRO A N   1 
ATOM   524  C CA  . PRO A 1 68  ? 20.02557  -1.42230  3.76091   1.000 33.20966 ? 65  PRO A CA  1 
ATOM   525  C C   . PRO A 1 68  ? 18.70681  -1.37282  3.00662   1.000 26.02647 ? 65  PRO A C   1 
ATOM   526  O O   . PRO A 1 68  ? 18.37539  -0.32993  2.43270   1.000 30.94238 ? 65  PRO A O   1 
ATOM   527  C CB  . PRO A 1 68  ? 21.15766  -2.02961  2.92053   1.000 36.61438 ? 65  PRO A CB  1 
ATOM   528  C CG  . PRO A 1 68  ? 22.01042  -2.74884  3.91557   1.000 35.52124 ? 65  PRO A CG  1 
ATOM   529  C CD  . PRO A 1 68  ? 21.06421  -3.28958  4.93723   1.000 35.01063 ? 65  PRO A CD  1 
ATOM   530  N N   . THR A 1 69  ? 17.94305  -2.46446  2.99844   1.000 30.14418 ? 66  THR A N   1 
ATOM   531  C CA  A THR A 1 69  ? 16.65667  -2.45160  2.30646   0.433 29.04011 ? 66  THR A CA  1 
ATOM   532  C CA  B THR A 1 69  ? 16.65352  -2.47368  2.31944   0.567 29.03029 ? 66  THR A CA  1 
ATOM   533  C C   . THR A 1 69  ? 15.64763  -1.56389  3.02368   1.000 28.98965 ? 66  THR A C   1 
ATOM   534  O O   . THR A 1 69  ? 14.91342  -0.80974  2.37361   1.000 29.27731 ? 66  THR A O   1 
ATOM   535  C CB  A THR A 1 69  ? 16.11283  -3.87137  2.13071   0.433 31.63567 ? 66  THR A CB  1 
ATOM   536  C CB  B THR A 1 69  ? 16.16010  -3.91761  2.25929   0.567 31.72748 ? 66  THR A CB  1 
ATOM   537  O OG1 A THR A 1 69  ? 16.14914  -4.56590  3.38386   0.433 30.31998 ? 66  THR A OG1 1 
ATOM   538  O OG1 B THR A 1 69  ? 17.11291  -4.71453  1.54139   0.567 33.30934 ? 66  THR A OG1 1 
ATOM   539  C CG2 A THR A 1 69  ? 16.93134  -4.63853  1.09571   0.433 32.20591 ? 66  THR A CG2 1 
ATOM   540  C CG2 B THR A 1 69  ? 14.83842  -4.00134  1.57584   0.567 28.32523 ? 66  THR A CG2 1 
ATOM   541  N N   . ILE A 1 70  ? 15.60829  -1.62065  4.35741   1.000 27.87664 ? 67  ILE A N   1 
ATOM   542  C CA  . ILE A 1 70  ? 14.70953  -0.76122  5.12173   1.000 25.75767 ? 67  ILE A CA  1 
ATOM   543  C C   . ILE A 1 70  ? 15.14791  0.69481   5.02386   1.000 23.99639 ? 67  ILE A C   1 
ATOM   544  O O   . ILE A 1 70  ? 14.32029  1.60543   4.88210   1.000 24.91055 ? 67  ILE A O   1 
ATOM   545  C CB  . ILE A 1 70  ? 14.65264  -1.24598  6.57988   1.000 26.62712 ? 67  ILE A CB  1 
ATOM   546  C CG1 . ILE A 1 70  ? 14.04341  -2.64586  6.65252   1.000 26.60080 ? 67  ILE A CG1 1 
ATOM   547  C CG2 . ILE A 1 70  ? 13.87270  -0.25188  7.44893   1.000 25.19887 ? 67  ILE A CG2 1 
ATOM   548  C CD1 . ILE A 1 70  ? 12.55289  -2.66924  6.39865   1.000 28.70345 ? 67  ILE A CD1 1 
ATOM   549  N N   . VAL A 1 71  ? 16.45913  0.93643   5.08864   1.000 26.07273 ? 68  VAL A N   1 
ATOM   550  C CA  . VAL A 1 71  ? 16.97541  2.29595   4.99735   1.000 24.03931 ? 68  VAL A CA  1 
ATOM   551  C C   . VAL A 1 71  ? 16.64263  2.90844   3.64174   1.000 25.38557 ? 68  VAL A C   1 
ATOM   552  O O   . VAL A 1 71  ? 16.24806  4.07921   3.54641   1.000 29.03372 ? 68  VAL A O   1 
ATOM   553  C CB  . VAL A 1 71  ? 18.48965  2.30432   5.28785   1.000 24.37653 ? 68  VAL A CB  1 
ATOM   554  C CG1 . VAL A 1 71  ? 19.09420  3.64563   4.93950   1.000 28.20292 ? 68  VAL A CG1 1 
ATOM   555  C CG2 . VAL A 1 71  ? 18.74782  1.97683   6.74336   1.000 26.47113 ? 68  VAL A CG2 1 
ATOM   556  N N   . ALA A 1 72  ? 16.78732  2.11680   2.57339   1.000 30.78155 ? 69  ALA A N   1 
ATOM   557  C CA  . ALA A 1 72  ? 16.54971  2.62227   1.22547   1.000 30.25367 ? 69  ALA A CA  1 
ATOM   558  C C   . ALA A 1 72  ? 15.07424  2.91452   0.99516   1.000 25.00915 ? 69  ALA A C   1 
ATOM   559  O O   . ALA A 1 72  ? 14.72480  3.91457   0.35623   1.000 28.48765 ? 69  ALA A O   1 
ATOM   560  C CB  . ALA A 1 72  ? 17.06364  1.61320   0.19703   1.000 27.38745 ? 69  ALA A CB  1 
ATOM   561  N N   . LEU A 1 73  ? 14.19558  2.04090   1.48917   1.000 27.32358 ? 70  LEU A N   1 
ATOM   562  C CA  . LEU A 1 73  ? 12.76059  2.26884   1.34279   1.000 27.18288 ? 70  LEU A CA  1 
ATOM   563  C C   . LEU A 1 73  ? 12.33995  3.56923   2.02069   1.000 23.42921 ? 70  LEU A C   1 
ATOM   564  O O   . LEU A 1 73  ? 11.61644  4.38718   1.43690   1.000 27.17150 ? 70  LEU A O   1 
ATOM   565  C CB  . LEU A 1 73  ? 11.98105  1.07298   1.89676   1.000 24.64552 ? 70  LEU A CB  1 
ATOM   566  C CG  . LEU A 1 73  ? 10.45251  1.20114   1.85052   1.000 28.17554 ? 70  LEU A CG  1 
ATOM   567  C CD1 . LEU A 1 73  ? 9.97671   1.39723   0.42369   1.000 30.65017 ? 70  LEU A CD1 1 
ATOM   568  C CD2 . LEU A 1 73  ? 9.75779   0.00715   2.50523   1.000 30.11657 ? 70  LEU A CD2 1 
ATOM   569  N N   . GLN A 1 74  ? 12.80480  3.79147   3.25051   1.000 23.77348 ? 71  GLN A N   1 
ATOM   570  C CA  . GLN A 1 74  ? 12.44529  5.01501   3.95582   1.000 23.29522 ? 71  GLN A CA  1 
ATOM   571  C C   . GLN A 1 74  ? 13.02460  6.25603   3.28468   1.000 25.46100 ? 71  GLN A C   1 
ATOM   572  O O   . GLN A 1 74  ? 12.38835  7.31786   3.28970   1.000 26.69101 ? 71  GLN A O   1 
ATOM   573  C CB  . GLN A 1 74  ? 12.85515  4.93420   5.42637   1.000 23.95971 ? 71  GLN A CB  1 
ATOM   574  C CG  . GLN A 1 74  ? 12.09009  3.88143   6.21986   1.000 25.81213 ? 71  GLN A CG  1 
ATOM   575  C CD  . GLN A 1 74  ? 10.58142  4.04967   6.15119   1.000 27.38619 ? 71  GLN A CD  1 
ATOM   576  O OE1 . GLN A 1 74  ? 10.06955  5.15810   6.00336   1.000 27.07560 ? 71  GLN A OE1 1 
ATOM   577  N NE2 . GLN A 1 74  ? 9.86202   2.93950   6.27317   1.000 27.66812 ? 71  GLN A NE2 1 
ATOM   578  N N   . ARG A 1 75  ? 14.21992  6.14639   2.69514   1.000 27.41452 ? 72  ARG A N   1 
ATOM   579  C CA  . ARG A 1 75  ? 14.82252  7.29650   2.02870   1.000 27.42267 ? 72  ARG A CA  1 
ATOM   580  C C   . ARG A 1 75  ? 13.98751  7.74124   0.83221   1.000 27.85149 ? 72  ARG A C   1 
ATOM   581  O O   . ARG A 1 75  ? 13.86727  8.94263   0.56416   1.000 30.13056 ? 72  ARG A O   1 
ATOM   582  C CB  . ARG A 1 75  ? 16.25697  6.96819   1.60830   1.000 32.81136 ? 72  ARG A CB  1 
ATOM   583  C CG  . ARG A 1 75  ? 17.10343  8.19388   1.29931   1.000 38.94499 ? 72  ARG A CG  1 
ATOM   584  C CD  . ARG A 1 75  ? 18.40672  7.83898   0.59127   1.000 49.05797 ? 72  ARG A CD  1 
ATOM   585  N NE  . ARG A 1 75  ? 18.70127  8.80916   -0.45606  1.000 55.28922 ? 72  ARG A NE  1 
ATOM   586  C CZ  . ARG A 1 75  ? 19.74504  8.75266   -1.27188  1.000 59.98375 ? 72  ARG A CZ  1 
ATOM   587  N NH1 . ARG A 1 75  ? 20.65055  7.79531   -1.17290  1.000 58.81273 ? 72  ARG A NH1 1 
ATOM   588  N NH2 . ARG A 1 75  ? 19.88278  9.68426   -2.21098  1.000 62.39360 ? 72  ARG A NH2 1 
ATOM   589  N N   . ARG A 1 76  ? 13.39691  6.81267   0.11710   1.000 26.86774 ? 73  ARG A N   1 
ATOM   590  C CA  . ARG A 1 76  ? 12.52465  7.12776   -1.01362  1.000 26.10896 ? 73  ARG A CA  1 
ATOM   591  C C   . ARG A 1 76  ? 11.34835  8.00755   -0.57166  1.000 28.53331 ? 73  ARG A C   1 
ATOM   592  O O   . ARG A 1 76  ? 10.90738  8.85763   -1.29356  1.000 32.51188 ? 73  ARG A O   1 
ATOM   593  C CB  . ARG A 1 76  ? 12.04922  5.86691   -1.69560  1.000 28.38924 ? 73  ARG A CB  1 
ATOM   594  C CG  . ARG A 1 76  ? 11.08065  6.07269   -2.85191  1.000 28.40202 ? 73  ARG A CG  1 
ATOM   595  C CD  . ARG A 1 76  ? 11.66197  6.95802   -3.93788  1.000 37.40107 ? 73  ARG A CD  1 
ATOM   596  N NE  . ARG A 1 76  ? 12.29724  6.16728   -4.96829  1.000 33.98156 ? 73  ARG A NE  1 
ATOM   597  C CZ  . ARG A 1 76  ? 11.64277  5.46956   -5.87960  1.000 36.91636 ? 73  ARG A CZ  1 
ATOM   598  N NH1 . ARG A 1 76  ? 10.32314  5.45468   -5.92452  1.000 32.67715 ? 73  ARG A NH1 1 
ATOM   599  N NH2 . ARG A 1 76  ? 12.33176  4.75638   -6.74031  1.000 34.87535 ? 73  ARG A NH2 1 
ATOM   600  N N   . ALA A 1 77  ? 10.84674  7.77965   0.62747   1.000 25.15894 ? 74  ALA A N   1 
ATOM   601  C CA  . ALA A 1 77  ? 9.77718   8.60474   1.16824   1.000 29.86469 ? 74  ALA A CA  1 
ATOM   602  C C   . ALA A 1 77  ? 10.29570  9.85050   1.87292   1.000 28.20402 ? 74  ALA A C   1 
ATOM   603  O O   . ALA A 1 77  ? 9.51207   10.54683  2.52574   1.000 31.68364 ? 74  ALA A O   1 
ATOM   604  C CB  . ALA A 1 77  ? 8.90930   7.79102   2.12615   1.000 24.68088 ? 74  ALA A CB  1 
ATOM   605  N N   . GLY A 1 78  ? 11.59192  10.13648  1.76847   1.000 29.85503 ? 75  GLY A N   1 
ATOM   606  C CA  . GLY A 1 78  ? 12.16068  11.30816  2.40532   1.000 29.17002 ? 75  GLY A CA  1 
ATOM   607  C C   . GLY A 1 78  ? 12.41789  11.18128  3.88963   1.000 30.96337 ? 75  GLY A C   1 
ATOM   608  O O   . GLY A 1 78  ? 12.47889  12.19954  4.58477   1.000 35.36562 ? 75  GLY A O   1 
ATOM   609  N N   . VAL A 1 79  ? 12.56949  9.96366   4.40369   1.000 27.07846 ? 76  VAL A N   1 
ATOM   610  C CA  . VAL A 1 79  ? 12.83507  9.72784   5.81727   1.000 30.44971 ? 76  VAL A CA  1 
ATOM   611  C C   . VAL A 1 79  ? 14.20472  9.06977   5.92237   1.000 27.83212 ? 76  VAL A C   1 
ATOM   612  O O   . VAL A 1 79  ? 14.41383  7.96942   5.39311   1.000 29.02646 ? 76  VAL A O   1 
ATOM   613  C CB  . VAL A 1 79  ? 11.74758  8.85475   6.46600   1.000 27.45403 ? 76  VAL A CB  1 
ATOM   614  C CG1 . VAL A 1 79  ? 11.99786  8.71166   7.95965   1.000 29.04462 ? 76  VAL A CG1 1 
ATOM   615  C CG2 . VAL A 1 79  ? 10.36087  9.43456   6.20423   1.000 26.80898 ? 76  VAL A CG2 1 
ATOM   616  N N   . ASP A 1 80  ? 15.13554  9.74102   6.59095   1.000 28.67488 ? 77  ASP A N   1 
ATOM   617  C CA  . ASP A 1 80  ? 16.48511  9.22822   6.78204   1.000 29.68957 ? 77  ASP A CA  1 
ATOM   618  C C   . ASP A 1 80  ? 16.55783  8.56934   8.15414   1.000 29.13158 ? 77  ASP A C   1 
ATOM   619  O O   . ASP A 1 80  ? 16.29083  9.21696   9.17037   1.000 32.36326 ? 77  ASP A O   1 
ATOM   620  C CB  . ASP A 1 80  ? 17.50437  10.36232  6.67953   1.000 36.27414 ? 77  ASP A CB  1 
ATOM   621  C CG  . ASP A 1 80  ? 17.24437  11.27505  5.49109   1.000 44.78672 ? 77  ASP A CG  1 
ATOM   622  O OD1 . ASP A 1 80  ? 17.12803  10.76855  4.35418   1.000 42.20725 ? 77  ASP A OD1 1 
ATOM   623  O OD2 . ASP A 1 80  ? 17.14105  12.50524  5.69769   1.000 53.75657 ? 77  ASP A OD2 1 
ATOM   624  N N   . ILE A 1 81  ? 16.90983  7.28855   8.18371   1.000 28.15885 ? 78  ILE A N   1 
ATOM   625  C CA  . ILE A 1 81  ? 17.00231  6.54159   9.43134   1.000 26.79199 ? 78  ILE A CA  1 
ATOM   626  C C   . ILE A 1 81  ? 18.38421  5.91005   9.53301   1.000 22.81357 ? 78  ILE A C   1 
ATOM   627  O O   . ILE A 1 81  ? 19.02493  5.60041   8.52150   1.000 27.71394 ? 78  ILE A O   1 
ATOM   628  C CB  . ILE A 1 81  ? 15.88931  5.47881   9.56792   1.000 25.68029 ? 78  ILE A CB  1 
ATOM   629  C CG1 . ILE A 1 81  ? 15.98024  4.45833   8.43421   1.000 25.46218 ? 78  ILE A CG1 1 
ATOM   630  C CG2 . ILE A 1 81  ? 14.52110  6.14109   9.57502   1.000 28.53841 ? 78  ILE A CG2 1 
ATOM   631  C CD1 . ILE A 1 81  ? 15.10010  3.25199   8.62143   1.000 26.51458 ? 78  ILE A CD1 1 
ATOM   632  N N   . THR A 1 82  ? 18.85217  5.73395   10.76638  1.000 24.95374 ? 79  THR A N   1 
ATOM   633  C CA  . THR A 1 82  ? 20.15863  5.14263   11.02006  1.000 23.93605 ? 79  THR A CA  1 
ATOM   634  C C   . THR A 1 82  ? 20.05631  3.63123   10.92211  1.000 21.97030 ? 79  THR A C   1 
ATOM   635  O O   . THR A 1 82  ? 18.95716  3.06914   10.93038  1.000 22.24242 ? 79  THR A O   1 
ATOM   636  C CB  . THR A 1 82  ? 20.61819  5.47595   12.43547  1.000 24.36378 ? 79  THR A CB  1 
ATOM   637  O OG1 . THR A 1 82  ? 19.74836  4.81945   13.37074  1.000 23.95581 ? 79  THR A OG1 1 
ATOM   638  C CG2 . THR A 1 82  ? 20.64277  6.97753   12.68018  1.000 28.22143 ? 79  THR A CG2 1 
ATOM   639  N N   . PRO A 1 83  ? 21.19363  2.93280   10.83280  1.000 23.64748 ? 80  PRO A N   1 
ATOM   640  C CA  . PRO A 1 83  ? 21.15308  1.46075   10.86969  1.000 24.06732 ? 80  PRO A CA  1 
ATOM   641  C C   . PRO A 1 83  ? 20.40394  0.89105   12.06353  1.000 20.33427 ? 80  PRO A C   1 
ATOM   642  O O   . PRO A 1 83  ? 19.61751  -0.05162  11.89418  1.000 22.51818 ? 80  PRO A O   1 
ATOM   643  C CB  . PRO A 1 83  ? 22.63746  1.07715   10.86912  1.000 25.99723 ? 80  PRO A CB  1 
ATOM   644  C CG  . PRO A 1 83  ? 23.29524  2.20395   10.14131  1.000 28.90481 ? 80  PRO A CG  1 
ATOM   645  C CD  . PRO A 1 83  ? 22.54949  3.43855   10.53773  1.000 25.97254 ? 80  PRO A CD  1 
ATOM   646  N N   . GLU A 1 84  ? 20.60283  1.45021   13.25852  1.000 20.48869 ? 81  GLU A N   1 
ATOM   647  C CA  . GLU A 1 84  ? 19.90692  0.94057   14.43248  1.000 19.45433 ? 81  GLU A CA  1 
ATOM   648  C C   . GLU A 1 84  ? 18.40789  1.18270   14.32960  1.000 19.88598 ? 81  GLU A C   1 
ATOM   649  O O   . GLU A 1 84  ? 17.61279  0.32259   14.71689  1.000 19.25085 ? 81  GLU A O   1 
ATOM   650  C CB  . GLU A 1 84  ? 20.50817  1.50814   15.71939  1.000 19.91272 ? 81  GLU A CB  1 
ATOM   651  C CG  . GLU A 1 84  ? 19.61531  1.41490   16.95802  1.000 20.87372 ? 81  GLU A CG  1 
ATOM   652  C CD  . GLU A 1 84  ? 19.28945  -0.01190  17.40013  1.000 20.17168 ? 81  GLU A CD  1 
ATOM   653  O OE1 . GLU A 1 84  ? 19.92960  -0.96918  16.92470  1.000 23.06024 ? 81  GLU A OE1 1 
ATOM   654  O OE2 . GLU A 1 84  ? 18.41212  -0.19472  18.26481  1.000 22.84535 ? 81  GLU A OE2 1 
ATOM   655  N N   . GLN A 1 85  ? 17.99629  2.32318   13.78040  1.000 19.35544 ? 82  GLN A N   1 
ATOM   656  C CA  . GLN A 1 85  ? 16.56721  2.56848   13.61716  1.000 20.24932 ? 82  GLN A CA  1 
ATOM   657  C C   . GLN A 1 85  ? 15.93988  1.55948   12.66225  1.000 21.26812 ? 82  GLN A C   1 
ATOM   658  O O   . GLN A 1 85  ? 14.83577  1.05590   12.91629  1.000 21.06016 ? 82  GLN A O   1 
ATOM   659  C CB  . GLN A 1 85  ? 16.32687  3.99684   13.14235  1.000 21.67784 ? 82  GLN A CB  1 
ATOM   660  C CG  . GLN A 1 85  ? 16.56189  5.02698   14.22260  1.000 23.52726 ? 82  GLN A CG  1 
ATOM   661  C CD  . GLN A 1 85  ? 16.45337  6.43929   13.71229  1.000 28.26448 ? 82  GLN A CD  1 
ATOM   662  O OE1 . GLN A 1 85  ? 17.02584  6.78159   12.68222  1.000 26.66617 ? 82  GLN A OE1 1 
ATOM   663  N NE2 . GLN A 1 85  ? 15.71479  7.27468   14.43393  1.000 29.82987 ? 82  GLN A NE2 1 
ATOM   664  N N   . ALA A 1 86  ? 16.64028  1.23180   11.57562  1.000 20.98328 ? 83  ALA A N   1 
ATOM   665  C CA  . ALA A 1 86  ? 16.16995  0.20048   10.65831  1.000 20.90283 ? 83  ALA A CA  1 
ATOM   666  C C   . ALA A 1 86  ? 16.11031  -1.16050  11.34359  1.000 20.45351 ? 83  ALA A C   1 
ATOM   667  O O   . ALA A 1 86  ? 15.16169  -1.92944  11.13108  1.000 20.73612 ? 83  ALA A O   1 
ATOM   668  C CB  . ALA A 1 86  ? 17.08752  0.15094   9.43841   1.000 22.70578 ? 83  ALA A CB  1 
ATOM   669  N N   . GLN A 1 87  ? 17.10286  -1.48803  12.17822  1.000 20.91772 ? 84  GLN A N   1 
ATOM   670  C CA  . GLN A 1 87  ? 17.07554  -2.79158  12.83222  1.000 21.19122 ? 84  GLN A CA  1 
ATOM   671  C C   . GLN A 1 87  ? 15.93658  -2.88419  13.83928  1.000 20.71204 ? 84  GLN A C   1 
ATOM   672  O O   . GLN A 1 87  ? 15.35950  -3.95918  14.02310  1.000 21.27278 ? 84  GLN A O   1 
ATOM   673  C CB  . GLN A 1 87  ? 18.42018  -3.10104  13.48797  1.000 22.73275 ? 84  GLN A CB  1 
ATOM   674  C CG  . GLN A 1 87  ? 18.51236  -4.51376  14.02806  1.000 24.79501 ? 84  GLN A CG  1 
ATOM   675  C CD  . GLN A 1 87  ? 18.47713  -5.56441  12.93209  1.000 32.00056 ? 84  GLN A CD  1 
ATOM   676  O OE1 . GLN A 1 87  ? 19.26347  -5.51917  11.99038  1.000 33.07251 ? 84  GLN A OE1 1 
ATOM   677  N NE2 . GLN A 1 87  ? 17.55444  -6.51604  13.05159  1.000 33.62460 ? 84  GLN A NE2 1 
ATOM   678  N N   . GLU A 1 88  ? 15.61133  -1.77461  14.50374  1.000 19.05687 ? 85  GLU A N   1 
ATOM   679  C CA  . GLU A 1 88  ? 14.44764  -1.73862  15.38705  1.000 20.37372 ? 85  GLU A CA  1 
ATOM   680  C C   . GLU A 1 88  ? 13.16943  -2.04416  14.62064  1.000 20.99294 ? 85  GLU A C   1 
ATOM   681  O O   . GLU A 1 88  ? 12.30825  -2.77756  15.11615  1.000 21.47612 ? 85  GLU A O   1 
ATOM   682  C CB  . GLU A 1 88  ? 14.36856  -0.37329  16.07487  1.000 20.92006 ? 85  GLU A CB  1 
ATOM   683  C CG  . GLU A 1 88  ? 15.53733  -0.12633  17.02496  1.000 20.70244 ? 85  GLU A CG  1 
ATOM   684  C CD  . GLU A 1 88  ? 15.62107  1.30371   17.56657  1.000 22.96442 ? 85  GLU A CD  1 
ATOM   685  O OE1 . GLU A 1 88  ? 14.71254  2.12292   17.28296  1.000 23.26436 ? 85  GLU A OE1 1 
ATOM   686  O OE2 . GLU A 1 88  ? 16.60709  1.61068   18.29124  1.000 22.95543 ? 85  GLU A OE2 1 
ATOM   687  N N   . ILE A 1 89  ? 13.03362  -1.49743  13.40925  1.000 19.55312 ? 86  ILE A N   1 
ATOM   688  C CA  . ILE A 1 89  ? 11.86405  -1.78734  12.58303  1.000 21.53100 ? 86  ILE A CA  1 
ATOM   689  C C   . ILE A 1 89  ? 11.77211  -3.28009  12.31778  1.000 20.91711 ? 86  ILE A C   1 
ATOM   690  O O   . ILE A 1 89  ? 10.71654  -3.89914  12.50438  1.000 22.97668 ? 86  ILE A O   1 
ATOM   691  C CB  . ILE A 1 89  ? 11.93211  -0.98648  11.27195  1.000 20.34428 ? 86  ILE A CB  1 
ATOM   692  C CG1 . ILE A 1 89  ? 11.68060  0.49655   11.54331  1.000 23.24062 ? 86  ILE A CG1 1 
ATOM   693  C CG2 . ILE A 1 89  ? 10.96292  -1.56530  10.24470  1.000 24.17789 ? 86  ILE A CG2 1 
ATOM   694  C CD1 . ILE A 1 89  ? 11.89271  1.39275   10.34758  1.000 23.33256 ? 86  ILE A CD1 1 
ATOM   695  N N   . LEU A 1 90  ? 12.88403  -3.88563  11.90214  1.000 20.03563 ? 87  LEU A N   1 
ATOM   696  C CA  . LEU A 1 90  ? 12.88134  -5.31842  11.61959  1.000 22.01522 ? 87  LEU A CA  1 
ATOM   697  C C   . LEU A 1 90  ? 12.49958  -6.11765  12.85333  1.000 20.85940 ? 87  LEU A C   1 
ATOM   698  O O   . LEU A 1 90  ? 11.67570  -7.03862  12.77767  1.000 24.85344 ? 87  LEU A O   1 
ATOM   699  C CB  . LEU A 1 90  ? 14.25134  -5.75700  11.10299  1.000 24.60162 ? 87  LEU A CB  1 
ATOM   700  C CG  . LEU A 1 90  ? 14.66962  -5.23141  9.73157   1.000 25.58794 ? 87  LEU A CG  1 
ATOM   701  C CD1 . LEU A 1 90  ? 16.13558  -5.53170  9.47812   1.000 28.28526 ? 87  LEU A CD1 1 
ATOM   702  C CD2 . LEU A 1 90  ? 13.80025  -5.85256  8.64916   1.000 28.26487 ? 87  LEU A CD2 1 
ATOM   703  N N   . ASP A 1 91  ? 13.07937  -5.77787  14.00293  1.000 22.16562 ? 88  ASP A N   1 
ATOM   704  C CA  . ASP A 1 91  ? 12.92557  -6.60630  15.19337  1.000 25.56234 ? 88  ASP A CA  1 
ATOM   705  C C   . ASP A 1 91  ? 11.55529  -6.47696  15.83887  1.000 25.75950 ? 88  ASP A C   1 
ATOM   706  O O   . ASP A 1 91  ? 11.13115  -7.40023  16.54186  1.000 31.41374 ? 88  ASP A O   1 
ATOM   707  C CB  . ASP A 1 91  ? 14.02165  -6.29222  16.21896  1.000 26.58758 ? 88  ASP A CB  1 
ATOM   708  C CG  . ASP A 1 91  ? 15.39927  -6.74359  15.76009  1.000 30.21175 ? 88  ASP A CG  1 
ATOM   709  O OD1 . ASP A 1 91  ? 15.49103  -7.50006  14.76552  1.000 33.14361 ? 88  ASP A OD1 1 
ATOM   710  O OD2 . ASP A 1 91  ? 16.39716  -6.33831  16.39395  1.000 32.90546 ? 88  ASP A OD2 1 
ATOM   711  N N   . ASN A 1 92  ? 10.85691  -5.36889  15.61393  1.000 24.30749 ? 89  ASN A N   1 
ATOM   712  C CA  . ASN A 1 92  ? 9.56949   -5.11218  16.23992  1.000 28.24899 ? 89  ASN A CA  1 
ATOM   713  C C   . ASN A 1 92  ? 8.39917   -5.32287  15.28897  1.000 24.62572 ? 89  ASN A C   1 
ATOM   714  O O   . ASN A 1 92  ? 7.25700   -5.00507  15.64924  1.000 24.71428 ? 89  ASN A O   1 
ATOM   715  C CB  . ASN A 1 92  ? 9.53484   -3.69633  16.82547  1.000 29.99038 ? 89  ASN A CB  1 
ATOM   716  C CG  . ASN A 1 92  ? 10.46862  -3.52718  18.01345  1.000 35.58954 ? 89  ASN A CG  1 
ATOM   717  O OD1 . ASN A 1 92  ? 10.59488  -4.41822  18.85664  1.000 37.73482 ? 89  ASN A OD1 1 
ATOM   718  N ND2 . ASN A 1 92  ? 11.13184  -2.38129  18.08164  1.000 33.46846 ? 89  ASN A ND2 1 
ATOM   719  N N   . TYR A 1 93  ? 8.64919   -5.86253  14.09335  1.000 22.81873 ? 90  TYR A N   1 
ATOM   720  C CA  . TYR A 1 93  ? 7.58707   -6.03517  13.10908  1.000 20.83151 ? 90  TYR A CA  1 
ATOM   721  C C   . TYR A 1 93  ? 6.45905   -6.89268  13.67278  1.000 20.90185 ? 90  TYR A C   1 
ATOM   722  O O   . TYR A 1 93  ? 6.68753   -7.97183  14.22497  1.000 21.45377 ? 90  TYR A O   1 
ATOM   723  C CB  . TYR A 1 93  ? 8.12424   -6.66291  11.82113  1.000 22.09984 ? 90  TYR A CB  1 
ATOM   724  C CG  . TYR A 1 93  ? 7.02397   -6.82376  10.79079  1.000 19.37386 ? 90  TYR A CG  1 
ATOM   725  C CD1 . TYR A 1 93  ? 6.50355   -5.72348  10.11627  1.000 20.32379 ? 90  TYR A CD1 1 
ATOM   726  C CD2 . TYR A 1 93  ? 6.47725   -8.06752  10.51900  1.000 19.63724 ? 90  TYR A CD2 1 
ATOM   727  C CE1 . TYR A 1 93  ? 5.48380   -5.86660  9.18211   1.000 19.77922 ? 90  TYR A CE1 1 
ATOM   728  C CE2 . TYR A 1 93  ? 5.44721   -8.21599  9.58248   1.000 18.16701 ? 90  TYR A CE2 1 
ATOM   729  C CZ  . TYR A 1 93  ? 4.95855   -7.10889  8.92613   1.000 20.41952 ? 90  TYR A CZ  1 
ATOM   730  O OH  . TYR A 1 93  ? 3.94936   -7.26255  7.99530   1.000 22.10401 ? 90  TYR A OH  1 
ATOM   731  N N   . ASP A 1 94  ? 5.23544   -6.39289  13.54536  1.000 20.01775 ? 91  ASP A N   1 
ATOM   732  C CA  . ASP A 1 94  ? 4.03406   -7.11544  13.94712  1.000 21.53817 ? 91  ASP A CA  1 
ATOM   733  C C   . ASP A 1 94  ? 3.02491   -6.88766  12.82969  1.000 20.36285 ? 91  ASP A C   1 
ATOM   734  O O   . ASP A 1 94  ? 2.59035   -5.75258  12.61494  1.000 20.25528 ? 91  ASP A O   1 
ATOM   735  C CB  . ASP A 1 94  ? 3.53169   -6.55886  15.28471  1.000 23.04621 ? 91  ASP A CB  1 
ATOM   736  C CG  . ASP A 1 94  ? 2.31448   -7.28745  15.82095  1.000 30.04682 ? 91  ASP A CG  1 
ATOM   737  O OD1 . ASP A 1 94  ? 1.26387   -7.28126  15.15729  1.000 26.11511 ? 91  ASP A OD1 1 
ATOM   738  O OD2 . ASP A 1 94  ? 2.40044   -7.85408  16.93024  1.000 31.89380 ? 91  ASP A OD2 1 
ATOM   739  N N   . ASN A 1 95  ? 2.72391   -7.93558  12.09098  1.000 18.80658 ? 92  ASN A N   1 
ATOM   740  C CA  . ASN A 1 95  ? 1.86699   -7.79968  10.91595  1.000 20.78286 ? 92  ASN A CA  1 
ATOM   741  C C   . ASN A 1 95  ? 0.54818   -7.14516  11.15850  1.000 19.49248 ? 92  ASN A C   1 
ATOM   742  O O   . ASN A 1 95  ? 0.16433   -6.26382  10.44725  1.000 19.67153 ? 92  ASN A O   1 
ATOM   743  C CB  . ASN A 1 95  ? 1.69793   -9.13228  10.18101  1.000 21.68495 ? 92  ASN A CB  1 
ATOM   744  C CG  . ASN A 1 95  ? 0.86276   -9.02437  8.94839   1.000 21.89442 ? 92  ASN A CG  1 
ATOM   745  O OD1 . ASN A 1 95  ? -0.27533  -9.40960  8.93789   1.000 26.62026 ? 92  ASN A OD1 1 
ATOM   746  N ND2 . ASN A 1 95  ? 1.44597   -8.53493  7.90637   1.000 21.88464 ? 92  ASN A ND2 1 
ATOM   747  N N   . GLU A 1 96  ? -0.14148  -7.58852  12.17516  1.000 21.09145 ? 93  GLU A N   1 
ATOM   748  C CA  . GLU A 1 96  ? -1.42980  -7.02623  12.45844  1.000 22.32351 ? 93  GLU A CA  1 
ATOM   749  C C   . GLU A 1 96  ? -1.40840  -5.54828  12.85795  1.000 20.03757 ? 93  GLU A C   1 
ATOM   750  O O   . GLU A 1 96  ? -2.17726  -4.76663  12.35416  1.000 21.15510 ? 93  GLU A O   1 
ATOM   751  C CB  . GLU A 1 96  ? -2.08229  -7.88890  13.50234  1.000 24.13350 ? 93  GLU A CB  1 
ATOM   752  C CG  . GLU A 1 96  ? -2.18485  -9.38261  13.10670  1.000 41.13474 ? 93  GLU A CG  1 
ATOM   753  C CD  . GLU A 1 96  ? -0.92620  -10.30449 13.31594  1.000 47.44215 ? 93  GLU A CD  1 
ATOM   754  O OE1 . GLU A 1 96  ? 0.23455   -9.93490  13.65224  1.000 37.54846 ? 93  GLU A OE1 1 
ATOM   755  O OE2 . GLU A 1 96  ? -1.15184  -11.51950 13.14749  1.000 59.98349 ? 93  GLU A OE2 1 
ATOM   756  N N   . LYS A 1 97  ? -0.53299  -5.19562  13.76705  1.000 19.20373 ? 94  LYS A N   1 
ATOM   757  C CA  . LYS A 1 97  ? -0.42224  -3.81253  14.21942  1.000 19.63868 ? 94  LYS A CA  1 
ATOM   758  C C   . LYS A 1 97  ? 0.03690   -2.91148  13.08615  1.000 19.56610 ? 94  LYS A C   1 
ATOM   759  O O   . LYS A 1 97  ? -0.51529  -1.82570  12.87384  1.000 21.33811 ? 94  LYS A O   1 
ATOM   760  C CB  . LYS A 1 97  ? 0.53498   -3.70384  15.41357  1.000 23.06677 ? 94  LYS A CB  1 
ATOM   761  C CG  . LYS A 1 97  ? 0.08363   -4.43058  16.67605  1.000 23.96758 ? 94  LYS A CG  1 
ATOM   762  C CD  . LYS A 1 97  ? 0.66896   -3.77304  17.92656  1.000 34.61649 ? 94  LYS A CD  1 
ATOM   763  C CE  . LYS A 1 97  ? 1.03046   -4.79489  18.99981  1.000 36.23211 ? 94  LYS A CE  1 
ATOM   764  N NZ  . LYS A 1 97  ? 0.32705   -6.09457  18.80978  1.000 41.74786 ? 94  LYS A NZ  1 
ATOM   765  N N   . HIS A 1 98  ? 1.06709   -3.34541  12.35601  1.000 18.88671 ? 95  HIS A N   1 
ATOM   766  C CA  . HIS A 1 98  ? 1.61322   -2.57204  11.24763  1.000 19.19688 ? 95  HIS A CA  1 
ATOM   767  C C   . HIS A 1 98  ? 0.59591   -2.37977  10.13275  1.000 19.34749 ? 95  HIS A C   1 
ATOM   768  O O   . HIS A 1 98  ? 0.44327   -1.27045  9.61124   1.000 20.39357 ? 95  HIS A O   1 
ATOM   769  C CB  . HIS A 1 98  ? 2.84591   -3.29255  10.71728  1.000 21.02519 ? 95  HIS A CB  1 
ATOM   770  C CG  . HIS A 1 98  ? 3.57459   -2.53017  9.66713   1.000 20.91230 ? 95  HIS A CG  1 
ATOM   771  N ND1 . HIS A 1 98  ? 3.61959   -2.92925  8.35117   1.000 24.47210 ? 95  HIS A ND1 1 
ATOM   772  C CD2 . HIS A 1 98  ? 4.29147   -1.38388  9.74210   1.000 20.63574 ? 95  HIS A CD2 1 
ATOM   773  C CE1 . HIS A 1 98  ? 4.32585   -2.05465  7.65956   1.000 21.33814 ? 95  HIS A CE1 1 
ATOM   774  N NE2 . HIS A 1 98  ? 4.74996   -1.11218  8.47897   1.000 24.68800 ? 95  HIS A NE2 1 
ATOM   775  N N   . THR A 1 99  ? -0.07044  -3.45758  9.71600   1.000 18.73805 ? 96  THR A N   1 
ATOM   776  C CA  . THR A 1 99  ? -1.06094  -3.32972  8.65154   1.000 20.25363 ? 96  THR A CA  1 
ATOM   777  C C   . THR A 1 99  ? -2.09686  -2.27278  9.00531   1.000 18.45003 ? 96  THR A C   1 
ATOM   778  O O   . THR A 1 99  ? -2.42346  -1.40494  8.18702   1.000 19.94972 ? 96  THR A O   1 
ATOM   779  C CB  . THR A 1 99  ? -1.74451  -4.67503  8.40905   1.000 20.73797 ? 96  THR A CB  1 
ATOM   780  O OG1 . THR A 1 99  ? -0.83445  -5.59583  7.78898   1.000 23.37945 ? 96  THR A OG1 1 
ATOM   781  C CG2 . THR A 1 99  ? -2.96746  -4.51988  7.50766   1.000 25.13062 ? 96  THR A CG2 1 
ATOM   782  N N   . ALA A 1 100 ? -2.62655  -2.33280  10.23080  1.000 19.02650 ? 97  ALA A N   1 
ATOM   783  C CA  . ALA A 1 100 ? -3.65696  -1.38847  10.65159  1.000 18.55695 ? 97  ALA A CA  1 
ATOM   784  C C   . ALA A 1 100 ? -3.14769  0.04304   10.61149  1.000 20.14336 ? 97  ALA A C   1 
ATOM   785  O O   . ALA A 1 100 ? -3.83383  0.94074   10.10773  1.000 19.76202 ? 97  ALA A O   1 
ATOM   786  C CB  . ALA A 1 100 ? -4.15117  -1.75708  12.05042  1.000 22.43032 ? 97  ALA A CB  1 
ATOM   787  N N   . ALA A 1 101 ? -1.94752  0.28559   11.13877  1.000 18.97052 ? 98  ALA A N   1 
ATOM   788  C CA  . ALA A 1 101 ? -1.42246  1.64546   11.15930  1.000 20.47477 ? 98  ALA A CA  1 
ATOM   789  C C   . ALA A 1 101 ? -1.18247  2.15765   9.74606   1.000 18.57196 ? 98  ALA A C   1 
ATOM   790  O O   . ALA A 1 101 ? -1.49307  3.31719   9.43386   1.000 20.69733 ? 98  ALA A O   1 
ATOM   791  C CB  . ALA A 1 101 ? -0.14218  1.70262   11.98603  1.000 22.79339 ? 98  ALA A CB  1 
ATOM   792  N N   . VAL A 1 102 ? -0.63284  1.30898   8.87456   1.000 17.95796 ? 99  VAL A N   1 
ATOM   793  C CA  . VAL A 1 102 ? -0.35112  1.72531   7.50624   1.000 19.41544 ? 99  VAL A CA  1 
ATOM   794  C C   . VAL A 1 102 ? -1.64061  1.99698   6.74158   1.000 18.62231 ? 99  VAL A C   1 
ATOM   795  O O   . VAL A 1 102 ? -1.74015  2.97254   5.98949   1.000 18.31699 ? 99  VAL A O   1 
ATOM   796  C CB  . VAL A 1 102 ? 0.53344   0.68031   6.80782   1.000 18.42568 ? 99  VAL A CB  1 
ATOM   797  C CG1 . VAL A 1 102 ? 0.66558   1.00546   5.32779   1.000 19.30779 ? 99  VAL A CG1 1 
ATOM   798  C CG2 . VAL A 1 102 ? 1.88893   0.63889   7.48119   1.000 19.72683 ? 99  VAL A CG2 1 
ATOM   799  N N   . MET A 1 103 ? -2.63974  1.14240   6.91817   1.000 17.16647 ? 100 MET A N   1 
ATOM   800  C CA  . MET A 1 103 ? -3.91763  1.37334   6.26317   1.000 18.80733 ? 100 MET A CA  1 
ATOM   801  C C   . MET A 1 103 ? -4.55230  2.68107   6.71644   1.000 20.63107 ? 100 MET A C   1 
ATOM   802  O O   . MET A 1 103 ? -5.12992  3.40219   5.89775   1.000 20.26468 ? 100 MET A O   1 
ATOM   803  C CB  . MET A 1 103 ? -4.85919  0.19848   6.48993   1.000 20.18055 ? 100 MET A CB  1 
ATOM   804  C CG  . MET A 1 103 ? -4.45893  -1.06345  5.76527   1.000 21.98978 ? 100 MET A CG  1 
ATOM   805  S SD  . MET A 1 103 ? -4.69605  -0.99919  3.98867   1.000 22.56726 ? 100 MET A SD  1 
ATOM   806  C CE  . MET A 1 103 ? -3.14236  -0.46467  3.44068   1.000 15.09391 ? 100 MET A CE  1 
ATOM   807  N N   . ASP A 1 104 ? -4.43005  3.03582   8.00572   1.000 20.10930 ? 101 ASP A N   1 
ATOM   808  C CA  . ASP A 1 104 ? -4.95613  4.31972   8.46608   1.000 18.56869 ? 101 ASP A CA  1 
ATOM   809  C C   . ASP A 1 104 ? -4.30813  5.48034   7.72963   1.000 21.16324 ? 101 ASP A C   1 
ATOM   810  O O   . ASP A 1 104 ? -5.00028  6.39709   7.26561   1.000 21.47121 ? 101 ASP A O   1 
ATOM   811  C CB  . ASP A 1 104 ? -4.75567  4.48195   9.97079   1.000 23.63596 ? 101 ASP A CB  1 
ATOM   812  C CG  . ASP A 1 104 ? -5.02313  5.91163   10.43782  1.000 26.81535 ? 101 ASP A CG  1 
ATOM   813  O OD1 . ASP A 1 104 ? -6.20855  6.33132   10.41548  1.000 25.92641 ? 101 ASP A OD1 1 
ATOM   814  O OD2 . ASP A 1 104 ? -4.04528  6.61959   10.78759  1.000 27.25380 ? 101 ASP A OD2 1 
ATOM   815  N N   . GLU A 1 105 ? -2.97664  5.49228   7.65663   1.000 19.89467 ? 102 GLU A N   1 
ATOM   816  C CA  . GLU A 1 105 ? -2.28669  6.57221   6.96021   1.000 23.43217 ? 102 GLU A CA  1 
ATOM   817  C C   . GLU A 1 105 ? -2.62476  6.56052   5.48240   1.000 20.48880 ? 102 GLU A C   1 
ATOM   818  O O   . GLU A 1 105 ? -2.76351  7.62467   4.86040   1.000 22.59253 ? 102 GLU A O   1 
ATOM   819  C CB  . GLU A 1 105 ? -0.77181  6.43216   7.12180   1.000 23.67039 ? 102 GLU A CB  1 
ATOM   820  C CG  . GLU A 1 105 ? -0.27215  6.43389   8.54934   1.000 25.47025 ? 102 GLU A CG  1 
ATOM   821  C CD  . GLU A 1 105 ? -0.24901  7.81835   9.14408   1.000 34.40028 ? 102 GLU A CD  1 
ATOM   822  O OE1 . GLU A 1 105 ? -0.42506  8.79306   8.38236   1.000 37.52956 ? 102 GLU A OE1 1 
ATOM   823  O OE2 . GLU A 1 105 ? -0.05845  7.92935   10.37411  1.000 41.19555 ? 102 GLU A OE2 1 
ATOM   824  N N   . THR A 1 106 ? -2.71499  5.36458   4.88976   1.000 19.46654 ? 103 THR A N   1 
ATOM   825  C CA  . THR A 1 106 ? -2.98994  5.26620   3.46402   1.000 17.14869 ? 103 THR A CA  1 
ATOM   826  C C   . THR A 1 106 ? -4.39460  5.76482   3.14344   1.000 16.47367 ? 103 THR A C   1 
ATOM   827  O O   . THR A 1 106 ? -4.58435  6.54917   2.20964   1.000 17.03005 ? 103 THR A O   1 
ATOM   828  C CB  . THR A 1 106 ? -2.76873  3.83350   2.97831   1.000 16.39160 ? 103 THR A CB  1 
ATOM   829  O OG1 . THR A 1 106 ? -1.40786  3.44330   3.23188   1.000 17.99123 ? 103 THR A OG1 1 
ATOM   830  C CG2 . THR A 1 106 ? -3.03861  3.73754   1.49020   1.000 18.37126 ? 103 THR A CG2 1 
ATOM   831  N N   . PHE A 1 107 ? -5.38524  5.35088   3.92533   1.000 16.70505 ? 104 PHE A N   1 
ATOM   832  C CA  . PHE A 1 107 ? -6.73373  5.83238   3.64796   1.000 19.69663 ? 104 PHE A CA  1 
ATOM   833  C C   . PHE A 1 107 ? -6.88634  7.32886   3.89252   1.000 21.33583 ? 104 PHE A C   1 
ATOM   834  O O   . PHE A 1 107 ? -7.65713  7.98495   3.17930   1.000 19.59145 ? 104 PHE A O   1 
ATOM   835  C CB  . PHE A 1 107 ? -7.76508  4.99102   4.39020   1.000 19.20435 ? 104 PHE A CB  1 
ATOM   836  C CG  . PHE A 1 107 ? -8.10060  3.71246   3.67509   1.000 19.64894 ? 104 PHE A CG  1 
ATOM   837  C CD1 . PHE A 1 107 ? -8.99196  3.71922   2.61429   1.000 21.95726 ? 104 PHE A CD1 1 
ATOM   838  C CD2 . PHE A 1 107 ? -7.48531  2.53017   4.01105   1.000 23.23550 ? 104 PHE A CD2 1 
ATOM   839  C CE1 . PHE A 1 107 ? -9.29436  2.55498   1.93114   1.000 23.60735 ? 104 PHE A CE1 1 
ATOM   840  C CE2 . PHE A 1 107 ? -7.78080  1.36206   3.32438   1.000 24.40038 ? 104 PHE A CE2 1 
ATOM   841  C CZ  . PHE A 1 107 ? -8.68390  1.38078   2.27829   1.000 24.12032 ? 104 PHE A CZ  1 
ATOM   842  N N   . ALA A 1 108 ? -6.15481  7.89536   4.85888   1.000 19.12253 ? 105 ALA A N   1 
ATOM   843  C CA  . ALA A 1 108 ? -6.19623  9.34240   5.04286   1.000 19.38126 ? 105 ALA A CA  1 
ATOM   844  C C   . ALA A 1 108 ? -5.61914  10.06600  3.83191   1.000 22.06641 ? 105 ALA A C   1 
ATOM   845  O O   . ALA A 1 108 ? -6.16152  11.08252  3.38468   1.000 22.53917 ? 105 ALA A O   1 
ATOM   846  C CB  . ALA A 1 108 ? -5.43740  9.71561   6.31776   1.000 20.80959 ? 105 ALA A CB  1 
ATOM   847  N N   . LEU A 1 109 ? -4.51065  9.55975   3.29153   1.000 19.20778 ? 106 LEU A N   1 
ATOM   848  C CA  . LEU A 1 109 ? -3.93493  10.11388  2.07947   1.000 19.09890 ? 106 LEU A CA  1 
ATOM   849  C C   . LEU A 1 109 ? -4.90987  9.99922   0.91084   1.000 17.44790 ? 106 LEU A C   1 
ATOM   850  O O   . LEU A 1 109 ? -5.03997  10.92659  0.10032   1.000 18.29855 ? 106 LEU A O   1 
ATOM   851  C CB  . LEU A 1 109 ? -2.62731  9.37219   1.76472   1.000 20.27573 ? 106 LEU A CB  1 
ATOM   852  C CG  . LEU A 1 109 ? -1.75119  9.91615   0.63606   1.000 22.35968 ? 106 LEU A CG  1 
ATOM   853  C CD1 . LEU A 1 109 ? -1.50856  11.38891  0.90690   1.000 36.11132 ? 106 LEU A CD1 1 
ATOM   854  C CD2 . LEU A 1 109 ? -0.42312  9.18182   0.54611   1.000 28.54759 ? 106 LEU A CD2 1 
ATOM   855  N N   . LEU A 1 110 ? -5.58250  8.84930   0.78683   1.000 17.91811 ? 107 LEU A N   1 
ATOM   856  C CA  . LEU A 1 110 ? -6.53834  8.64660   -0.30435  1.000 15.61427 ? 107 LEU A CA  1 
ATOM   857  C C   . LEU A 1 110 ? -7.73157  9.57946   -0.17604  1.000 18.56270 ? 107 LEU A C   1 
ATOM   858  O O   . LEU A 1 110 ? -8.24699  10.06542  -1.19175  1.000 17.23209 ? 107 LEU A O   1 
ATOM   859  C CB  . LEU A 1 110 ? -7.00307  7.19058   -0.37393  1.000 18.06458 ? 107 LEU A CB  1 
ATOM   860  C CG  . LEU A 1 110 ? -5.90977  6.19846   -0.78076  1.000 17.81697 ? 107 LEU A CG  1 
ATOM   861  C CD1 . LEU A 1 110 ? -6.32197  4.77666   -0.45421  1.000 18.19134 ? 107 LEU A CD1 1 
ATOM   862  C CD2 . LEU A 1 110 ? -5.56493  6.32653   -2.25088  1.000 20.55257 ? 107 LEU A CD2 1 
ATOM   863  N N   . ALA A 1 111 ? -8.19034  9.85069   1.05261   1.000 18.35885 ? 108 ALA A N   1 
ATOM   864  C CA  . ALA A 1 111 ? -9.28775  10.80652  1.21550   1.000 18.99944 ? 108 ALA A CA  1 
ATOM   865  C C   . ALA A 1 111 ? -8.87448  12.19402  0.73658   1.000 20.46998 ? 108 ALA A C   1 
ATOM   866  O O   . ALA A 1 111 ? -9.65142  12.89447  0.07167   1.000 20.32568 ? 108 ALA A O   1 
ATOM   867  C CB  . ALA A 1 111 ? -9.74799  10.84023  2.67325   1.000 22.25790 ? 108 ALA A CB  1 
ATOM   868  N N   . ARG A 1 112 ? -7.64593  12.60558  1.04494   1.000 21.15350 ? 109 ARG A N   1 
ATOM   869  C CA  . ARG A 1 112 ? -7.15232  13.89166  0.56461   1.000 21.06545 ? 109 ARG A CA  1 
ATOM   870  C C   . ARG A 1 112 ? -7.02664  13.89748  -0.95360  1.000 22.21680 ? 109 ARG A C   1 
ATOM   871  O O   . ARG A 1 112 ? -7.37546  14.88903  -1.61239  1.000 21.51661 ? 109 ARG A O   1 
ATOM   872  C CB  . ARG A 1 112 ? -5.80639  14.19342  1.22245   1.000 24.13903 ? 109 ARG A CB  1 
ATOM   873  C CG  . ARG A 1 112 ? -5.32040  15.62111  1.07037   1.000 39.81787 ? 109 ARG A CG  1 
ATOM   874  C CD  . ARG A 1 112 ? -6.03699  16.53712  2.04220   1.000 52.66895 ? 109 ARG A CD  1 
ATOM   875  N NE  . ARG A 1 112 ? -5.36164  17.82025  2.20304   1.000 58.47078 ? 109 ARG A NE  1 
ATOM   876  C CZ  . ARG A 1 112 ? -5.68321  18.71942  3.12291   1.000 55.77748 ? 109 ARG A CZ  1 
ATOM   877  N NH1 . ARG A 1 112 ? -6.66597  18.50401  3.98538   1.000 54.21338 ? 109 ARG A NH1 1 
ATOM   878  N NH2 . ARG A 1 112 ? -5.00230  19.86078  3.18191   1.000 55.47162 ? 109 ARG A NH2 1 
ATOM   879  N N   . ALA A 1 113 ? -6.53415  12.79542  -1.52835  1.000 18.85285 ? 110 ALA A N   1 
ATOM   880  C CA  . ALA A 1 113 ? -6.42514  12.71393  -2.97587  1.000 19.64910 ? 110 ALA A CA  1 
ATOM   881  C C   . ALA A 1 113 ? -7.79223  12.80305  -3.62893  1.000 18.01221 ? 110 ALA A C   1 
ATOM   882  O O   . ALA A 1 113 ? -7.94971  13.46083  -4.65785  1.000 19.56597 ? 110 ALA A O   1 
ATOM   883  C CB  . ALA A 1 113 ? -5.71181  11.41873  -3.37324  1.000 19.73200 ? 110 ALA A CB  1 
ATOM   884  N N   . ALA A 1 114 ? -8.80353  12.17594  -3.02699  1.000 18.98432 ? 111 ALA A N   1 
ATOM   885  C CA  . ALA A 1 114 ? -10.14163 12.24036  -3.60709  1.000 21.21365 ? 111 ALA A CA  1 
ATOM   886  C C   . ALA A 1 114 ? -10.68065 13.66375  -3.58997  1.000 21.50790 ? 111 ALA A C   1 
ATOM   887  O O   . ALA A 1 114 ? -11.28953 14.11177  -4.56742  1.000 24.46513 ? 111 ALA A O   1 
ATOM   888  C CB  . ALA A 1 114 ? -11.08436 11.29598  -2.87414  1.000 20.81414 ? 111 ALA A CB  1 
ATOM   889  N N   . ALA A 1 115 ? -10.44379 14.39701  -2.49774  1.000 20.20642 ? 112 ALA A N   1 
ATOM   890  C CA  . ALA A 1 115 ? -10.93512 15.76926  -2.38594  1.000 22.60892 ? 112 ALA A CA  1 
ATOM   891  C C   . ALA A 1 115 ? -10.27171 16.70431  -3.38565  1.000 25.56541 ? 112 ALA A C   1 
ATOM   892  O O   . ALA A 1 115 ? -10.87249 17.71291  -3.77732  1.000 28.74694 ? 112 ALA A O   1 
ATOM   893  C CB  . ALA A 1 115 ? -10.72532 16.29371  -0.96561  1.000 23.29331 ? 112 ALA A CB  1 
ATOM   894  N N   . THR A 1 116 ? -9.03765  16.41750  -3.79128  1.000 22.68497 ? 113 THR A N   1 
ATOM   895  C CA  . THR A 1 116 ? -8.31450  17.28436  -4.71104  1.000 23.32080 ? 113 THR A CA  1 
ATOM   896  C C   . THR A 1 116 ? -8.22255  16.71937  -6.12310  1.000 22.11603 ? 113 THR A C   1 
ATOM   897  O O   . THR A 1 116 ? -7.63556  17.36263  -7.00077  1.000 22.96052 ? 113 THR A O   1 
ATOM   898  C CB  . THR A 1 116 ? -6.90958  17.57434  -4.16752  1.000 26.23587 ? 113 THR A CB  1 
ATOM   899  O OG1 . THR A 1 116 ? -6.18035  16.35037  -4.06247  1.000 25.90603 ? 113 THR A OG1 1 
ATOM   900  C CG2 . THR A 1 116 ? -6.99180  18.19495  -2.78929  1.000 27.71785 ? 113 THR A CG2 1 
ATOM   901  N N   . GLN A 1 117 ? -8.77604  15.53337  -6.36252  1.000 22.90468 ? 114 GLN A N   1 
ATOM   902  C CA  . GLN A 1 117 ? -8.60069  14.81900  -7.62711  1.000 20.43582 ? 114 GLN A CA  1 
ATOM   903  C C   . GLN A 1 117 ? -7.12313  14.68929  -8.00450  1.000 20.67163 ? 114 GLN A C   1 
ATOM   904  O O   . GLN A 1 117 ? -6.72867  14.89737  -9.15104  1.000 21.67081 ? 114 GLN A O   1 
ATOM   905  C CB  . GLN A 1 117 ? -9.44920  15.41420  -8.75006  1.000 25.29472 ? 114 GLN A CB  1 
ATOM   906  C CG  . GLN A 1 117 ? -10.94443 15.22048  -8.55201  1.000 31.14425 ? 114 GLN A CG  1 
ATOM   907  C CD  . GLN A 1 117 ? -11.75469 15.90434  -9.63342  1.000 34.40689 ? 114 GLN A CD  1 
ATOM   908  O OE1 . GLN A 1 117 ? -12.98244 15.95913  -9.56894  1.000 39.14271 ? 114 GLN A OE1 1 
ATOM   909  N NE2 . GLN A 1 117 ? -11.06508 16.44311  -10.63317 1.000 38.23085 ? 114 GLN A NE2 1 
ATOM   910  N N   . ALA A 1 118 ? -6.30742  14.32324  -7.01603  1.000 20.46685 ? 115 ALA A N   1 
ATOM   911  C CA  . ALA A 1 118 ? -4.89002  14.07346  -7.25545  1.000 19.97449 ? 115 ALA A CA  1 
ATOM   912  C C   . ALA A 1 118 ? -4.68712  12.86136  -8.16445  1.000 18.15734 ? 115 ALA A C   1 
ATOM   913  O O   . ALA A 1 118 ? -5.46535  11.90113  -8.14998  1.000 23.67327 ? 115 ALA A O   1 
ATOM   914  C CB  . ALA A 1 118 ? -4.15928  13.83821  -5.93223  1.000 20.01753 ? 115 ALA A CB  1 
ATOM   915  N N   . SER A 1 119 ? -3.62164  12.90691  -8.95464  1.000 21.13238 ? 116 SER A N   1 
ATOM   916  C CA  . SER A 1 119 ? -3.23655  11.75032  -9.75131  1.000 22.06771 ? 116 SER A CA  1 
ATOM   917  C C   . SER A 1 119 ? -2.51800  10.72342  -8.88374  1.000 21.61802 ? 116 SER A C   1 
ATOM   918  O O   . SER A 1 119 ? -2.08723  11.00224  -7.75917  1.000 22.03551 ? 116 SER A O   1 
ATOM   919  C CB  . SER A 1 119 ? -2.30691  12.16428  -10.88866 1.000 23.00049 ? 116 SER A CB  1 
ATOM   920  O OG  . SER A 1 119 ? -1.06066  12.59612  -10.37880 1.000 21.75891 ? 116 SER A OG  1 
ATOM   921  N N   . TYR A 1 120 ? -2.38911  9.50963   -9.43064  1.000 24.76618 ? 117 TYR A N   1 
ATOM   922  C CA  . TYR A 1 120 ? -1.64080  8.47197   -8.73363  1.000 24.56986 ? 117 TYR A CA  1 
ATOM   923  C C   . TYR A 1 120 ? -0.20681  8.90548   -8.48825  1.000 21.32797 ? 117 TYR A C   1 
ATOM   924  O O   . TYR A 1 120 ? 0.32125   8.72092   -7.38919  1.000 22.65498 ? 117 TYR A O   1 
ATOM   925  C CB  . TYR A 1 120 ? -1.66406  7.15983   -9.51736  1.000 25.68387 ? 117 TYR A CB  1 
ATOM   926  C CG  . TYR A 1 120 ? -0.77025  6.12162   -8.87446  1.000 25.72530 ? 117 TYR A CG  1 
ATOM   927  C CD1 . TYR A 1 120 ? -1.14643  5.50284   -7.69549  1.000 24.68585 ? 117 TYR A CD1 1 
ATOM   928  C CD2 . TYR A 1 120 ? 0.45775   5.79021   -9.42631  1.000 29.28723 ? 117 TYR A CD2 1 
ATOM   929  C CE1 . TYR A 1 120 ? -0.33757  4.56028   -7.09170  1.000 27.56542 ? 117 TYR A CE1 1 
ATOM   930  C CE2 . TYR A 1 120 ? 1.28040   4.85346   -8.82800  1.000 28.25788 ? 117 TYR A CE2 1 
ATOM   931  C CZ  . TYR A 1 120 ? 0.87319   4.24360   -7.66288  1.000 29.57296 ? 117 TYR A CZ  1 
ATOM   932  O OH  . TYR A 1 120 ? 1.69044   3.30653   -7.06829  1.000 33.97797 ? 117 TYR A OH  1 
ATOM   933  N N   . GLU A 1 121 ? 0.43514   9.50826   -9.49076  1.000 24.54723 ? 118 GLU A N   1 
ATOM   934  C CA  . GLU A 1 121 ? 1.82131   9.93343   -9.31556  1.000 23.85691 ? 118 GLU A CA  1 
ATOM   935  C C   . GLU A 1 121 ? 1.94154   10.99322  -8.22685  1.000 21.75462 ? 118 GLU A C   1 
ATOM   936  O O   . GLU A 1 121 ? 2.90411   10.99561  -7.44890  1.000 24.39020 ? 118 GLU A O   1 
ATOM   937  C CB  . GLU A 1 121 ? 2.39189   10.43403  -10.64742 1.000 24.31170 ? 118 GLU A CB  1 
ATOM   938  C CG  . GLU A 1 121 ? 2.60126   9.33210   -11.68707 1.000 31.17801 ? 118 GLU A CG  1 
ATOM   939  C CD  . GLU A 1 121 ? 3.73076   8.37724   -11.31892 1.000 38.55044 ? 118 GLU A CD  1 
ATOM   940  O OE1 . GLU A 1 121 ? 4.66584   8.79856   -10.60278 1.000 40.42025 ? 118 GLU A OE1 1 
ATOM   941  O OE2 . GLU A 1 121 ? 3.68178   7.20130   -11.74596 1.000 45.46038 ? 118 GLU A OE2 1 
ATOM   942  N N   . GLU A 1 122 ? 0.96071   11.89432  -8.14028  1.000 22.86731 ? 119 GLU A N   1 
ATOM   943  C CA  . GLU A 1 122 ? 0.99858   12.93017  -7.11299  1.000 21.37794 ? 119 GLU A CA  1 
ATOM   944  C C   . GLU A 1 122 ? 0.78867   12.33985  -5.72736  1.000 23.34548 ? 119 GLU A C   1 
ATOM   945  O O   . GLU A 1 122 ? 1.50464   12.68381  -4.78163  1.000 23.43778 ? 119 GLU A O   1 
ATOM   946  C CB  . GLU A 1 122 ? -0.05358  13.99648  -7.41838  1.000 24.28887 ? 119 GLU A CB  1 
ATOM   947  C CG  . GLU A 1 122 ? 0.31292   14.86725  -8.61317  1.000 23.15747 ? 119 GLU A CG  1 
ATOM   948  C CD  . GLU A 1 122 ? -0.87763  15.61645  -9.20478  1.000 21.59590 ? 119 GLU A CD  1 
ATOM   949  O OE1 . GLU A 1 122 ? -2.02222  15.41216  -8.73019  1.000 24.26847 ? 119 GLU A OE1 1 
ATOM   950  O OE2 . GLU A 1 122 ? -0.65769  16.41553  -10.15152 1.000 22.58547 ? 119 GLU A OE2 1 
ATOM   951  N N   . LEU A 1 123 ? -0.18879  11.44124  -5.58689  1.000 20.86080 ? 120 LEU A N   1 
ATOM   952  C CA  A LEU A 1 123 ? -0.43882  10.85271  -4.27544  0.536 24.82373 ? 120 LEU A CA  1 
ATOM   953  C CA  B LEU A 1 123 ? -0.44916  10.83424  -4.28765  0.464 24.80383 ? 120 LEU A CA  1 
ATOM   954  C C   . LEU A 1 123 ? 0.71338   9.96020   -3.83408  1.000 22.70871 ? 120 LEU A C   1 
ATOM   955  O O   . LEU A 1 123 ? 1.03409   9.91612   -2.64232  1.000 25.87248 ? 120 LEU A O   1 
ATOM   956  C CB  A LEU A 1 123 ? -1.80450  10.14955  -4.22036  0.536 25.40785 ? 120 LEU A CB  1 
ATOM   957  C CB  B LEU A 1 123 ? -1.76001  10.05517  -4.34767  0.464 25.41911 ? 120 LEU A CB  1 
ATOM   958  C CG  A LEU A 1 123 ? -2.19045  9.01745   -5.17766  0.536 20.19733 ? 120 LEU A CG  1 
ATOM   959  C CG  B LEU A 1 123 ? -1.83896  8.76645   -3.54718  0.464 26.06747 ? 120 LEU A CG  1 
ATOM   960  C CD1 A LEU A 1 123 ? -1.74110  7.65533   -4.66398  0.536 25.53054 ? 120 LEU A CD1 1 
ATOM   961  C CD1 B LEU A 1 123 ? -3.14620  8.73769   -2.79824  0.464 20.40974 ? 120 LEU A CD1 1 
ATOM   962  C CD2 A LEU A 1 123 ? -3.69745  9.00901   -5.44363  0.536 22.21560 ? 120 LEU A CD2 1 
ATOM   963  C CD2 B LEU A 1 123 ? -1.71574  7.57598   -4.48172  0.464 25.52463 ? 120 LEU A CD2 1 
ATOM   964  N N   . LEU A 1 124 ? 1.36535   9.27692   -4.77078  1.000 21.32848 ? 121 LEU A N   1 
ATOM   965  C CA  . LEU A 1 124 ? 2.53799   8.47672   -4.44569  1.000 24.66116 ? 121 LEU A CA  1 
ATOM   966  C C   . LEU A 1 124 ? 3.69422   9.35825   -3.98476  1.000 22.50108 ? 121 LEU A C   1 
ATOM   967  O O   . LEU A 1 124 ? 4.39020   9.02347   -3.01748  1.000 26.79268 ? 121 LEU A O   1 
ATOM   968  C CB  . LEU A 1 124 ? 2.92195   7.64086   -5.66589  1.000 27.58969 ? 121 LEU A CB  1 
ATOM   969  C CG  . LEU A 1 124 ? 4.09810   6.67248   -5.56202  1.000 26.75145 ? 121 LEU A CG  1 
ATOM   970  C CD1 . LEU A 1 124 ? 3.83007   5.57597   -4.53779  1.000 27.86655 ? 121 LEU A CD1 1 
ATOM   971  C CD2 . LEU A 1 124 ? 4.41016   6.06411   -6.92137  1.000 29.50689 ? 121 LEU A CD2 1 
ATOM   972  N N   . ALA A 1 125 ? 3.91873   10.49143  -4.66251  1.000 24.77026 ? 122 ALA A N   1 
ATOM   973  C CA  . ALA A 1 125 ? 4.94402   11.43223  -4.22639  1.000 26.61345 ? 122 ALA A CA  1 
ATOM   974  C C   . ALA A 1 125 ? 4.67128   11.99378  -2.83474  1.000 24.97170 ? 122 ALA A C   1 
ATOM   975  O O   . ALA A 1 125 ? 5.61433   12.42250  -2.16000  1.000 31.08224 ? 122 ALA A O   1 
ATOM   976  C CB  . ALA A 1 125 ? 5.09241   12.56517  -5.24406  1.000 26.69223 ? 122 ALA A CB  1 
ATOM   977  N N   . ALA A 1 126 ? 3.41510   11.99580  -2.38760  1.000 26.75901 ? 123 ALA A N   1 
ATOM   978  C CA  . ALA A 1 126 ? 3.04237   12.52731  -1.08103  1.000 27.97577 ? 123 ALA A CA  1 
ATOM   979  C C   . ALA A 1 126 ? 3.16166   11.50249  0.04180   1.000 28.24766 ? 123 ALA A C   1 
ATOM   980  O O   . ALA A 1 126 ? 2.94445   11.85612  1.20790   1.000 27.48924 ? 123 ALA A O   1 
ATOM   981  C CB  . ALA A 1 126 ? 1.61283   13.08302  -1.12428  1.000 31.49531 ? 123 ALA A CB  1 
ATOM   982  N N   . ALA A 1 127 ? 3.50181   10.25444  -0.27679  1.000 26.12056 ? 124 ALA A N   1 
ATOM   983  C CA  . ALA A 1 127 ? 3.57816   9.20784   0.73594   1.000 21.53581 ? 124 ALA A CA  1 
ATOM   984  C C   . ALA A 1 127 ? 4.50584   9.63689   1.86605   1.000 25.26074 ? 124 ALA A C   1 
ATOM   985  O O   . ALA A 1 127 ? 5.65740   9.99826   1.60996   1.000 24.83490 ? 124 ALA A O   1 
ATOM   986  C CB  . ALA A 1 127 ? 4.10437   7.92071   0.11109   1.000 22.22917 ? 124 ALA A CB  1 
ATOM   987  N N   . PRO A 1 128 ? 4.05011   9.61047   3.11929   1.000 23.18600 ? 125 PRO A N   1 
ATOM   988  C CA  . PRO A 1 128 ? 4.90072   10.07646  4.22439   1.000 24.22883 ? 125 PRO A CA  1 
ATOM   989  C C   . PRO A 1 128 ? 5.86602   9.02628   4.75152   1.000 23.55963 ? 125 PRO A C   1 
ATOM   990  O O   . PRO A 1 128 ? 6.70484   9.35017   5.60905   1.000 25.56640 ? 125 PRO A O   1 
ATOM   991  C CB  . PRO A 1 128 ? 3.87798   10.45279  5.30373   1.000 24.25920 ? 125 PRO A CB  1 
ATOM   992  C CG  . PRO A 1 128 ? 2.73272   9.52524   5.05283   1.000 25.42866 ? 125 PRO A CG  1 
ATOM   993  C CD  . PRO A 1 128 ? 2.65297   9.40878   3.54366   1.000 22.68221 ? 125 PRO A CD  1 
ATOM   994  N N   . SER A 1 129 ? 5.76641   7.77952   4.29134   1.000 20.76509 ? 126 SER A N   1 
ATOM   995  C CA  . SER A 1 129 ? 6.62559   6.71787   4.79167   1.000 20.94509 ? 126 SER A CA  1 
ATOM   996  C C   . SER A 1 129 ? 6.80603   5.67290   3.70990   1.000 22.10214 ? 126 SER A C   1 
ATOM   997  O O   . SER A 1 129 ? 6.01734   5.58079   2.76493   1.000 20.07043 ? 126 SER A O   1 
ATOM   998  C CB  . SER A 1 129 ? 6.03202   6.03693   6.02427   1.000 22.22842 ? 126 SER A CB  1 
ATOM   999  O OG  . SER A 1 129 ? 4.87363   5.31559   5.64163   1.000 22.53507 ? 126 SER A OG  1 
ATOM   1000 N N   . GLY A 1 130 ? 7.85114   4.86093   3.88348   1.000 20.05026 ? 127 GLY A N   1 
ATOM   1001 C CA  . GLY A 1 130 ? 8.07552   3.75715   2.96403   1.000 21.98348 ? 127 GLY A CA  1 
ATOM   1002 C C   . GLY A 1 130 ? 6.91682   2.77620   2.91324   1.000 19.28624 ? 127 GLY A C   1 
ATOM   1003 O O   . GLY A 1 130 ? 6.57883   2.25964   1.84730   1.000 19.23693 ? 127 GLY A O   1 
ATOM   1004 N N   . SER A 1 131 ? 6.30141   2.49500   4.06477   1.000 18.35191 ? 128 SER A N   1 
ATOM   1005 C CA  . SER A 1 131 ? 5.20765   1.52760   4.08332   1.000 17.70747 ? 128 SER A CA  1 
ATOM   1006 C C   . SER A 1 131 ? 4.00664   2.02492   3.28650   1.000 16.57047 ? 128 SER A C   1 
ATOM   1007 O O   . SER A 1 131 ? 3.30405   1.22875   2.65318   1.000 18.11346 ? 128 SER A O   1 
ATOM   1008 C CB  . SER A 1 131 ? 4.79579   1.21096   5.51983   1.000 19.65699 ? 128 SER A CB  1 
ATOM   1009 O OG  . SER A 1 131 ? 5.90784   0.82673   6.31476   1.000 22.10591 ? 128 SER A OG  1 
ATOM   1010 N N   . VAL A 1 132 ? 3.74877   3.33708   3.31537   1.000 17.12777 ? 129 VAL A N   1 
ATOM   1011 C CA  . VAL A 1 132 ? 2.64445   3.88311   2.52483   1.000 18.03889 ? 129 VAL A CA  1 
ATOM   1012 C C   . VAL A 1 132 ? 2.91948   3.72843   1.03335   1.000 15.90914 ? 129 VAL A C   1 
ATOM   1013 O O   . VAL A 1 132 ? 2.01273   3.40634   0.25089   1.000 16.74375 ? 129 VAL A O   1 
ATOM   1014 C CB  . VAL A 1 132 ? 2.32247   5.33804   2.91964   1.000 17.52838 ? 129 VAL A CB  1 
ATOM   1015 C CG1 . VAL A 1 132 ? 1.32020   5.93570   1.94681   1.000 18.57030 ? 129 VAL A CG1 1 
ATOM   1016 C CG2 . VAL A 1 132 ? 1.77021   5.36399   4.33836   1.000 22.12827 ? 129 VAL A CG2 1 
ATOM   1017 N N   . ILE A 1 133 ? 4.18093   3.91855   0.62150   1.000 17.25090 ? 130 ILE A N   1 
ATOM   1018 C CA  . ILE A 1 133 ? 4.55793   3.62413   -0.76605  1.000 19.36965 ? 130 ILE A CA  1 
ATOM   1019 C C   . ILE A 1 133 ? 4.16302   2.19973   -1.14648  1.000 16.51454 ? 130 ILE A C   1 
ATOM   1020 O O   . ILE A 1 133 ? 3.53012   1.96697   -2.17429  1.000 17.19903 ? 130 ILE A O   1 
ATOM   1021 C CB  . ILE A 1 133 ? 6.05496   3.88147   -1.00865  1.000 20.96286 ? 130 ILE A CB  1 
ATOM   1022 C CG1 . ILE A 1 133 ? 6.39220   5.35286   -0.79622  1.000 20.83797 ? 130 ILE A CG1 1 
ATOM   1023 C CG2 . ILE A 1 133 ? 6.41997   3.47569   -2.43626  1.000 20.29147 ? 130 ILE A CG2 1 
ATOM   1024 C CD1 . ILE A 1 133 ? 7.87404   5.67042   -1.01517  1.000 23.93242 ? 130 ILE A CD1 1 
ATOM   1025 N N   . LEU A 1 134 ? 4.51331   1.25062   -0.28525  1.000 16.80831 ? 131 LEU A N   1 
ATOM   1026 C CA  . LEU A 1 134 ? 4.19477   -0.15423  -0.51909  1.000 19.45968 ? 131 LEU A CA  1 
ATOM   1027 C C   . LEU A 1 134 ? 2.68914   -0.38458  -0.64777  1.000 16.95156 ? 131 LEU A C   1 
ATOM   1028 O O   . LEU A 1 134 ? 2.23882   -1.09897  -1.54317  1.000 17.78408 ? 131 LEU A O   1 
ATOM   1029 C CB  . LEU A 1 134 ? 4.76209   -1.02500  0.60435   1.000 22.36676 ? 131 LEU A CB  1 
ATOM   1030 C CG  . LEU A 1 134 ? 6.28209   -1.00897  0.78031   1.000 27.12473 ? 131 LEU A CG  1 
ATOM   1031 C CD1 . LEU A 1 134 ? 6.70237   -1.95383  1.89479   1.000 34.41338 ? 131 LEU A CD1 1 
ATOM   1032 C CD2 . LEU A 1 134 ? 6.97747   -1.36961  -0.52331  1.000 26.97144 ? 131 LEU A CD2 1 
ATOM   1033 N N   . ALA A 1 135 ? 1.91589   0.22209   0.24887   1.000 16.15361 ? 132 ALA A N   1 
ATOM   1034 C CA  . ALA A 1 135 ? 0.46768   0.06943   0.23189   1.000 17.04548 ? 132 ALA A CA  1 
ATOM   1035 C C   . ALA A 1 135 ? -0.12081  0.61963   -1.05445  1.000 15.43978 ? 132 ALA A C   1 
ATOM   1036 O O   . ALA A 1 135 ? -1.01161  0.01333   -1.63885  1.000 16.27703 ? 132 ALA A O   1 
ATOM   1037 C CB  . ALA A 1 135 ? -0.15572  0.76762   1.43916   1.000 16.71528 ? 132 ALA A CB  1 
ATOM   1038 N N   . LEU A 1 136 ? 0.38444   1.76727   -1.52571  1.000 16.08657 ? 133 LEU A N   1 
ATOM   1039 C CA  . LEU A 1 136 ? -0.14833  2.36995   -2.74506  1.000 16.40697 ? 133 LEU A CA  1 
ATOM   1040 C C   . LEU A 1 136 ? 0.19660   1.53399   -3.96612  1.000 17.15749 ? 133 LEU A C   1 
ATOM   1041 O O   . LEU A 1 136 ? -0.62603  1.38882   -4.87161  1.000 18.05314 ? 133 LEU A O   1 
ATOM   1042 C CB  . LEU A 1 136 ? 0.34461   3.80888   -2.89529  1.000 17.58602 ? 133 LEU A CB  1 
ATOM   1043 C CG  . LEU A 1 136 ? -0.19638  4.81808   -1.88060  1.000 16.98522 ? 133 LEU A CG  1 
ATOM   1044 C CD1 . LEU A 1 136 ? 0.58009   6.12385   -2.00337  1.000 19.22363 ? 133 LEU A CD1 1 
ATOM   1045 C CD2 . LEU A 1 136 ? -1.70624  5.04509   -2.03842  1.000 19.15588 ? 133 LEU A CD2 1 
ATOM   1046 N N   . GLU A 1 137 ? 1.39890   0.94701   -3.99220  1.000 17.05321 ? 134 GLU A N   1 
ATOM   1047 C CA  . GLU A 1 137 ? 1.78157   0.05538   -5.08617  1.000 18.35807 ? 134 GLU A CA  1 
ATOM   1048 C C   . GLU A 1 137 ? 0.88327   -1.17816  -5.13614  1.000 17.51204 ? 134 GLU A C   1 
ATOM   1049 O O   . GLU A 1 137 ? 0.44160   -1.60158  -6.21235  1.000 18.89627 ? 134 GLU A O   1 
ATOM   1050 C CB  . GLU A 1 137 ? 3.24786   -0.36459  -4.93044  1.000 20.35433 ? 134 GLU A CB  1 
ATOM   1051 C CG  . GLU A 1 137 ? 4.26906   0.74948   -5.12226  1.000 25.14438 ? 134 GLU A CG  1 
ATOM   1052 C CD  . GLU A 1 137 ? 4.65053   0.98177   -6.57653  1.000 26.33725 ? 134 GLU A CD  1 
ATOM   1053 O OE1 . GLU A 1 137 ? 4.21891   0.20103   -7.44783  1.000 25.35233 ? 134 GLU A OE1 1 
ATOM   1054 O OE2 . GLU A 1 137 ? 5.38906   1.94969   -6.84570  1.000 27.37600 ? 134 GLU A OE2 1 
ATOM   1055 N N   . VAL A 1 138 ? 0.59016   -1.76156  -3.97064  1.000 18.57677 ? 135 VAL A N   1 
ATOM   1056 C CA  . VAL A 1 138 ? -0.31437  -2.90512  -3.90604  1.000 16.78318 ? 135 VAL A CA  1 
ATOM   1057 C C   . VAL A 1 138 ? -1.69123  -2.52621  -4.44155  1.000 16.17863 ? 135 VAL A C   1 
ATOM   1058 O O   . VAL A 1 138 ? -2.30472  -3.25895  -5.22823  1.000 18.20102 ? 135 VAL A O   1 
ATOM   1059 C CB  . VAL A 1 138 ? -0.39140  -3.44508  -2.46880  1.000 16.97774 ? 135 VAL A CB  1 
ATOM   1060 C CG1 . VAL A 1 138 ? -1.48692  -4.48176  -2.37694  1.000 18.75169 ? 135 VAL A CG1 1 
ATOM   1061 C CG2 . VAL A 1 138 ? 0.94826   -4.03426  -2.04001  1.000 19.59909 ? 135 VAL A CG2 1 
ATOM   1062 N N   . LEU A 1 139 ? -2.21284  -1.38113  -3.98835  1.000 17.34460 ? 136 LEU A N   1 
ATOM   1063 C CA  . LEU A 1 139 ? -3.52921  -0.94092  -4.43331  1.000 17.92911 ? 136 LEU A CA  1 
ATOM   1064 C C   . LEU A 1 139 ? -3.55243  -0.71095  -5.93478  1.000 16.74848 ? 136 LEU A C   1 
ATOM   1065 O O   . LEU A 1 139 ? -4.52521  -1.06371  -6.61326  1.000 18.77607 ? 136 LEU A O   1 
ATOM   1066 C CB  . LEU A 1 139 ? -3.93991  0.32448   -3.67269  1.000 19.15439 ? 136 LEU A CB  1 
ATOM   1067 C CG  . LEU A 1 139 ? -5.32087  0.90506   -4.00874  1.000 18.95879 ? 136 LEU A CG  1 
ATOM   1068 C CD1 . LEU A 1 139 ? -6.43777  -0.13122  -3.84072  1.000 21.60635 ? 136 LEU A CD1 1 
ATOM   1069 C CD2 . LEU A 1 139 ? -5.59154  2.15823   -3.16535  1.000 23.60607 ? 136 LEU A CD2 1 
ATOM   1070 N N   . ARG A 1 140 ? -2.47967  -0.14433  -6.47749  1.000 17.23280 ? 137 ARG A N   1 
ATOM   1071 C CA  . ARG A 1 140 ? -2.44249  0.10816   -7.91189  1.000 19.10103 ? 137 ARG A CA  1 
ATOM   1072 C C   . ARG A 1 140 ? -2.57488  -1.19121  -8.69557  1.000 19.79136 ? 137 ARG A C   1 
ATOM   1073 O O   . ARG A 1 140 ? -3.31051  -1.26262  -9.68996  1.000 19.85151 ? 137 ARG A O   1 
ATOM   1074 C CB  . ARG A 1 140 ? -1.15738  0.82390   -8.29449  1.000 19.03301 ? 137 ARG A CB  1 
ATOM   1075 C CG  . ARG A 1 140 ? -1.08074  1.04946   -9.77622  1.000 23.08090 ? 137 ARG A CG  1 
ATOM   1076 C CD  . ARG A 1 140 ? 0.05240   1.97175   -10.15659 1.000 23.40258 ? 137 ARG A CD  1 
ATOM   1077 N NE  . ARG A 1 140 ? 1.36997   1.44828   -9.81786  1.000 27.67067 ? 137 ARG A NE  1 
ATOM   1078 C CZ  . ARG A 1 140 ? 2.12945   0.73915   -10.64160 1.000 32.62467 ? 137 ARG A CZ  1 
ATOM   1079 N NH1 . ARG A 1 140 ? 1.71704   0.41323   -11.85547 1.000 36.99628 ? 137 ARG A NH1 1 
ATOM   1080 N NH2 . ARG A 1 140 ? 3.33189   0.34048   -10.23338 1.000 32.07350 ? 137 ARG A NH2 1 
ATOM   1081 N N   . VAL A 1 141 ? -1.90065  -2.25020  -8.23170  1.000 20.34813 ? 138 VAL A N   1 
ATOM   1082 C CA  . VAL A 1 141 ? -1.98931  -3.54841  -8.89924  1.000 18.92555 ? 138 VAL A CA  1 
ATOM   1083 C C   . VAL A 1 141 ? -3.41728  -4.07573  -8.87494  1.000 21.10723 ? 138 VAL A C   1 
ATOM   1084 O O   . VAL A 1 141 ? -3.93239  -4.56580  -9.89262  1.000 21.05867 ? 138 VAL A O   1 
ATOM   1085 C CB  . VAL A 1 141 ? -0.97363  -4.54158  -8.29640  1.000 22.56979 ? 138 VAL A CB  1 
ATOM   1086 C CG1 . VAL A 1 141 ? -1.26566  -5.95281  -8.78819  1.000 24.75651 ? 138 VAL A CG1 1 
ATOM   1087 C CG2 . VAL A 1 141 ? 0.45115   -4.14296  -8.65481  1.000 25.07238 ? 138 VAL A CG2 1 
ATOM   1088 N N   . LEU A 1 142 ? -4.08793  -3.96287  -7.72563  1.000 18.95017 ? 139 LEU A N   1 
ATOM   1089 C CA  . LEU A 1 142 ? -5.46539  -4.41851  -7.61197  1.000 21.28976 ? 139 LEU A CA  1 
ATOM   1090 C C   . LEU A 1 142 ? -6.39181  -3.67426  -8.56985  1.000 21.58296 ? 139 LEU A C   1 
ATOM   1091 O O   . LEU A 1 142 ? -7.27592  -4.28511  -9.17818  1.000 24.41740 ? 139 LEU A O   1 
ATOM   1092 C CB  . LEU A 1 142 ? -5.92672  -4.25392  -6.16668  1.000 22.44184 ? 139 LEU A CB  1 
ATOM   1093 C CG  . LEU A 1 142 ? -7.25662  -4.85541  -5.73952  1.000 23.60732 ? 139 LEU A CG  1 
ATOM   1094 C CD1 . LEU A 1 142 ? -7.29788  -6.33814  -6.06785  1.000 22.46959 ? 139 LEU A CD1 1 
ATOM   1095 C CD2 . LEU A 1 142 ? -7.42747  -4.63598  -4.24894  1.000 24.80472 ? 139 LEU A CD2 1 
ATOM   1096 N N   . LEU A 1 143 ? -6.21863  -2.35635  -8.71564  1.000 18.15743 ? 140 LEU A N   1 
ATOM   1097 C CA  . LEU A 1 143 ? -7.03349  -1.60565  -9.67176  1.000 19.44836 ? 140 LEU A CA  1 
ATOM   1098 C C   . LEU A 1 143 ? -6.78827  -2.08428  -11.09176 1.000 21.10583 ? 140 LEU A C   1 
ATOM   1099 O O   . LEU A 1 143 ? -7.73230  -2.30779  -11.86163 1.000 19.48572 ? 140 LEU A O   1 
ATOM   1100 C CB  . LEU A 1 143 ? -6.71850  -0.11320  -9.58305  1.000 19.39246 ? 140 LEU A CB  1 
ATOM   1101 C CG  . LEU A 1 143 ? -6.99345  0.51423   -8.22869  1.000 20.73956 ? 140 LEU A CG  1 
ATOM   1102 C CD1 . LEU A 1 143 ? -6.69652  2.01667   -8.23646  1.000 21.24837 ? 140 LEU A CD1 1 
ATOM   1103 C CD2 . LEU A 1 143 ? -8.42784  0.21782   -7.80254  1.000 26.62749 ? 140 LEU A CD2 1 
ATOM   1104 N N   . GLU A 1 144 ? -5.51622  -2.23389  -11.45886 1.000 19.66236 ? 141 GLU A N   1 
ATOM   1105 C CA  . GLU A 1 144 ? -5.17056  -2.54661  -12.84287 1.000 22.90429 ? 141 GLU A CA  1 
ATOM   1106 C C   . GLU A 1 144 ? -5.68547  -3.91267  -13.27935 1.000 24.69288 ? 141 GLU A C   1 
ATOM   1107 O O   . GLU A 1 144 ? -6.17880  -4.06339  -14.40321 1.000 25.96210 ? 141 GLU A O   1 
ATOM   1108 C CB  . GLU A 1 144 ? -3.66232  -2.45116  -13.03409 1.000 22.86490 ? 141 GLU A CB  1 
ATOM   1109 C CG  . GLU A 1 144 ? -3.14123  -1.03034  -12.88196 1.000 26.77109 ? 141 GLU A CG  1 
ATOM   1110 C CD  . GLU A 1 144 ? -1.62864  -0.93196  -12.94191 1.000 31.05589 ? 141 GLU A CD  1 
ATOM   1111 O OE1 . GLU A 1 144 ? -0.96570  -1.98717  -13.02578 1.000 34.44301 ? 141 GLU A OE1 1 
ATOM   1112 O OE2 . GLU A 1 144 ? -1.10561  0.20696   -12.89444 1.000 26.40514 ? 141 GLU A OE2 1 
ATOM   1113 N N   . ILE A 1 145 ? -5.58060  -4.92600  -12.41897 1.000 21.00317 ? 142 ILE A N   1 
ATOM   1114 C CA  . ILE A 1 145 ? -6.04038  -6.24139  -12.85896 1.000 22.64577 ? 142 ILE A CA  1 
ATOM   1115 C C   . ILE A 1 145 ? -7.55234  -6.29656  -12.97012 1.000 28.47417 ? 142 ILE A C   1 
ATOM   1116 O O   . ILE A 1 145 ? -8.09095  -7.20214  -13.62241 1.000 28.95798 ? 142 ILE A O   1 
ATOM   1117 C CB  . ILE A 1 145 ? -5.47965  -7.39118  -12.00281 1.000 27.96507 ? 142 ILE A CB  1 
ATOM   1118 C CG1 . ILE A 1 145 ? -6.08772  -7.35587  -10.60529 1.000 23.59034 ? 142 ILE A CG1 1 
ATOM   1119 C CG2 . ILE A 1 145 ? -3.96056  -7.32639  -11.95306 1.000 28.38568 ? 142 ILE A CG2 1 
ATOM   1120 C CD1 . ILE A 1 145 ? -5.64814  -8.51353  -9.74572  1.000 29.88209 ? 142 ILE A CD1 1 
ATOM   1121 N N   . ASN A 1 146 ? -8.25337  -5.34880  -12.35096 1.000 24.21698 ? 143 ASN A N   1 
ATOM   1122 C CA  . ASN A 1 146 ? -9.69163  -5.19951  -12.49116 1.000 26.54409 ? 143 ASN A CA  1 
ATOM   1123 C C   . ASN A 1 146 ? -10.08542 -4.18369  -13.55407 1.000 24.15562 ? 143 ASN A C   1 
ATOM   1124 O O   . ASN A 1 146 ? -11.27768 -3.88525  -13.69190 1.000 27.34595 ? 143 ASN A O   1 
ATOM   1125 C CB  . ASN A 1 146 ? -10.31032 -4.81421  -11.14546 1.000 25.50158 ? 143 ASN A CB  1 
ATOM   1126 C CG  . ASN A 1 146 ? -10.45718 -5.99430  -10.22333 1.000 27.15286 ? 143 ASN A CG  1 
ATOM   1127 O OD1 . ASN A 1 146 ? -10.91579 -7.05842  -10.63660 1.000 31.86043 ? 143 ASN A OD1 1 
ATOM   1128 N ND2 . ASN A 1 146 ? -10.05522 -5.82682  -8.97484  1.000 27.53230 ? 143 ASN A ND2 1 
ATOM   1129 N N   . ASN A 1 147 ? -9.11681  -3.64106  -14.29530 1.000 24.05590 ? 144 ASN A N   1 
ATOM   1130 C CA  . ASN A 1 147 ? -9.37867  -2.60778  -15.30156 1.000 22.59726 ? 144 ASN A CA  1 
ATOM   1131 C C   . ASN A 1 147 ? -10.20850 -1.45781  -14.73485 1.000 25.62528 ? 144 ASN A C   1 
ATOM   1132 O O   . ASN A 1 147 ? -11.15180 -0.97457  -15.36685 1.000 28.20086 ? 144 ASN A O   1 
ATOM   1133 C CB  . ASN A 1 147 ? -10.02335 -3.19140  -16.56023 1.000 27.23392 ? 144 ASN A CB  1 
ATOM   1134 C CG  . ASN A 1 147 ? -9.29400  -4.41188  -17.07319 1.000 37.39216 ? 144 ASN A CG  1 
ATOM   1135 O OD1 . ASN A 1 147 ? -8.07018  -4.40815  -17.21174 1.000 44.79981 ? 144 ASN A OD1 1 
ATOM   1136 N ND2 . ASN A 1 147 ? -10.04233 -5.47879  -17.33531 1.000 41.35904 ? 144 ASN A ND2 1 
ATOM   1137 N N   . LEU A 1 148 ? -9.85906  -1.02462  -13.52460 1.000 22.27786 ? 145 LEU A N   1 
ATOM   1138 C CA  . LEU A 1 148 ? -10.51602 0.07945   -12.84101 1.000 23.02212 ? 145 LEU A CA  1 
ATOM   1139 C C   . LEU A 1 148 ? -9.57064  1.26798   -12.78476 1.000 24.27110 ? 145 LEU A C   1 
ATOM   1140 O O   . LEU A 1 148 ? -8.37730  1.11347   -12.50260 1.000 25.21774 ? 145 LEU A O   1 
ATOM   1141 C CB  . LEU A 1 148 ? -10.85430 -0.30958  -11.40506 1.000 24.54467 ? 145 LEU A CB  1 
ATOM   1142 C CG  . LEU A 1 148 ? -12.25720 -0.80760  -11.08771 1.000 32.99048 ? 145 LEU A CG  1 
ATOM   1143 C CD1 . LEU A 1 148 ? -12.33040 -1.20245  -9.62088  1.000 35.97174 ? 145 LEU A CD1 1 
ATOM   1144 C CD2 . LEU A 1 148 ? -13.27539 0.28106   -11.38681 1.000 27.14542 ? 145 LEU A CD2 1 
ATOM   1145 N N   . SER A 1 149 ? -10.09933 2.45379   -13.05185 1.000 24.39924 ? 146 SER A N   1 
ATOM   1146 C CA  . SER A 1 149 ? -9.28342  3.65818   -13.04282 1.000 23.04541 ? 146 SER A CA  1 
ATOM   1147 C C   . SER A 1 149 ? -9.29056  4.30316   -11.66060 1.000 23.12429 ? 146 SER A C   1 
ATOM   1148 O O   . SER A 1 149 ? -10.20381 4.09619   -10.85750 1.000 22.07755 ? 146 SER A O   1 
ATOM   1149 C CB  . SER A 1 149 ? -9.80201  4.66493   -14.06666 1.000 26.00043 ? 146 SER A CB  1 
ATOM   1150 O OG  . SER A 1 149 ? -11.08312 5.13423   -13.69112 1.000 26.68542 ? 146 SER A OG  1 
ATOM   1151 N N   A TRP A 1 150 ? -8.25772  5.11243   -11.38029 0.599 23.00629 ? 147 TRP A N   1 
ATOM   1152 N N   B TRP A 1 150 ? -8.23291  5.07171   -11.41048 0.401 23.02614 ? 147 TRP A N   1 
ATOM   1153 C CA  A TRP A 1 150 ? -8.21432  5.82796   -10.10128 0.599 22.39704 ? 147 TRP A CA  1 
ATOM   1154 C CA  B TRP A 1 150 ? -8.10318  5.89928   -10.21945 0.401 22.57204 ? 147 TRP A CA  1 
ATOM   1155 C C   A TRP A 1 150 ? -9.37718  6.80266   -9.97902  0.599 19.57104 ? 147 TRP A C   1 
ATOM   1156 C C   B TRP A 1 150 ? -9.33858  6.76347   -10.02106 0.401 19.61884 ? 147 TRP A C   1 
ATOM   1157 O O   A TRP A 1 150 ? -9.94107  6.97350   -8.89260  0.599 21.28837 ? 147 TRP A O   1 
ATOM   1158 O O   B TRP A 1 150 ? -9.91752  6.81129   -8.92984  0.401 21.26152 ? 147 TRP A O   1 
ATOM   1159 C CB  A TRP A 1 150 ? -6.88047  6.56410   -9.90000  0.599 22.76377 ? 147 TRP A CB  1 
ATOM   1160 C CB  B TRP A 1 150 ? -6.88518  6.78646   -10.45520 0.401 23.63732 ? 147 TRP A CB  1 
ATOM   1161 C CG  A TRP A 1 150 ? -5.72548  5.68037   -9.48556  0.599 21.07536 ? 147 TRP A CG  1 
ATOM   1162 C CG  B TRP A 1 150 ? -6.35014  7.48644   -9.28269  0.401 21.65920 ? 147 TRP A CG  1 
ATOM   1163 C CD1 A TRP A 1 150 ? -4.75833  5.16312   -10.30039 0.599 21.83230 ? 147 TRP A CD1 1 
ATOM   1164 C CD1 B TRP A 1 150 ? -6.20196  8.83129   -9.13729  0.401 22.26379 ? 147 TRP A CD1 1 
ATOM   1165 C CD2 A TRP A 1 150 ? -5.42363  5.20658   -8.15897  0.599 20.31204 ? 147 TRP A CD2 1 
ATOM   1166 C CD2 B TRP A 1 150 ? -5.82840  6.89169   -8.09598  0.401 22.97595 ? 147 TRP A CD2 1 
ATOM   1167 N NE1 A TRP A 1 150 ? -3.88057  4.39521   -9.57092  0.599 23.60924 ? 147 TRP A NE1 1 
ATOM   1168 N NE1 B TRP A 1 150 ? -5.62998  9.11463   -7.92475  0.401 25.47770 ? 147 TRP A NE1 1 
ATOM   1169 C CE2 A TRP A 1 150 ? -4.26764  4.40326   -8.25693  0.599 21.90455 ? 147 TRP A CE2 1 
ATOM   1170 C CE2 B TRP A 1 150 ? -5.40035  7.93886   -7.26090  0.401 23.46487 ? 147 TRP A CE2 1 
ATOM   1171 C CE3 A TRP A 1 150 ? -6.02672  5.36874   -6.90570  0.599 20.55087 ? 147 TRP A CE3 1 
ATOM   1172 C CE3 B TRP A 1 150 ? -5.69053  5.57415   -7.65308  0.401 20.98320 ? 147 TRP A CE3 1 
ATOM   1173 C CZ2 A TRP A 1 150 ? -3.70465  3.76968   -7.15097  0.599 20.73224 ? 147 TRP A CZ2 1 
ATOM   1174 C CZ2 B TRP A 1 150 ? -4.84533  7.71316   -6.01220  0.401 23.25086 ? 147 TRP A CZ2 1 
ATOM   1175 C CZ3 A TRP A 1 150 ? -5.45665  4.74292   -5.80747  0.599 21.63427 ? 147 TRP A CZ3 1 
ATOM   1176 C CZ3 B TRP A 1 150 ? -5.14544  5.35081   -6.41224  0.401 20.98225 ? 147 TRP A CZ3 1 
ATOM   1177 C CH2 A TRP A 1 150 ? -4.30419  3.96059   -5.93854  0.599 22.23735 ? 147 TRP A CH2 1 
ATOM   1178 C CH2 B TRP A 1 150 ? -4.72605  6.41330   -5.60474  0.401 21.99295 ? 147 TRP A CH2 1 
ATOM   1179 N N   . ARG A 1 151 ? -9.75623  7.45020   -11.08357 1.000 20.68064 ? 148 ARG A N   1 
ATOM   1180 C CA  . ARG A 1 151 ? -10.90387 8.35075   -11.02643 1.000 21.34971 ? 148 ARG A CA  1 
ATOM   1181 C C   . ARG A 1 151 ? -12.17832 7.61377   -10.62514 1.000 21.79185 ? 148 ARG A C   1 
ATOM   1182 O O   . ARG A 1 151 ? -13.01902 8.17194   -9.90850  1.000 22.21809 ? 148 ARG A O   1 
ATOM   1183 C CB  . ARG A 1 151 ? -11.06517 9.05422   -12.37723 1.000 23.59589 ? 148 ARG A CB  1 
ATOM   1184 C CG  . ARG A 1 151 ? -12.15993 10.10401  -12.41114 1.000 36.14771 ? 148 ARG A CG  1 
ATOM   1185 C CD  . ARG A 1 151 ? -12.55816 10.45966  -13.83961 1.000 39.15356 ? 148 ARG A CD  1 
ATOM   1186 N NE  . ARG A 1 151 ? -12.92466 9.28524   -14.62544 1.000 46.74989 ? 148 ARG A NE  1 
ATOM   1187 C CZ  . ARG A 1 151 ? -14.03797 8.58109   -14.45689 1.000 48.56653 ? 148 ARG A CZ  1 
ATOM   1188 N NH1 . ARG A 1 151 ? -14.90051 8.86538   -13.49153 1.000 45.98132 ? 148 ARG A NH1 1 
ATOM   1189 N NH2 . ARG A 1 151 ? -14.29236 7.56267   -15.27414 1.000 42.94742 ? 148 ARG A NH2 1 
ATOM   1190 N N   . GLU A 1 152 ? -12.33846 6.36153   -11.06845 1.000 22.14312 ? 149 GLU A N   1 
ATOM   1191 C CA  . GLU A 1 152 ? -13.53588 5.59029   -10.73701 1.000 20.79370 ? 149 GLU A CA  1 
ATOM   1192 C C   . GLU A 1 152 ? -13.58467 5.20282   -9.26024  1.000 18.87680 ? 149 GLU A C   1 
ATOM   1193 O O   . GLU A 1 152 ? -14.66308 5.18342   -8.66121  1.000 20.12934 ? 149 GLU A O   1 
ATOM   1194 C CB  . GLU A 1 152 ? -13.59795 4.32486   -11.59910 1.000 21.91319 ? 149 GLU A CB  1 
ATOM   1195 C CG  . GLU A 1 152 ? -14.17772 4.54099   -13.00300 1.000 25.17229 ? 149 GLU A CG  1 
ATOM   1196 C CD  . GLU A 1 152 ? -14.16294 3.28511   -13.86321 1.000 30.36846 ? 149 GLU A CD  1 
ATOM   1197 O OE1 . GLU A 1 152 ? -13.06330 2.83218   -14.22400 1.000 26.76745 ? 149 GLU A OE1 1 
ATOM   1198 O OE2 . GLU A 1 152 ? -15.24421 2.74315   -14.17435 1.000 26.25400 ? 149 GLU A OE2 1 
ATOM   1199 N N   . VAL A 1 153 ? -12.44030 4.87494   -8.66457  1.000 18.63172 ? 150 VAL A N   1 
ATOM   1200 C CA  A VAL A 1 153 ? -12.42963 4.26095   -7.34167  0.626 20.22038 ? 150 VAL A CA  1 
ATOM   1201 C CA  B VAL A 1 153 ? -12.37006 4.24509   -7.34748  0.374 20.25263 ? 150 VAL A CA  1 
ATOM   1202 C C   . VAL A 1 153 ? -12.14423 5.24884   -6.21729  1.000 19.19585 ? 150 VAL A C   1 
ATOM   1203 O O   . VAL A 1 153 ? -12.54987 5.00176   -5.07510  1.000 18.28803 ? 150 VAL A O   1 
ATOM   1204 C CB  A VAL A 1 153 ? -11.45297 3.06626   -7.29150  0.626 21.46635 ? 150 VAL A CB  1 
ATOM   1205 C CB  B VAL A 1 153 ? -11.29752 3.13589   -7.34215  0.374 21.42999 ? 150 VAL A CB  1 
ATOM   1206 C CG1 A VAL A 1 153 ? -10.01880 3.55322   -7.15460  0.626 23.11624 ? 150 VAL A CG1 1 
ATOM   1207 C CG1 B VAL A 1 153 ? -11.29247 2.37183   -6.02557  0.374 23.10498 ? 150 VAL A CG1 1 
ATOM   1208 C CG2 A VAL A 1 153 ? -11.83158 2.09020   -6.17382  0.626 23.40143 ? 150 VAL A CG2 1 
ATOM   1209 C CG2 B VAL A 1 153 ? -11.52415 2.17979   -8.49986  0.374 23.08717 ? 150 VAL A CG2 1 
ATOM   1210 N N   . LEU A 1 154 ? -11.48570 6.37178   -6.50637  1.000 18.95251 ? 151 LEU A N   1 
ATOM   1211 C CA  . LEU A 1 154 ? -11.14086 7.32745   -5.45448  1.000 18.80642 ? 151 LEU A CA  1 
ATOM   1212 C C   . LEU A 1 154 ? -12.31608 7.75996   -4.58981  1.000 17.68364 ? 151 LEU A C   1 
ATOM   1213 O O   . LEU A 1 154 ? -12.15455 7.82156   -3.35933  1.000 18.93948 ? 151 LEU A O   1 
ATOM   1214 C CB  . LEU A 1 154 ? -10.37911 8.53094   -6.02960  1.000 20.48585 ? 151 LEU A CB  1 
ATOM   1215 C CG  . LEU A 1 154 ? -8.86633  8.41141   -5.98084  1.000 18.28307 ? 151 LEU A CG  1 
ATOM   1216 C CD1 . LEU A 1 154 ? -8.35003  9.64365   -6.67274  1.000 25.10028 ? 151 LEU A CD1 1 
ATOM   1217 C CD2 . LEU A 1 154 ? -8.37087  8.33950   -4.53999  1.000 21.58254 ? 151 LEU A CD2 1 
ATOM   1218 N N   . PRO A 1 155 ? -13.50163 8.05331   -5.13194  1.000 18.38460 ? 152 PRO A N   1 
ATOM   1219 C CA  . PRO A 1 155 ? -14.60797 8.46354   -4.24914  1.000 18.66705 ? 152 PRO A CA  1 
ATOM   1220 C C   . PRO A 1 155 ? -14.95631 7.40575   -3.21785  1.000 17.51810 ? 152 PRO A C   1 
ATOM   1221 O O   . PRO A 1 155 ? -15.10379 7.72202   -2.03274  1.000 19.63487 ? 152 PRO A O   1 
ATOM   1222 C CB  . PRO A 1 155 ? -15.74952 8.74652   -5.23596  1.000 19.67521 ? 152 PRO A CB  1 
ATOM   1223 C CG  . PRO A 1 155 ? -15.05293 9.09978   -6.52091  1.000 19.72642 ? 152 PRO A CG  1 
ATOM   1224 C CD  . PRO A 1 155 ? -13.82892 8.25602   -6.55744  1.000 19.37207 ? 152 PRO A CD  1 
ATOM   1225 N N   . LEU A 1 156 ? -15.03477 6.14380   -3.63657  1.000 17.09346 ? 153 LEU A N   1 
ATOM   1226 C CA  . LEU A 1 156 ? -15.31302 5.06885   -2.68539  1.000 18.91124 ? 153 LEU A CA  1 
ATOM   1227 C C   . LEU A 1 156 ? -14.18154 4.90651   -1.66820  1.000 18.60532 ? 153 LEU A C   1 
ATOM   1228 O O   . LEU A 1 156 ? -14.43226 4.64776   -0.48144  1.000 21.06239 ? 153 LEU A O   1 
ATOM   1229 C CB  . LEU A 1 156 ? -15.60173 3.76509   -3.42875  1.000 19.12120 ? 153 LEU A CB  1 
ATOM   1230 C CG  . LEU A 1 156 ? -16.10986 2.62648   -2.54831  1.000 19.76303 ? 153 LEU A CG  1 
ATOM   1231 C CD1 . LEU A 1 156 ? -17.37941 2.99423   -1.78504  1.000 21.16488 ? 153 LEU A CD1 1 
ATOM   1232 C CD2 . LEU A 1 156 ? -16.33088 1.40999   -3.41429  1.000 19.77305 ? 153 LEU A CD2 1 
ATOM   1233 N N   . LEU A 1 157 ? -12.92863 5.04221   -2.11091  1.000 18.46002 ? 154 LEU A N   1 
ATOM   1234 C CA  . LEU A 1 157 ? -11.81004 4.96968   -1.17175  1.000 19.32410 ? 154 LEU A CA  1 
ATOM   1235 C C   . LEU A 1 157 ? -11.91935 6.05502   -0.11105  1.000 21.04510 ? 154 LEU A C   1 
ATOM   1236 O O   . LEU A 1 157 ? -11.59762 5.81716   1.05986   1.000 21.50388 ? 154 LEU A O   1 
ATOM   1237 C CB  . LEU A 1 157 ? -10.47407 5.05522   -1.91026  1.000 20.20278 ? 154 LEU A CB  1 
ATOM   1238 C CG  . LEU A 1 157 ? -10.13841 3.88241   -2.83019  1.000 20.22764 ? 154 LEU A CG  1 
ATOM   1239 C CD1 . LEU A 1 157 ? -8.97173  4.21701   -3.74591  1.000 22.66387 ? 154 LEU A CD1 1 
ATOM   1240 C CD2 . LEU A 1 157 ? -9.80683  2.64810   -2.02949  1.000 22.27587 ? 154 LEU A CD2 1 
ATOM   1241 N N   . ALA A 1 158 ? -12.36160 7.25870   -0.49454  1.000 19.43001 ? 155 ALA A N   1 
ATOM   1242 C CA  . ALA A 1 158 ? -12.51414 8.32798   0.48674   1.000 22.25899 ? 155 ALA A CA  1 
ATOM   1243 C C   . ALA A 1 158 ? -13.61410 8.00400   1.49104   1.000 23.64152 ? 155 ALA A C   1 
ATOM   1244 O O   . ALA A 1 158 ? -13.49783 8.34045   2.67839   1.000 24.76881 ? 155 ALA A O   1 
ATOM   1245 C CB  . ALA A 1 158 ? -12.77529 9.66344   -0.20707  1.000 22.39288 ? 155 ALA A CB  1 
ATOM   1246 N N   . LEU A 1 159 ? -14.68860 7.35672   1.03751   1.000 20.39721 ? 156 LEU A N   1 
ATOM   1247 C CA  . LEU A 1 159 ? -15.73091 6.94479   1.97138   1.000 25.87562 ? 156 LEU A CA  1 
ATOM   1248 C C   . LEU A 1 159 ? -15.21011 5.89091   2.94078   1.000 27.77441 ? 156 LEU A C   1 
ATOM   1249 O O   . LEU A 1 159 ? -15.55711 5.90474   4.12548   1.000 30.64882 ? 156 LEU A O   1 
ATOM   1250 C CB  . LEU A 1 159 ? -16.95491 6.43138   1.21306   1.000 26.88252 ? 156 LEU A CB  1 
ATOM   1251 C CG  . LEU A 1 159 ? -18.08524 5.89369   2.09882   1.000 29.65195 ? 156 LEU A CG  1 
ATOM   1252 C CD1 . LEU A 1 159 ? -18.63957 6.99628   2.98349   1.000 35.79662 ? 156 LEU A CD1 1 
ATOM   1253 C CD2 . LEU A 1 159 ? -19.18662 5.27150   1.26384   1.000 35.97786 ? 156 LEU A CD2 1 
ATOM   1254 N N   . ALA A 1 160 ? -14.37069 4.97458   2.45236   1.000 26.54628 ? 157 ALA A N   1 
ATOM   1255 C CA  . ALA A 1 160 ? -13.72004 3.99920   3.32104   1.000 26.68226 ? 157 ALA A CA  1 
ATOM   1256 C C   . ALA A 1 160 ? -12.84984 4.67221   4.38047   1.000 24.33688 ? 157 ALA A C   1 
ATOM   1257 O O   . ALA A 1 160 ? -12.72785 4.15595   5.49822   1.000 28.25148 ? 157 ALA A O   1 
ATOM   1258 C CB  . ALA A 1 160 ? -12.88792 3.03834   2.47292   1.000 27.03093 ? 157 ALA A CB  1 
ATOM   1259 N N   . ALA A 1 161 ? -12.25501 5.82663   4.06706   1.000 23.95009 ? 158 ALA A N   1 
ATOM   1260 C CA  . ALA A 1 161 ? -11.45212 6.53444   5.06211   1.000 25.88378 ? 158 ALA A CA  1 
ATOM   1261 C C   . ALA A 1 161 ? -12.30073 6.98076   6.24592   1.000 33.26635 ? 158 ALA A C   1 
ATOM   1262 O O   . ALA A 1 161 ? -11.77960 7.15828   7.35393   1.000 34.63183 ? 158 ALA A O   1 
ATOM   1263 C CB  . ALA A 1 161 ? -10.74019 7.72923   4.42381   1.000 25.45907 ? 158 ALA A CB  1 
ATOM   1264 N N   . ALA A 1 162 ? -13.60328 7.16630   6.03626   1.000 34.66037 ? 159 ALA A N   1 
ATOM   1265 C CA  . ALA A 1 162 ? -14.53712 7.49525   7.10511   1.000 34.64765 ? 159 ALA A CA  1 
ATOM   1266 C C   . ALA A 1 162 ? -15.28025 6.27432   7.63358   1.000 38.30348 ? 159 ALA A C   1 
ATOM   1267 O O   . ALA A 1 162 ? -16.18334 6.42314   8.46335   1.000 45.74845 ? 159 ALA A O   1 
ATOM   1268 C CB  . ALA A 1 162 ? -15.52490 8.56725   6.64177   1.000 36.61406 ? 159 ALA A CB  1 
ATOM   1269 N N   . SER A 1 163 ? -14.91830 5.07336   7.18176   1.000 40.75874 ? 160 SER A N   1 
ATOM   1270 C CA  . SER A 1 163 ? -15.56526 3.85041   7.64394   1.000 43.25757 ? 160 SER A CA  1 
ATOM   1271 C C   . SER A 1 163 ? -14.55143 2.91407   8.29123   1.000 44.26688 ? 160 SER A C   1 
ATOM   1272 O O   . SER A 1 163 ? -13.66888 3.35906   9.03004   1.000 44.39538 ? 160 SER A O   1 
ATOM   1273 C CB  . SER A 1 163 ? -16.25631 3.13405   6.47918   1.000 43.69165 ? 160 SER A CB  1 
ATOM   1274 O OG  . SER A 1 163 ? -17.07553 4.02183   5.74387   1.000 42.57377 ? 160 SER A OG  1 
ATOM   1275 N N   . GLY A 1 164 ? -14.67185 1.61845   8.01397   1.000 43.19900 ? 161 GLY A N   1 
ATOM   1276 C CA  . GLY A 1 164 ? -13.77192 0.62333   8.57058   1.000 35.71099 ? 161 GLY A CA  1 
ATOM   1277 C C   . GLY A 1 164 ? -14.44461 -0.37069  9.50123   1.000 51.00565 ? 161 GLY A C   1 
ATOM   1278 O O   . GLY A 1 164 ? -14.80840 -1.47702  9.09674   1.000 47.70964 ? 161 GLY A O   1 
HETATM 1279 O O   . HOH B 2 .   ? 4.98833   -2.35174  5.06914   1.000 23.53748 ? 201 HOH A O   1 
HETATM 1280 O O   . HOH B 2 .   ? -13.55871 10.45685  3.58004   1.000 38.92751 ? 202 HOH A O   1 
HETATM 1281 O O   . HOH B 2 .   ? -19.60354 -5.15446  0.33728   1.000 33.96176 ? 203 HOH A O   1 
HETATM 1282 O O   . HOH B 2 .   ? 21.47892  -4.83776  12.58748  1.000 35.24488 ? 204 HOH A O   1 
HETATM 1283 O O   . HOH B 2 .   ? 7.17116   2.83372   6.85456   1.000 24.05606 ? 205 HOH A O   1 
HETATM 1284 O O   . HOH B 2 .   ? 8.23135   6.34565   -5.04177  1.000 38.11486 ? 206 HOH A O   1 
HETATM 1285 O O   . HOH B 2 .   ? 9.77029   -13.28179 -2.65301  1.000 23.60219 ? 207 HOH A O   1 
HETATM 1286 O O   . HOH B 2 .   ? -5.40587  -11.70470 3.70591   1.000 26.79600 ? 208 HOH A O   1 
HETATM 1287 O O   . HOH B 2 .   ? 11.63173  -1.16833  -9.58257  1.000 28.64023 ? 209 HOH A O   1 
HETATM 1288 O O   . HOH B 2 .   ? 6.70112   -16.20138 2.76790   1.000 33.10140 ? 210 HOH A O   1 
HETATM 1289 O O   . HOH B 2 .   ? 7.12677   11.82135  6.13136   1.000 37.16920 ? 211 HOH A O   1 
HETATM 1290 O O   . HOH B 2 .   ? -8.40048  5.04591   10.74725  1.000 26.38217 ? 212 HOH A O   1 
HETATM 1291 O O   . HOH B 2 .   ? -22.91412 3.13650   -0.61405  1.000 35.56231 ? 213 HOH A O   1 
HETATM 1292 O O   . HOH B 2 .   ? 7.81729   12.49031  2.80181   1.000 39.88570 ? 214 HOH A O   1 
HETATM 1293 O O   . HOH B 2 .   ? 13.92696  -13.16765 -1.19231  1.000 22.05548 ? 215 HOH A O   1 
HETATM 1294 O O   . HOH B 2 .   ? -14.73154 -14.02067 -4.79061  1.000 32.22337 ? 216 HOH A O   1 
HETATM 1295 O O   . HOH B 2 .   ? 7.28404   -1.33904  5.44291   1.000 25.69711 ? 217 HOH A O   1 
HETATM 1296 O O   . HOH B 2 .   ? 12.08563  -8.65421  8.13961   1.000 24.19700 ? 218 HOH A O   1 
HETATM 1297 O O   . HOH B 2 .   ? -0.74719  -8.05099  17.39960  1.000 37.40056 ? 219 HOH A O   1 
HETATM 1298 O O   . HOH B 2 .   ? 2.20073   -1.22423  -8.42433  1.000 29.54242 ? 220 HOH A O   1 
HETATM 1299 O O   . HOH B 2 .   ? -17.22819 5.19974   -9.66298  1.000 30.29718 ? 221 HOH A O   1 
HETATM 1300 O O   . HOH B 2 .   ? 10.76126  0.23301   17.79473  1.000 36.65162 ? 222 HOH A O   1 
HETATM 1301 O O   . HOH B 2 .   ? -21.63419 -6.21888  -5.32878  1.000 27.42148 ? 223 HOH A O   1 
HETATM 1302 O O   . HOH B 2 .   ? 12.06425  2.35119   17.37519  1.000 29.24001 ? 224 HOH A O   1 
HETATM 1303 O O   . HOH B 2 .   ? 3.17419   5.54842   7.67467   1.000 34.60609 ? 225 HOH A O   1 
HETATM 1304 O O   . HOH B 2 .   ? 7.12282   3.91556   -6.32723  1.000 31.35418 ? 226 HOH A O   1 
HETATM 1305 O O   . HOH B 2 .   ? -17.45268 2.57287   -12.66385 1.000 25.28194 ? 227 HOH A O   1 
HETATM 1306 O O   . HOH B 2 .   ? 20.40443  1.35842   1.96124   1.000 37.70710 ? 228 HOH A O   1 
HETATM 1307 O O   . HOH B 2 .   ? 7.22560   11.23616  -0.18018  1.000 32.95735 ? 229 HOH A O   1 
HETATM 1308 O O   . HOH B 2 .   ? -2.74364  2.32991   -12.80589 1.000 32.39934 ? 230 HOH A O   1 
HETATM 1309 O O   . HOH B 2 .   ? -15.99113 5.34750   -6.32880  1.000 19.08168 ? 231 HOH A O   1 
HETATM 1310 O O   . HOH B 2 .   ? 5.24856   9.84535   -8.12339  1.000 31.65972 ? 232 HOH A O   1 
HETATM 1311 O O   . HOH B 2 .   ? 5.92416   -18.21661 7.02472   1.000 34.43922 ? 233 HOH A O   1 
HETATM 1312 O O   . HOH B 2 .   ? 18.50855  -10.61703 3.83117   1.000 22.58834 ? 234 HOH A O   1 
HETATM 1313 O O   . HOH B 2 .   ? 16.12553  4.81009   -1.78267  1.000 34.45512 ? 235 HOH A O   1 
HETATM 1314 O O   . HOH B 2 .   ? 14.39009  6.68122   16.73187  1.000 32.62267 ? 236 HOH A O   1 
HETATM 1315 O O   . HOH B 2 .   ? 22.10162  -2.03414  15.68088  1.000 25.49068 ? 237 HOH A O   1 
HETATM 1316 O O   . HOH B 2 .   ? 9.38075   -2.80577  -10.85659 1.000 24.59591 ? 238 HOH A O   1 
HETATM 1317 O O   . HOH B 2 .   ? -13.00029 0.89228   -16.13900 1.000 24.40125 ? 239 HOH A O   1 
HETATM 1318 O O   . HOH B 2 .   ? 1.05878   13.13347  2.71707   1.000 35.24675 ? 240 HOH A O   1 
HETATM 1319 O O   . HOH B 2 .   ? 1.90698   16.54146  -11.10254 1.000 24.65723 ? 241 HOH A O   1 
HETATM 1320 O O   . HOH B 2 .   ? 10.86426  -8.51636  10.61162  1.000 27.36304 ? 242 HOH A O   1 
HETATM 1321 O O   . HOH B 2 .   ? -20.04275 -3.60812  4.78874   1.000 35.13140 ? 243 HOH A O   1 
HETATM 1322 O O   . HOH B 2 .   ? -9.56163  -7.67184  6.07705   1.000 25.41586 ? 244 HOH A O   1 
HETATM 1323 O O   . HOH B 2 .   ? -1.38329  9.91430   5.55991   1.000 32.34211 ? 245 HOH A O   1 
HETATM 1324 O O   . HOH B 2 .   ? -2.03977  4.39451   -11.63468 1.000 28.93654 ? 246 HOH A O   1 
HETATM 1325 O O   . HOH B 2 .   ? 14.84992  -9.42621  12.88200  1.000 40.59030 ? 247 HOH A O   1 
HETATM 1326 O O   . HOH B 2 .   ? -16.69571 6.36545   -14.56245 1.000 37.45383 ? 248 HOH A O   1 
HETATM 1327 O O   . HOH B 2 .   ? 21.25657  -5.73945  7.72710   1.000 32.52985 ? 249 HOH A O   1 
HETATM 1328 O O   . HOH B 2 .   ? 16.61006  6.26594   5.36881   1.000 26.83307 ? 250 HOH A O   1 
HETATM 1329 O O   . HOH B 2 .   ? -1.53375  -16.19214 -8.05304  1.000 35.80919 ? 251 HOH A O   1 
HETATM 1330 O O   . HOH B 2 .   ? -12.47146 19.56537  -2.43403  1.000 30.84391 ? 252 HOH A O   1 
HETATM 1331 O O   . HOH B 2 .   ? 3.64236   -11.81297 -10.21893 1.000 28.17951 ? 253 HOH A O   1 
HETATM 1332 O O   . HOH B 2 .   ? -7.53169  12.64690  5.26164   1.000 30.07166 ? 254 HOH A O   1 
HETATM 1333 O O   . HOH B 2 .   ? 2.57564   -14.65436 4.72244   1.000 35.36932 ? 255 HOH A O   1 
HETATM 1334 O O   . HOH B 2 .   ? -6.62041  1.10171   9.83395   1.000 27.52878 ? 256 HOH A O   1 
HETATM 1335 O O   . HOH B 2 .   ? -15.07217 -7.02521  1.94855   1.000 29.73510 ? 257 HOH A O   1 
HETATM 1336 O O   . HOH B 2 .   ? -12.47754 10.74260  -8.90044  1.000 29.03753 ? 258 HOH A O   1 
HETATM 1337 O O   . HOH B 2 .   ? -18.29190 -12.16337 -7.41868  1.000 31.40473 ? 259 HOH A O   1 
HETATM 1338 O O   . HOH B 2 .   ? 21.60299  5.04146   7.51644   1.000 35.92885 ? 260 HOH A O   1 
HETATM 1339 O O   . HOH B 2 .   ? 2.58042   15.23815  -4.22623  1.000 33.95960 ? 261 HOH A O   1 
HETATM 1340 O O   . HOH B 2 .   ? 3.74938   -18.25732 6.22922   1.000 42.18178 ? 262 HOH A O   1 
HETATM 1341 O O   . HOH B 2 .   ? -8.03368  -0.75694  7.41134   1.000 27.65207 ? 263 HOH A O   1 
HETATM 1342 O O   . HOH B 2 .   ? -4.50833  -5.37174  10.85621  1.000 34.92647 ? 264 HOH A O   1 
HETATM 1343 O O   . HOH B 2 .   ? 15.69770  4.68471   18.05714  1.000 25.17533 ? 265 HOH A O   1 
HETATM 1344 O O   . HOH B 2 .   ? -1.77935  5.12090   11.65461  1.000 25.25808 ? 266 HOH A O   1 
HETATM 1345 O O   . HOH B 2 .   ? 5.97034   -11.24854 8.18826   1.000 26.34784 ? 267 HOH A O   1 
HETATM 1346 O O   . HOH B 2 .   ? 7.44758   -1.83110  9.77240   1.000 28.31731 ? 268 HOH A O   1 
HETATM 1347 O O   . HOH B 2 .   ? -10.61263 -13.34171 -7.28781  1.000 23.97348 ? 269 HOH A O   1 
HETATM 1348 O O   . HOH B 2 .   ? -7.57435  11.26442  -10.00945 1.000 34.53480 ? 270 HOH A O   1 
HETATM 1349 O O   . HOH B 2 .   ? -3.65688  20.93335  0.86623   1.000 35.93561 ? 271 HOH A O   1 
HETATM 1350 O O   . HOH B 2 .   ? 6.97722   -15.47776 -5.43472  1.000 39.11209 ? 272 HOH A O   1 
HETATM 1351 O O   . HOH B 2 .   ? -16.65630 -9.92628  -8.69592  1.000 32.46444 ? 273 HOH A O   1 
HETATM 1352 O O   . HOH B 2 .   ? 3.95056   -10.54256 12.40598  1.000 26.29001 ? 274 HOH A O   1 
HETATM 1353 O O   . HOH B 2 .   ? 9.71108   2.42641   -10.35775 1.000 21.44008 ? 275 HOH A O   1 
HETATM 1354 O O   . HOH B 2 .   ? -11.43704 4.95026   10.01598  1.000 35.81370 ? 276 HOH A O   1 
HETATM 1355 O O   . HOH B 2 .   ? 8.08673   -2.64595  12.53538  1.000 29.58572 ? 277 HOH A O   1 
HETATM 1356 O O   . HOH B 2 .   ? 12.86838  -9.71840  16.86987  1.000 42.98286 ? 278 HOH A O   1 
HETATM 1357 O O   . HOH B 2 .   ? 8.83035   6.29565   8.39988   1.000 33.15735 ? 279 HOH A O   1 
HETATM 1358 O O   . HOH B 2 .   ? -3.70389  8.88033   -11.97347 1.000 30.00523 ? 280 HOH A O   1 
HETATM 1359 O O   . HOH B 2 .   ? -3.86707  15.27320  -2.60003  1.000 31.27751 ? 281 HOH A O   1 
HETATM 1360 O O   . HOH B 2 .   ? 12.93187  3.03854   13.98381  1.000 30.22274 ? 282 HOH A O   1 
HETATM 1361 O O   . HOH B 2 .   ? -24.91509 -2.73231  -6.56725  1.000 34.35393 ? 283 HOH A O   1 
HETATM 1362 O O   . HOH B 2 .   ? 0.51226   -17.27355 -0.92606  1.000 41.75513 ? 284 HOH A O   1 
HETATM 1363 O O   . HOH B 2 .   ? -6.21346  5.51751   -13.53847 1.000 31.04196 ? 285 HOH A O   1 
HETATM 1364 O O   . HOH B 2 .   ? -12.58816 13.12379  0.49499   1.000 33.15936 ? 286 HOH A O   1 
HETATM 1365 O O   . HOH B 2 .   ? 11.32269  -12.45473 8.84112   1.000 33.49243 ? 287 HOH A O   1 
HETATM 1366 O O   . HOH B 2 .   ? -2.21098  -12.06785 6.26562   1.000 36.56074 ? 288 HOH A O   1 
HETATM 1367 O O   . HOH B 2 .   ? 10.05919  -0.00884  6.85919   1.000 30.34223 ? 289 HOH A O   1 
HETATM 1368 O O   . HOH B 2 .   ? 7.28727   8.25813   -3.33171  1.000 37.63603 ? 290 HOH A O   1 
HETATM 1369 O O   . HOH B 2 .   ? 7.52943   8.54876   8.41475   1.000 40.67246 ? 291 HOH A O   1 
HETATM 1370 O O   . HOH B 2 .   ? -7.98494  7.82410   -13.53743 1.000 27.27175 ? 292 HOH A O   1 
HETATM 1371 O O   . HOH B 2 .   ? 5.30323   -3.35913  13.12279  1.000 26.20775 ? 293 HOH A O   1 
HETATM 1372 O O   . HOH B 2 .   ? 13.27431  -8.07580  -6.68759  1.000 35.64404 ? 294 HOH A O   1 
HETATM 1373 O O   . HOH B 2 .   ? -19.47091 -8.60419  -9.03379  1.000 35.79405 ? 295 HOH A O   1 
HETATM 1374 O O   . HOH B 2 .   ? -0.66686  9.32305   -12.38528 1.000 32.15133 ? 296 HOH A O   1 
HETATM 1375 O O   . HOH B 2 .   ? 12.08917  -11.67179 -3.61006  1.000 39.12487 ? 297 HOH A O   1 
HETATM 1376 O O   . HOH B 2 .   ? -3.07775  13.01934  -1.23313  1.000 32.88062 ? 298 HOH A O   1 
HETATM 1377 O O   . HOH B 2 .   ? -12.70506 11.81287  -6.22961  1.000 28.97896 ? 299 HOH A O   1 
HETATM 1378 O O   . HOH B 2 .   ? 5.40077   13.30568  2.59377   1.000 39.12310 ? 300 HOH A O   1 
HETATM 1379 O O   . HOH B 2 .   ? -8.17683  6.14954   7.56646   1.000 32.92348 ? 301 HOH A O   1 
HETATM 1380 O O   . HOH B 2 .   ? 19.53362  -7.03003  16.53234  1.000 42.72376 ? 302 HOH A O   1 
HETATM 1381 O O   . HOH B 2 .   ? -9.33002  8.92365   8.47134   1.000 36.24899 ? 303 HOH A O   1 
HETATM 1382 O O   . HOH B 2 .   ? -4.17385  -17.01723 2.79740   1.000 36.95379 ? 304 HOH A O   1 
HETATM 1383 O O   . HOH B 2 .   ? -9.19519  16.91745  2.70005   1.000 41.81013 ? 305 HOH A O   1 
HETATM 1384 O O   . HOH B 2 .   ? -16.04777 -10.44746 -10.95471 1.000 39.54606 ? 306 HOH A O   1 
HETATM 1385 O O   . HOH B 2 .   ? -14.77079 8.17179   -18.45577 1.000 45.33380 ? 307 HOH A O   1 
HETATM 1386 O O   . HOH B 2 .   ? 4.44423   -10.37881 16.50663  1.000 40.03019 ? 308 HOH A O   1 
HETATM 1387 O O   . HOH B 2 .   ? 8.37800   4.27134   -8.65600  1.000 34.53015 ? 309 HOH A O   1 
HETATM 1388 O O   . HOH B 2 .   ? 13.18869  -2.91944  -11.37795 1.000 37.80285 ? 310 HOH A O   1 
HETATM 1389 O O   . HOH B 2 .   ? -20.46695 -6.26028  -1.50850  1.000 35.39829 ? 311 HOH A O   1 
HETATM 1390 O O   . HOH B 2 .   ? -4.01425  -7.95393  9.67814   1.000 38.09683 ? 312 HOH A O   1 
HETATM 1391 O O   . HOH B 2 .   ? -9.97321  8.31034   -15.97627 1.000 41.36652 ? 313 HOH A O   1 
HETATM 1392 O O   . HOH B 2 .   ? 21.92448  -2.27723  13.14318  1.000 32.53642 ? 314 HOH A O   1 
HETATM 1393 O O   . HOH B 2 .   ? 4.13638   -11.71158 9.73917   1.000 28.57268 ? 315 HOH A O   1 
HETATM 1394 O O   . HOH B 2 .   ? 18.90869  7.78822   4.36927   1.000 41.73565 ? 316 HOH A O   1 
HETATM 1395 O O   . HOH B 2 .   ? 3.83650   14.02862  -8.91862  1.000 34.66781 ? 317 HOH A O   1 
HETATM 1396 O O   . HOH B 2 .   ? -14.33603 -9.20680  5.12462   1.000 36.32196 ? 318 HOH A O   1 
HETATM 1397 O O   . HOH B 2 .   ? 13.90636  9.23855   11.78934  1.000 43.84253 ? 319 HOH A O   1 
HETATM 1398 O O   . HOH B 2 .   ? -16.95935 10.03470  1.87399   1.000 37.94417 ? 320 HOH A O   1 
HETATM 1399 O O   . HOH B 2 .   ? -22.90697 -4.23508  4.06152   1.000 43.12920 ? 321 HOH A O   1 
HETATM 1400 O O   . HOH B 2 .   ? -17.00734 -14.34824 -8.85142  1.000 38.54703 ? 322 HOH A O   1 
HETATM 1401 O O   . HOH B 2 .   ? -10.88349 2.42384   -17.23327 1.000 34.23982 ? 323 HOH A O   1 
HETATM 1402 O O   . HOH B 2 .   ? 10.67597  -4.74598  22.61242  1.000 43.05031 ? 324 HOH A O   1 
HETATM 1403 O O   . HOH B 2 .   ? 8.33970   -12.12648 9.40093   1.000 31.45827 ? 325 HOH A O   1 
HETATM 1404 O O   . HOH B 2 .   ? -6.76110  -8.49268  7.28795   1.000 36.13024 ? 326 HOH A O   1 
HETATM 1405 O O   . HOH B 2 .   ? -11.75849 -4.05430  -20.62656 1.000 44.00816 ? 327 HOH A O   1 
HETATM 1406 O O   . HOH B 2 .   ? -14.63521 11.97185  -3.95066  1.000 36.46074 ? 328 HOH A O   1 
HETATM 1407 O O   . HOH B 2 .   ? -0.69640  -13.64209 5.69912   1.000 36.85886 ? 329 HOH A O   1 
HETATM 1408 O O   . HOH B 2 .   ? -7.69276  15.92353  -12.97164 1.000 32.96412 ? 330 HOH A O   1 
HETATM 1409 O O   . HOH B 2 .   ? -13.91242 -7.31596  -14.43765 1.000 36.79366 ? 331 HOH A O   1 
HETATM 1410 O O   . HOH B 2 .   ? -3.43642  6.31911   -13.16907 1.000 30.97035 ? 332 HOH A O   1 
HETATM 1411 O O   . HOH B 2 .   ? 3.49903   -16.08331 -10.99581 1.000 45.37078 ? 333 HOH A O   1 
HETATM 1412 O O   . HOH B 2 .   ? 7.41520   8.40979   -6.85739  1.000 36.35809 ? 334 HOH A O   1 
HETATM 1413 O O   . HOH B 2 .   ? -0.88769  -15.90168 -10.28332 1.000 41.01208 ? 335 HOH A O   1 
HETATM 1414 O O   . HOH B 2 .   ? -9.00933  14.69634  4.52614   1.000 37.04542 ? 336 HOH A O   1 
HETATM 1415 O O   . HOH B 2 .   ? 6.93692   -18.20450 -6.28473  1.000 34.34671 ? 337 HOH A O   1 
HETATM 1416 O O   . HOH B 2 .   ? -6.44753  9.86636   -12.42363 1.000 35.64312 ? 338 HOH A O   1 
HETATM 1417 O O   . HOH B 2 .   ? 6.93406   4.30713   9.35603   1.000 39.74693 ? 339 HOH A O   1 
HETATM 1418 O O   . HOH B 2 .   ? 4.53483   10.80235  -14.50795 1.000 38.37663 ? 340 HOH A O   1 
HETATM 1419 O O   . HOH B 2 .   ? 9.32828   -10.54862 11.47131  1.000 32.66887 ? 341 HOH A O   1 
HETATM 1420 O O   . HOH B 2 .   ? -9.27734  10.94136  6.52635   1.000 34.71932 ? 342 HOH A O   1 
HETATM 1421 O O   . HOH B 2 .   ? -9.94288  11.86478  -9.71761  1.000 30.73077 ? 343 HOH A O   1 
HETATM 1422 O O   . HOH B 2 .   ? -10.29159 -5.41389  8.10947   1.000 34.69989 ? 344 HOH A O   1 
HETATM 1423 O O   . HOH B 2 .   ? -11.95501 11.30532  5.66221   1.000 39.07930 ? 345 HOH A O   1 
HETATM 1424 O O   . HOH B 2 .   ? 10.77938  5.02816   10.50789  1.000 38.73317 ? 346 HOH A O   1 
HETATM 1425 O O   . HOH B 2 .   ? 17.23626  0.97362   -10.92207 1.000 38.95946 ? 347 HOH A O   1 
HETATM 1426 O O   . HOH B 2 .   ? -6.70988  -4.44280  10.76300  1.000 39.43239 ? 348 HOH A O   1 
HETATM 1427 O O   . HOH B 2 .   ? -21.21919 -7.88078  -7.66948  1.000 35.37564 ? 349 HOH A O   1 
HETATM 1428 O O   . HOH B 2 .   ? 20.38888  -6.31249  -4.19594  1.000 40.26442 ? 350 HOH A O   1 
HETATM 1429 O O   . HOH B 2 .   ? 23.28103  7.25774   9.72307   1.000 41.11126 ? 351 HOH A O   1 
HETATM 1430 O O   . HOH B 2 .   ? 0.69992   11.02394  -14.57337 1.000 32.79744 ? 352 HOH A O   1 
HETATM 1431 O O   . HOH B 2 .   ? 12.12157  11.63182  10.04434  1.000 40.32951 ? 353 HOH A O   1 
HETATM 1432 O O   . HOH B 2 .   ? -22.59550 -9.98316  -6.80592  1.000 36.79841 ? 354 HOH A O   1 
HETATM 1433 O O   . HOH B 2 .   ? -15.22540 16.36339  -1.68026  1.000 47.33706 ? 355 HOH A O   1 
HETATM 1434 O O   . HOH B 2 .   ? 24.28614  -0.61427  7.00059   1.000 43.38016 ? 356 HOH A O   1 
# 
